data_8YQN
#
_entry.id   8YQN
#
_cell.length_a   1.00
_cell.length_b   1.00
_cell.length_c   1.00
_cell.angle_alpha   90.00
_cell.angle_beta   90.00
_cell.angle_gamma   90.00
#
_symmetry.space_group_name_H-M   'P 1'
#
loop_
_entity.id
_entity.type
_entity.pdbx_description
1 polymer 'Acetylcholine receptor subunit alpha'
2 polymer 'Acetylcholine receptor subunit delta'
3 polymer 'Acetylcholine receptor subunit beta'
4 polymer 'Acetylcholine receptor subunit gamma'
5 polymer 'Erabutoxin a'
6 branched alpha-D-mannopyranose-(1-2)-alpha-D-mannopyranose-(1-6)-[alpha-D-mannopyranose-(1-3)]alpha-D-mannopyranose-(1-6)-[alpha-D-mannopyranose-(1-2)-alpha-D-mannopyranose-(1-3)]beta-D-mannopyranose-(1-4)-2-acetamido-2-deoxy-beta-D-glucopyranose-(1-4)-2-acetamido-2-deoxy-beta-D-glucopyranose
7 branched beta-D-mannopyranose-(1-4)-2-acetamido-2-deoxy-beta-D-glucopyranose-(1-4)-2-acetamido-2-deoxy-beta-D-glucopyranose
8 branched alpha-D-mannopyranose-(1-6)-alpha-D-mannopyranose-(1-6)-2-acetamido-2-deoxy-beta-D-glucopyranose-(1-4)-2-acetamido-2-deoxy-beta-D-glucopyranose-(1-4)-2-acetamido-2-deoxy-beta-D-glucopyranose
9 non-polymer '(2S)-3-(hexadecanoyloxy)-2-[(9Z)-octadec-9-enoyloxy]propyl 2-(trimethylammonio)ethyl phosphate'
10 non-polymer 2-acetamido-2-deoxy-beta-D-glucopyranose
11 non-polymer N-OCTANE
12 non-polymer 'PALMITIC ACID'
#
loop_
_entity_poly.entity_id
_entity_poly.type
_entity_poly.pdbx_seq_one_letter_code
_entity_poly.pdbx_strand_id
1 'polypeptide(L)'
;SEHETRLVANLLENYNKVIRPVEHHTHFVDITVGLQLIQLISVDEVNQIVETNVRLRQQWIDVRLRWNPADYGGIKKIRL
PSDDVWLPDLVLYNNADGDFAIVHMTKLLLDYTGKIMWTPPAIFKSYCEIIVTHFPFDQQNCTMKLGIWTYDGTKVSISP
ESDRPDLSTFMESGEWVMKDYRGWKHWVYYTCCPDTPYLDITYHFIMQRIPLYFVVNVIIPCLLFSFLTGLVFYLPTDSG
EKMTLSISVLLSLTVFLLVIVELIPSTSSAVPLIGKYMLFTMIFVISSIIITVVVINTHHRSPSTHTMPQWVRKIFIDTI
PNVMFFSTMKRASKEKQENKIFADDIDISDISGKQVTGEVIFQTPLIKNPDVKSAIEGVKYIAEHMKSDEESSNAAEEWK
YVAMVIDHILLCVFMLICIIGTVSVFAGRLIELSQEG
;
A,D
2 'polypeptide(L)'
;VNEEERLINDLLIVNKYNKHVRPVKHNNEVVNIALSLTLSNLISLKETDETLTSNVWMDHAWYDHRLTWNASEYSDISIL
RLPPELVWIPDIVLQNNNDGQYHVAYFCNVLVRPNGYVTWLPPAIFRSSCPINVLYFPFDWQNCSLKFTALNYDANEITM
DLMTDTIDGKDYPIEWIIIDPEAFTENGEWEIIHKPAKKNIYPDKFPNGTNYQDVTFYLIIRRKPLFYVINFITPCVLIS
FLASLAFYLPAESGEKMSTAISVLLAQAVFLLLTSQRLPETALAVPLIGKYLMFIMSLVTGVIVNCGIVLNFHFRTPSTH
VLSTRVKQIFLEKLPRILHMSRADESEQPDWQNDLKLRRSSSVGYISKAQEYFNIKSRSELMFEKQSERHGLVPRVTPRI
GFGNNNENIAASDQLHDEIKSGIDSTNYIVKQIKEKNAYDEEVGNWNLVGQTIDRLSMFIITPVMVLGTIFIFVMGNFNH
PPAKPFEGDPFDYSSDHPRCA
;
B
3 'polypeptide(L)'
;SVMEDTLLSVLFETYNPKVRPAQTVGDKVTVRVGLTLTNLLILNEKIEEMTTNVFLNLAWTDYRLQWDPAAYEGIKDLRI
PSSDVWQPDIVLMNNNDGSFEITLHVNVLVQHTGAVSWQPSAIYRSSCTIKVMYFPFDWQNCTMVFKSYTYDTSEVTLQH
ALDAKGEREVKEIVINKDAFTENGQWSIEHKPSRKNWRSDDPSYEDVTFYLIIQRKPLFYIVYTIIPCILISILAILVFY
LPPDAGEKMSLSISALLAVTVFLLLLADKVPETSLSVPIIIRYLMFIMILVAFSVILSVVVLNLHHRSPNTHTMPNWIRQ
IFIETLPPFLWIQRPVTTPSPDSKPTIISRANDEYFIRKPAGDFVCPVDNARVAVQPERLFSEMKWHLNGLTQPVTLPQD
LKEAVEAIKYIAEQLESASEFDDLKKDWQYVAMVADRLFLYVFFVICSIGTFSIFLDASHNVPPDNPFA
;
C
4 'polypeptide(L)'
;ENEEGRLIEKLLGDYDKRIIPAKTLDHIIDVTLKLTLTNLISLNEKEEALTTNVWIEIQWNDYRLSWNTSEYEGIDLVRI
PSELLWLPDVVLENNVDGQFEVAYYANVLVYNDGSMYWLPPAIYRSTCPIAVTYFPFDWQNCSLVFRSQTYNAHEVNLQL
SAEEGEAVEWIHIDPEDFTENGEWTIRHRPAKKNYNWQLTKDDTDFQEIIFFLIIQRKPLFYIINIIAPCVLISSLVVLV
YFLPAQAGGQKCTLSISVLLAQTIFLFLIAQKVPETSLNVPLIGKYLIFVMFVSMLIVMNCVIVLNVSLRTPNTHSLSEK
IKHLFLGFLPKYLGMQLEPSEETPEKPQPRRRSSFGIMIKAEEYILKKPRSELMFEEQKDRHGLKRVNKMTSDIDIGTTV
DLYKDLANFAPEIKSCVEACNFIAKSTKEQNDSGSENENWVLIGKVIDKACFWIALLLFSIGTLAIFLTGHFNQVPEFPF
PGDPRKYVP
;
E
5 'polypeptide(L)' RICFNHQSSQPQTTKTCSPGESSCYNKQWSDFRGTIIERGCGCPTVKPGIKLSCCESEVCNN F,G
#
# COMPACT_ATOMS: atom_id res chain seq x y z
N SER A 1 -40.80 26.62 33.59
CA SER A 1 -41.40 27.93 33.43
C SER A 1 -40.40 28.93 32.84
N GLU A 2 -39.73 29.68 33.71
CA GLU A 2 -38.83 30.73 33.23
C GLU A 2 -37.66 30.99 34.17
N HIS A 3 -37.51 30.20 35.24
CA HIS A 3 -36.47 30.45 36.22
C HIS A 3 -35.06 30.23 35.66
N GLU A 4 -34.84 29.12 34.93
CA GLU A 4 -33.49 28.90 34.43
C GLU A 4 -33.15 29.80 33.25
N THR A 5 -34.15 30.29 32.54
CA THR A 5 -33.89 31.27 31.49
C THR A 5 -33.51 32.60 32.10
N ARG A 6 -34.21 33.00 33.17
CA ARG A 6 -33.85 34.24 33.85
C ARG A 6 -32.46 34.12 34.46
N LEU A 7 -32.11 32.92 34.95
CA LEU A 7 -30.80 32.74 35.57
C LEU A 7 -29.68 32.88 34.55
N VAL A 8 -29.80 32.22 33.40
CA VAL A 8 -28.71 32.34 32.43
C VAL A 8 -28.65 33.74 31.83
N ALA A 9 -29.80 34.42 31.73
CA ALA A 9 -29.78 35.79 31.22
C ALA A 9 -29.15 36.74 32.23
N ASN A 10 -29.32 36.50 33.52
CA ASN A 10 -28.71 37.36 34.52
C ASN A 10 -27.26 37.01 34.77
N LEU A 11 -26.82 35.80 34.41
CA LEU A 11 -25.42 35.45 34.59
C LEU A 11 -24.55 35.92 33.44
N LEU A 12 -25.06 35.96 32.21
CA LEU A 12 -24.21 36.35 31.09
C LEU A 12 -24.43 37.78 30.63
N GLU A 13 -25.20 38.57 31.37
CA GLU A 13 -25.52 39.93 30.94
C GLU A 13 -24.27 40.79 30.81
N ASN A 14 -23.54 40.98 31.90
CA ASN A 14 -22.35 41.83 31.93
C ASN A 14 -21.08 41.01 32.17
N TYR A 15 -20.98 39.87 31.50
CA TYR A 15 -19.84 38.97 31.64
C TYR A 15 -18.88 39.19 30.48
N ASN A 16 -17.59 39.07 30.75
CA ASN A 16 -16.56 39.19 29.71
C ASN A 16 -15.64 37.99 29.78
N LYS A 17 -15.74 37.11 28.79
CA LYS A 17 -14.99 35.87 28.70
C LYS A 17 -13.54 36.08 28.32
N VAL A 18 -13.06 37.32 28.34
CA VAL A 18 -11.67 37.61 27.98
C VAL A 18 -10.78 37.78 29.21
N ILE A 19 -11.35 38.05 30.37
CA ILE A 19 -10.59 38.32 31.59
C ILE A 19 -10.59 37.07 32.46
N ARG A 20 -9.45 36.80 33.10
CA ARG A 20 -9.34 35.65 33.98
C ARG A 20 -10.32 35.78 35.15
N PRO A 21 -10.77 34.65 35.70
CA PRO A 21 -11.63 34.69 36.89
C PRO A 21 -10.83 34.85 38.19
N VAL A 22 -10.48 36.09 38.47
CA VAL A 22 -9.74 36.45 39.68
C VAL A 22 -10.31 37.75 40.21
N GLU A 23 -10.23 37.94 41.52
CA GLU A 23 -10.72 39.16 42.13
C GLU A 23 -9.74 40.31 41.91
N HIS A 24 -8.44 40.02 42.01
CA HIS A 24 -7.39 40.98 41.79
C HIS A 24 -6.41 40.40 40.77
N HIS A 25 -5.82 41.26 39.95
CA HIS A 25 -4.96 40.77 38.88
C HIS A 25 -3.70 40.10 39.41
N THR A 26 -3.36 40.32 40.68
CA THR A 26 -2.15 39.73 41.24
C THR A 26 -2.35 38.29 41.66
N HIS A 27 -3.59 37.86 41.87
CA HIS A 27 -3.87 36.49 42.28
C HIS A 27 -3.90 35.58 41.05
N PHE A 28 -3.92 34.28 41.30
CA PHE A 28 -4.00 33.28 40.25
C PHE A 28 -5.27 32.46 40.39
N VAL A 29 -5.63 31.77 39.32
CA VAL A 29 -6.76 30.84 39.30
C VAL A 29 -6.19 29.42 39.27
N ASP A 30 -6.63 28.60 40.21
CA ASP A 30 -6.16 27.23 40.33
C ASP A 30 -7.06 26.29 39.52
N ILE A 31 -6.44 25.46 38.69
CA ILE A 31 -7.16 24.54 37.82
C ILE A 31 -6.70 23.12 38.10
N THR A 32 -7.64 22.26 38.49
CA THR A 32 -7.36 20.86 38.77
C THR A 32 -7.49 20.05 37.49
N VAL A 33 -6.39 19.48 37.02
CA VAL A 33 -6.35 18.78 35.75
C VAL A 33 -6.34 17.27 36.00
N GLY A 34 -7.03 16.54 35.15
CA GLY A 34 -7.04 15.08 35.23
C GLY A 34 -7.19 14.51 33.84
N LEU A 35 -6.62 13.33 33.64
CA LEU A 35 -6.64 12.67 32.34
C LEU A 35 -7.31 11.31 32.47
N GLN A 36 -8.28 11.04 31.59
CA GLN A 36 -8.93 9.75 31.49
C GLN A 36 -8.58 9.11 30.15
N LEU A 37 -7.82 8.02 30.17
CA LEU A 37 -7.52 7.28 28.96
C LEU A 37 -8.65 6.30 28.65
N ILE A 38 -9.12 6.32 27.41
CA ILE A 38 -10.27 5.54 26.98
C ILE A 38 -9.86 4.41 26.05
N GLN A 39 -9.04 4.71 25.04
CA GLN A 39 -8.50 3.67 24.19
C GLN A 39 -7.16 4.11 23.62
N LEU A 40 -6.26 3.13 23.47
CA LEU A 40 -5.00 3.32 22.75
C LEU A 40 -5.24 2.95 21.29
N ILE A 41 -5.21 3.94 20.40
CA ILE A 41 -5.61 3.69 19.03
C ILE A 41 -4.46 3.11 18.21
N SER A 42 -3.27 3.67 18.34
CA SER A 42 -2.17 3.18 17.51
C SER A 42 -0.81 3.62 18.05
N VAL A 43 0.22 2.96 17.59
CA VAL A 43 1.60 3.31 17.92
C VAL A 43 2.42 3.21 16.64
N ASP A 44 2.81 4.35 16.08
CA ASP A 44 3.68 4.42 14.91
C ASP A 44 5.13 4.40 15.36
N GLU A 45 5.81 3.28 15.15
CA GLU A 45 7.20 3.18 15.59
C GLU A 45 8.18 3.88 14.66
N VAL A 46 7.76 4.20 13.44
CA VAL A 46 8.65 4.85 12.47
C VAL A 46 8.60 6.35 12.67
N ASN A 47 7.42 6.93 12.64
CA ASN A 47 7.29 8.39 12.84
C ASN A 47 7.34 8.70 14.33
N GLN A 48 7.29 7.70 15.20
CA GLN A 48 7.43 7.90 16.65
C GLN A 48 6.23 8.64 17.25
N ILE A 49 5.02 8.16 16.94
CA ILE A 49 3.79 8.84 17.30
C ILE A 49 2.85 7.86 17.98
N VAL A 50 2.25 8.31 19.08
CA VAL A 50 1.24 7.50 19.82
C VAL A 50 -0.09 8.24 19.72
N GLU A 51 -1.16 7.55 19.37
CA GLU A 51 -2.50 8.12 19.19
C GLU A 51 -3.44 7.55 20.25
N THR A 52 -4.08 8.43 21.01
CA THR A 52 -4.95 8.03 22.12
C THR A 52 -6.26 8.79 22.09
N ASN A 53 -7.30 8.16 22.62
CA ASN A 53 -8.61 8.77 22.82
C ASN A 53 -8.76 9.06 24.31
N VAL A 54 -8.88 10.34 24.68
CA VAL A 54 -8.82 10.76 26.07
C VAL A 54 -9.97 11.72 26.39
N ARG A 55 -10.19 11.91 27.69
CA ARG A 55 -10.98 13.02 28.21
C ARG A 55 -10.11 13.86 29.13
N LEU A 56 -10.12 15.17 28.92
CA LEU A 56 -9.31 16.12 29.71
C LEU A 56 -10.20 16.79 30.75
N ARG A 57 -10.30 16.18 31.93
CA ARG A 57 -11.09 16.73 33.01
C ARG A 57 -10.44 17.99 33.57
N GLN A 58 -11.23 19.07 33.71
CA GLN A 58 -10.72 20.36 34.15
C GLN A 58 -11.69 21.00 35.13
N GLN A 59 -11.25 21.27 36.34
CA GLN A 59 -12.06 21.94 37.35
C GLN A 59 -11.42 23.26 37.76
N TRP A 60 -12.26 24.28 37.97
CA TRP A 60 -11.82 25.58 38.47
C TRP A 60 -13.05 26.36 38.91
N ILE A 61 -12.81 27.40 39.71
CA ILE A 61 -13.88 28.25 40.25
C ILE A 61 -13.91 29.58 39.50
N ASP A 62 -15.12 30.05 39.21
CA ASP A 62 -15.35 31.37 38.61
C ASP A 62 -16.27 32.13 39.56
N VAL A 63 -15.70 33.04 40.37
CA VAL A 63 -16.46 33.65 41.46
C VAL A 63 -17.46 34.68 41.02
N ARG A 64 -17.53 34.98 39.73
CA ARG A 64 -18.55 35.87 39.20
C ARG A 64 -19.74 35.12 38.62
N LEU A 65 -19.61 33.81 38.41
CA LEU A 65 -20.63 32.97 37.81
C LEU A 65 -21.55 32.31 38.84
N ARG A 66 -21.65 32.85 40.05
CA ARG A 66 -22.40 32.23 41.14
C ARG A 66 -23.75 32.91 41.36
N TRP A 67 -24.72 32.16 41.88
CA TRP A 67 -26.03 32.71 42.21
C TRP A 67 -26.53 32.14 43.54
N ASN A 68 -27.80 32.39 43.82
CA ASN A 68 -28.50 31.96 45.05
C ASN A 68 -29.76 31.19 44.68
N PRO A 69 -29.82 29.88 44.93
CA PRO A 69 -30.96 29.09 44.45
C PRO A 69 -32.33 29.58 44.93
N ALA A 70 -32.40 30.15 46.15
CA ALA A 70 -33.67 30.64 46.66
C ALA A 70 -34.29 31.69 45.75
N ASP A 71 -33.47 32.49 45.09
CA ASP A 71 -33.97 33.50 44.16
C ASP A 71 -34.13 32.96 42.75
N TYR A 72 -33.88 31.68 42.55
CA TYR A 72 -34.07 31.05 41.25
C TYR A 72 -34.66 29.66 41.42
N GLY A 73 -35.65 29.56 42.30
CA GLY A 73 -36.45 28.35 42.45
C GLY A 73 -35.71 27.09 42.85
N GLY A 74 -34.55 27.22 43.48
CA GLY A 74 -33.84 26.05 43.96
C GLY A 74 -32.84 25.43 43.02
N ILE A 75 -32.57 26.04 41.87
CA ILE A 75 -31.58 25.48 40.95
C ILE A 75 -30.21 25.49 41.61
N LYS A 76 -29.48 24.39 41.44
CA LYS A 76 -28.15 24.27 42.01
C LYS A 76 -27.11 23.89 40.99
N LYS A 77 -27.50 23.54 39.76
CA LYS A 77 -26.59 23.17 38.69
C LYS A 77 -27.23 23.57 37.37
N ILE A 78 -26.39 23.92 36.40
CA ILE A 78 -26.84 24.22 35.04
C ILE A 78 -25.77 23.73 34.06
N ARG A 79 -26.19 23.56 32.82
CA ARG A 79 -25.30 23.17 31.72
C ARG A 79 -25.16 24.33 30.74
N LEU A 80 -23.95 24.86 30.60
CA LEU A 80 -23.67 26.00 29.75
C LEU A 80 -22.72 25.59 28.63
N PRO A 81 -22.84 26.20 27.45
CA PRO A 81 -21.84 25.95 26.42
C PRO A 81 -20.48 26.46 26.89
N SER A 82 -19.44 25.91 26.31
CA SER A 82 -18.10 26.25 26.78
C SER A 82 -17.55 27.50 26.11
N ASP A 83 -18.14 27.92 24.99
CA ASP A 83 -17.72 29.12 24.31
C ASP A 83 -18.30 30.38 24.94
N ASP A 84 -19.13 30.25 25.97
CA ASP A 84 -19.74 31.40 26.61
C ASP A 84 -18.95 31.93 27.80
N VAL A 85 -18.00 31.15 28.33
CA VAL A 85 -17.27 31.52 29.53
C VAL A 85 -15.77 31.45 29.26
N TRP A 86 -15.01 32.02 30.18
CA TRP A 86 -13.56 31.95 30.12
C TRP A 86 -13.09 30.51 30.30
N LEU A 87 -12.15 30.09 29.47
CA LEU A 87 -11.59 28.75 29.58
C LEU A 87 -10.08 28.80 29.59
N PRO A 88 -9.42 27.83 30.22
CA PRO A 88 -7.96 27.77 30.17
C PRO A 88 -7.46 27.16 28.86
N ASP A 89 -6.37 27.74 28.35
CA ASP A 89 -5.75 27.26 27.11
C ASP A 89 -4.70 26.21 27.42
N LEU A 90 -5.17 24.99 27.70
CA LEU A 90 -4.30 23.85 27.89
C LEU A 90 -3.84 23.28 26.55
N VAL A 91 -2.53 23.15 26.37
CA VAL A 91 -1.93 22.69 25.12
C VAL A 91 -1.10 21.44 25.39
N LEU A 92 -1.09 20.53 24.44
CA LEU A 92 -0.21 19.36 24.46
C LEU A 92 1.13 19.78 23.87
N TYR A 93 2.15 19.94 24.73
CA TYR A 93 3.44 20.45 24.27
C TYR A 93 4.15 19.49 23.33
N ASN A 94 4.07 18.19 23.59
CA ASN A 94 4.74 17.19 22.77
C ASN A 94 3.87 16.67 21.63
N ASN A 95 2.96 17.51 21.11
CA ASN A 95 2.14 17.14 19.97
C ASN A 95 2.99 16.88 18.74
N ALA A 96 2.58 15.90 17.93
CA ALA A 96 3.33 15.54 16.74
C ALA A 96 2.68 16.09 15.46
N ASP A 97 1.46 15.64 15.13
CA ASP A 97 0.79 16.14 13.93
C ASP A 97 -0.72 16.22 14.11
N GLY A 98 -1.19 16.40 15.33
CA GLY A 98 -2.61 16.54 15.56
C GLY A 98 -2.97 17.94 16.03
N ASP A 99 -3.89 18.05 16.98
CA ASP A 99 -4.35 19.33 17.47
C ASP A 99 -3.65 19.66 18.78
N PHE A 100 -3.22 20.92 18.92
CA PHE A 100 -2.56 21.32 20.16
C PHE A 100 -3.57 21.49 21.30
N ALA A 101 -4.65 22.21 21.05
CA ALA A 101 -5.64 22.51 22.05
C ALA A 101 -6.89 21.65 21.86
N ILE A 102 -7.92 21.93 22.66
CA ILE A 102 -9.21 21.27 22.54
C ILE A 102 -10.00 21.90 21.40
N VAL A 103 -10.65 21.05 20.59
CA VAL A 103 -11.47 21.54 19.49
C VAL A 103 -12.94 21.13 19.63
N HIS A 104 -13.26 20.10 20.41
CA HIS A 104 -14.66 19.76 20.70
C HIS A 104 -15.13 20.64 21.84
N MET A 105 -15.88 21.68 21.51
CA MET A 105 -16.35 22.64 22.51
C MET A 105 -17.67 22.16 23.11
N THR A 106 -17.56 21.13 23.94
CA THR A 106 -18.69 20.52 24.62
C THR A 106 -19.15 21.38 25.81
N LYS A 107 -20.41 21.18 26.20
CA LYS A 107 -21.00 21.90 27.32
C LYS A 107 -20.31 21.51 28.64
N LEU A 108 -20.38 22.43 29.60
CA LEU A 108 -19.79 22.26 30.92
C LEU A 108 -20.83 22.41 32.02
N LEU A 109 -20.51 21.88 33.20
CA LEU A 109 -21.38 21.90 34.37
C LEU A 109 -20.98 23.05 35.31
N LEU A 110 -21.97 23.80 35.79
CA LEU A 110 -21.76 24.97 36.63
C LEU A 110 -22.61 24.88 37.88
N ASP A 111 -21.98 24.95 39.05
CA ASP A 111 -22.67 24.93 40.34
C ASP A 111 -22.95 26.34 40.81
N TYR A 112 -23.85 26.46 41.80
CA TYR A 112 -24.26 27.78 42.27
C TYR A 112 -23.16 28.50 43.01
N THR A 113 -22.10 27.79 43.43
CA THR A 113 -20.94 28.41 44.05
C THR A 113 -19.93 28.93 43.04
N GLY A 114 -20.18 28.73 41.74
CA GLY A 114 -19.21 29.07 40.71
C GLY A 114 -18.24 27.98 40.34
N LYS A 115 -18.31 26.81 40.97
CA LYS A 115 -17.41 25.72 40.63
C LYS A 115 -17.77 25.15 39.26
N ILE A 116 -16.76 25.00 38.40
CA ILE A 116 -16.97 24.55 37.03
C ILE A 116 -16.27 23.22 36.83
N MET A 117 -16.94 22.31 36.13
CA MET A 117 -16.37 21.02 35.72
C MET A 117 -16.57 20.88 34.23
N TRP A 118 -15.48 20.87 33.47
CA TRP A 118 -15.51 20.71 32.03
C TRP A 118 -14.68 19.50 31.64
N THR A 119 -15.23 18.63 30.80
CA THR A 119 -14.62 17.33 30.49
C THR A 119 -14.74 17.03 29.00
N PRO A 120 -13.99 17.72 28.16
CA PRO A 120 -14.14 17.54 26.71
C PRO A 120 -13.33 16.36 26.20
N PRO A 121 -13.75 15.74 25.09
CA PRO A 121 -12.95 14.67 24.49
C PRO A 121 -11.87 15.21 23.57
N ALA A 122 -10.89 14.34 23.28
CA ALA A 122 -9.76 14.74 22.46
C ALA A 122 -9.05 13.50 21.93
N ILE A 123 -8.55 13.60 20.70
CA ILE A 123 -7.61 12.65 20.13
C ILE A 123 -6.21 13.24 20.29
N PHE A 124 -5.38 12.64 21.13
CA PHE A 124 -4.00 13.10 21.34
C PHE A 124 -3.05 12.32 20.44
N LYS A 125 -2.30 13.02 19.61
CA LYS A 125 -1.19 12.45 18.85
C LYS A 125 0.10 13.03 19.42
N SER A 126 0.84 12.22 20.17
CA SER A 126 2.00 12.65 20.91
C SER A 126 3.29 12.16 20.26
N TYR A 127 4.37 12.91 20.44
CA TYR A 127 5.67 12.49 19.97
C TYR A 127 6.28 11.63 21.05
N CYS A 128 6.96 10.53 20.75
CA CYS A 128 7.50 9.62 21.79
C CYS A 128 8.82 9.00 21.32
N GLU A 129 9.86 9.02 22.13
CA GLU A 129 11.10 8.28 21.78
C GLU A 129 10.81 6.77 21.80
N ILE A 130 10.83 6.13 20.63
CA ILE A 130 10.56 4.71 20.49
C ILE A 130 11.89 3.96 20.44
N ILE A 131 12.08 3.00 21.33
CA ILE A 131 13.28 2.18 21.36
C ILE A 131 12.94 0.84 20.73
N VAL A 132 13.75 0.41 19.76
CA VAL A 132 13.46 -0.80 19.01
C VAL A 132 14.57 -1.84 19.18
N THR A 133 15.37 -1.71 20.24
CA THR A 133 16.48 -2.63 20.44
C THR A 133 16.01 -4.07 20.63
N HIS A 134 14.86 -4.26 21.27
CA HIS A 134 14.39 -5.59 21.65
C HIS A 134 13.13 -6.02 20.91
N PHE A 135 12.64 -5.21 19.98
CA PHE A 135 11.49 -5.53 19.13
C PHE A 135 11.60 -6.96 18.62
N PRO A 136 10.54 -7.78 18.73
CA PRO A 136 9.17 -7.48 19.13
C PRO A 136 8.87 -7.66 20.62
N PHE A 137 9.88 -7.76 21.48
CA PHE A 137 9.67 -7.94 22.91
C PHE A 137 10.08 -6.67 23.65
N ASP A 138 9.60 -5.52 23.17
CA ASP A 138 10.08 -4.23 23.63
C ASP A 138 9.06 -3.54 24.51
N GLN A 139 9.57 -2.76 25.46
CA GLN A 139 8.77 -1.97 26.38
C GLN A 139 8.96 -0.50 26.04
N GLN A 140 7.85 0.23 26.04
CA GLN A 140 7.90 1.66 25.66
C GLN A 140 7.43 2.53 26.81
N ASN A 141 8.04 3.70 27.02
CA ASN A 141 7.59 4.69 28.02
C ASN A 141 7.10 5.92 27.25
N CYS A 142 5.80 6.16 27.17
CA CYS A 142 5.31 7.25 26.31
C CYS A 142 4.61 8.33 27.12
N THR A 143 4.88 9.60 26.81
CA THR A 143 4.37 10.70 27.66
C THR A 143 3.42 11.66 26.97
N MET A 144 2.60 12.35 27.74
CA MET A 144 1.78 13.44 27.27
C MET A 144 2.09 14.66 28.15
N LYS A 145 2.72 15.69 27.58
CA LYS A 145 3.09 16.89 28.34
C LYS A 145 2.01 17.95 28.15
N LEU A 146 1.45 18.45 29.25
CA LEU A 146 0.38 19.43 29.21
C LEU A 146 0.74 20.69 30.00
N GLY A 147 0.32 21.84 29.49
CA GLY A 147 0.55 23.10 30.19
C GLY A 147 -0.30 24.21 29.61
N ILE A 148 -0.36 25.30 30.36
CA ILE A 148 -1.00 26.52 29.88
C ILE A 148 -0.01 27.25 28.96
N TRP A 149 -0.50 27.66 27.80
CA TRP A 149 0.38 28.12 26.73
C TRP A 149 0.81 29.58 26.92
N THR A 150 -0.12 30.47 27.24
CA THR A 150 0.16 31.91 27.25
C THR A 150 0.28 32.50 28.64
N TYR A 151 0.08 31.73 29.70
CA TYR A 151 0.13 32.24 31.07
C TYR A 151 1.22 31.51 31.85
N ASP A 152 1.78 32.21 32.84
CA ASP A 152 2.78 31.65 33.72
C ASP A 152 2.14 31.30 35.06
N GLY A 153 2.89 30.60 35.89
CA GLY A 153 2.38 30.07 37.14
C GLY A 153 1.94 31.10 38.17
N THR A 154 2.13 32.38 37.89
CA THR A 154 1.66 33.44 38.77
C THR A 154 0.27 33.94 38.38
N LYS A 155 -0.19 33.61 37.18
CA LYS A 155 -1.52 33.98 36.71
C LYS A 155 -2.48 32.80 36.67
N VAL A 156 -2.03 31.63 36.22
CA VAL A 156 -2.86 30.43 36.14
C VAL A 156 -2.05 29.26 36.64
N SER A 157 -2.46 28.69 37.77
CA SER A 157 -1.80 27.53 38.36
C SER A 157 -2.57 26.26 38.00
N ILE A 158 -1.83 25.17 37.78
CA ILE A 158 -2.43 23.87 37.51
C ILE A 158 -1.92 22.87 38.55
N SER A 159 -2.75 21.86 38.85
CA SER A 159 -2.44 20.82 39.84
C SER A 159 -3.14 19.52 39.45
N PRO A 160 -2.44 18.39 39.49
CA PRO A 160 -3.07 17.13 39.08
C PRO A 160 -4.16 16.69 40.06
N GLU A 161 -5.18 16.04 39.52
CA GLU A 161 -6.33 15.62 40.32
C GLU A 161 -6.04 14.35 41.10
N SER A 162 -5.12 13.52 40.60
CA SER A 162 -4.73 12.31 41.28
C SER A 162 -3.31 11.98 40.85
N ASP A 163 -2.66 11.08 41.60
CA ASP A 163 -1.25 10.72 41.29
C ASP A 163 -1.18 9.87 40.01
N ARG A 164 -2.23 9.11 39.70
CA ARG A 164 -2.19 8.21 38.53
C ARG A 164 -3.32 8.50 37.55
N PRO A 165 -3.10 8.37 36.22
CA PRO A 165 -4.18 8.56 35.25
C PRO A 165 -5.40 7.67 35.52
N ASP A 166 -6.54 8.04 34.96
CA ASP A 166 -7.78 7.29 35.17
C ASP A 166 -7.97 6.30 34.05
N LEU A 167 -7.83 5.01 34.33
CA LEU A 167 -8.02 3.95 33.35
C LEU A 167 -9.17 3.02 33.74
N SER A 168 -10.24 3.57 34.30
CA SER A 168 -11.36 2.74 34.73
C SER A 168 -12.23 2.28 33.56
N THR A 169 -12.31 3.06 32.49
CA THR A 169 -13.09 2.71 31.31
C THR A 169 -12.20 2.39 30.11
N PHE A 170 -11.03 1.82 30.37
CA PHE A 170 -10.04 1.58 29.33
C PHE A 170 -10.36 0.32 28.53
N MET A 171 -10.43 0.48 27.21
CA MET A 171 -10.67 -0.64 26.30
C MET A 171 -9.37 -1.40 26.06
N GLU A 172 -9.36 -2.69 26.39
CA GLU A 172 -8.18 -3.52 26.17
C GLU A 172 -7.71 -3.40 24.73
N SER A 173 -6.41 -3.55 24.53
CA SER A 173 -5.80 -3.16 23.24
C SER A 173 -5.79 -4.29 22.22
N GLY A 174 -5.05 -5.36 22.49
CA GLY A 174 -4.79 -6.38 21.51
C GLY A 174 -3.35 -6.46 21.07
N GLU A 175 -2.60 -5.36 21.21
CA GLU A 175 -1.18 -5.33 20.90
C GLU A 175 -0.30 -4.85 22.04
N TRP A 176 -0.87 -4.25 23.08
CA TRP A 176 -0.09 -3.63 24.14
C TRP A 176 -0.74 -3.93 25.49
N VAL A 177 0.09 -4.02 26.52
CA VAL A 177 -0.33 -4.25 27.89
C VAL A 177 0.13 -3.07 28.73
N MET A 178 -0.78 -2.50 29.52
CA MET A 178 -0.47 -1.37 30.39
C MET A 178 0.16 -1.91 31.67
N LYS A 179 1.44 -1.56 31.90
CA LYS A 179 2.13 -2.02 33.09
C LYS A 179 2.04 -1.01 34.23
N ASP A 180 2.39 0.24 33.96
CA ASP A 180 2.33 1.28 34.98
C ASP A 180 2.01 2.62 34.33
N TYR A 181 1.49 3.54 35.13
CA TYR A 181 1.14 4.88 34.68
C TYR A 181 1.11 5.82 35.87
N ARG A 182 1.64 7.03 35.69
CA ARG A 182 1.75 8.00 36.77
C ARG A 182 1.92 9.41 36.20
N GLY A 183 1.42 10.40 36.92
CA GLY A 183 1.55 11.80 36.53
C GLY A 183 2.35 12.62 37.52
N TRP A 184 3.21 13.51 37.01
CA TRP A 184 4.09 14.35 37.82
C TRP A 184 3.97 15.83 37.41
N LYS A 185 3.93 16.72 38.40
CA LYS A 185 3.91 18.16 38.18
C LYS A 185 5.29 18.77 38.39
N HIS A 186 5.67 19.70 37.51
CA HIS A 186 7.01 20.30 37.51
C HIS A 186 6.95 21.82 37.61
N TRP A 187 7.95 22.37 38.29
CA TRP A 187 8.21 23.81 38.40
C TRP A 187 9.53 24.12 37.71
N VAL A 188 9.50 25.09 36.80
CA VAL A 188 10.68 25.47 36.02
C VAL A 188 10.92 26.97 36.17
N TYR A 189 12.14 27.33 36.58
CA TYR A 189 12.54 28.72 36.72
C TYR A 189 13.63 29.08 35.71
N TYR A 190 13.59 30.32 35.25
CA TYR A 190 14.55 30.85 34.30
C TYR A 190 15.42 31.91 34.96
N THR A 191 16.63 32.11 34.43
CA THR A 191 17.57 33.03 35.06
C THR A 191 17.16 34.47 34.84
N CYS A 192 16.46 34.75 33.74
CA CYS A 192 16.03 36.11 33.43
C CYS A 192 14.96 36.60 34.39
N CYS A 193 14.12 35.71 34.92
CA CYS A 193 13.01 36.09 35.79
C CYS A 193 13.09 35.26 37.08
N PRO A 194 13.73 35.79 38.11
CA PRO A 194 13.93 35.00 39.36
C PRO A 194 12.70 34.33 39.94
N ASP A 195 11.58 35.04 40.11
CA ASP A 195 10.47 34.40 40.80
C ASP A 195 9.22 34.23 39.94
N THR A 196 9.39 33.70 38.73
CA THR A 196 8.27 33.38 37.86
C THR A 196 8.34 31.90 37.49
N PRO A 197 7.44 31.07 38.00
CA PRO A 197 7.50 29.63 37.68
C PRO A 197 6.61 29.25 36.51
N TYR A 198 7.09 28.28 35.74
CA TYR A 198 6.36 27.72 34.62
C TYR A 198 6.02 26.28 34.93
N LEU A 199 4.73 25.95 34.87
CA LEU A 199 4.21 24.69 35.36
C LEU A 199 3.80 23.77 34.22
N ASP A 200 3.86 22.46 34.46
CA ASP A 200 3.42 21.46 33.51
C ASP A 200 3.18 20.13 34.23
N ILE A 201 2.10 19.45 33.87
CA ILE A 201 1.84 18.08 34.32
C ILE A 201 2.18 17.12 33.20
N THR A 202 2.96 16.08 33.52
CA THR A 202 3.40 15.09 32.55
C THR A 202 2.92 13.70 32.99
N TYR A 203 2.05 13.12 32.19
CA TYR A 203 1.55 11.74 32.39
C TYR A 203 2.37 10.80 31.53
N HIS A 204 2.72 9.65 32.09
CA HIS A 204 3.53 8.65 31.39
C HIS A 204 2.82 7.30 31.47
N PHE A 205 3.06 6.45 30.47
CA PHE A 205 2.41 5.14 30.37
C PHE A 205 3.47 4.15 29.93
N ILE A 206 3.69 3.10 30.69
CA ILE A 206 4.66 2.04 30.40
C ILE A 206 3.93 0.88 29.75
N MET A 207 4.24 0.63 28.47
CA MET A 207 3.50 -0.29 27.63
C MET A 207 4.38 -1.44 27.17
N GLN A 208 3.92 -2.67 27.40
CA GLN A 208 4.61 -3.87 26.96
C GLN A 208 3.88 -4.45 25.76
N ARG A 209 4.64 -4.88 24.76
CA ARG A 209 4.06 -5.38 23.53
C ARG A 209 3.76 -6.88 23.64
N ILE A 210 2.64 -7.28 23.05
CA ILE A 210 2.25 -8.70 22.99
C ILE A 210 2.91 -9.31 21.74
N PRO A 211 3.91 -10.16 21.89
CA PRO A 211 4.69 -10.68 20.74
C PRO A 211 4.19 -12.02 20.18
N LEU A 212 3.07 -12.00 19.48
CA LEU A 212 2.55 -13.21 18.86
C LEU A 212 2.43 -13.08 17.36
N TYR A 213 1.82 -11.98 16.88
CA TYR A 213 1.74 -11.70 15.46
C TYR A 213 3.12 -11.75 14.80
N PHE A 214 4.15 -11.27 15.51
CA PHE A 214 5.48 -11.19 14.95
C PHE A 214 6.29 -12.45 15.19
N VAL A 215 5.87 -13.29 16.13
CA VAL A 215 6.49 -14.60 16.28
C VAL A 215 5.98 -15.53 15.19
N VAL A 216 4.68 -15.51 14.92
CA VAL A 216 4.14 -16.42 13.92
C VAL A 216 4.40 -15.93 12.51
N ASN A 217 4.53 -14.62 12.29
CA ASN A 217 4.67 -14.14 10.92
C ASN A 217 6.11 -13.90 10.48
N VAL A 218 7.08 -13.82 11.38
CA VAL A 218 8.43 -13.48 10.93
C VAL A 218 9.48 -14.44 11.48
N ILE A 219 9.22 -15.06 12.63
CA ILE A 219 10.25 -15.82 13.32
C ILE A 219 10.22 -17.29 12.93
N ILE A 220 9.04 -17.91 13.01
CA ILE A 220 8.91 -19.33 12.66
C ILE A 220 9.44 -19.62 11.26
N PRO A 221 9.11 -18.84 10.22
CA PRO A 221 9.74 -19.10 8.91
C PRO A 221 11.26 -19.04 8.93
N CYS A 222 11.86 -18.12 9.69
CA CYS A 222 13.31 -18.06 9.78
C CYS A 222 13.87 -19.31 10.45
N LEU A 223 13.20 -19.81 11.49
CA LEU A 223 13.61 -21.08 12.10
C LEU A 223 13.58 -22.22 11.08
N LEU A 224 12.48 -22.30 10.33
CA LEU A 224 12.34 -23.32 9.30
C LEU A 224 13.48 -23.24 8.29
N PHE A 225 13.77 -22.03 7.80
CA PHE A 225 14.81 -21.87 6.80
C PHE A 225 16.19 -22.23 7.35
N SER A 226 16.44 -21.97 8.65
CA SER A 226 17.73 -22.36 9.21
C SER A 226 17.87 -23.88 9.29
N PHE A 227 16.80 -24.57 9.70
CA PHE A 227 16.86 -26.03 9.74
C PHE A 227 17.09 -26.61 8.34
N LEU A 228 16.42 -26.03 7.34
CA LEU A 228 16.64 -26.49 5.97
C LEU A 228 18.07 -26.20 5.52
N THR A 229 18.60 -25.03 5.88
CA THR A 229 19.98 -24.68 5.56
C THR A 229 20.94 -25.72 6.12
N GLY A 230 20.56 -26.37 7.22
CA GLY A 230 21.42 -27.42 7.73
C GLY A 230 21.24 -28.75 7.04
N LEU A 231 20.05 -29.00 6.48
CA LEU A 231 19.79 -30.31 5.88
C LEU A 231 20.67 -30.63 4.67
N VAL A 232 21.04 -29.63 3.88
CA VAL A 232 21.77 -29.82 2.62
C VAL A 232 23.02 -30.69 2.75
N PHE A 233 23.59 -30.79 3.94
CA PHE A 233 24.84 -31.51 4.10
C PHE A 233 24.68 -33.02 4.25
N TYR A 234 23.45 -33.53 4.26
CA TYR A 234 23.22 -34.96 4.24
C TYR A 234 22.84 -35.48 2.86
N LEU A 235 22.85 -34.60 1.85
CA LEU A 235 22.45 -34.95 0.50
C LEU A 235 23.68 -35.29 -0.31
N PRO A 236 23.76 -36.48 -0.91
CA PRO A 236 24.99 -36.85 -1.61
C PRO A 236 25.13 -36.12 -2.94
N THR A 237 26.39 -35.84 -3.27
CA THR A 237 26.72 -35.12 -4.50
C THR A 237 26.44 -35.93 -5.75
N ASP A 238 26.36 -37.26 -5.65
CA ASP A 238 26.05 -38.09 -6.81
C ASP A 238 24.77 -37.62 -7.48
N SER A 239 23.72 -37.38 -6.68
CA SER A 239 22.55 -36.71 -7.19
C SER A 239 22.93 -35.27 -7.54
N GLY A 240 22.39 -34.75 -8.62
CA GLY A 240 22.70 -33.38 -8.94
C GLY A 240 21.69 -32.40 -8.41
N GLU A 241 21.59 -32.26 -7.09
CA GLU A 241 20.57 -31.40 -6.52
C GLU A 241 21.03 -30.62 -5.28
N LYS A 242 22.33 -30.65 -4.94
CA LYS A 242 22.79 -29.89 -3.78
C LYS A 242 22.66 -28.40 -4.00
N MET A 243 23.06 -27.93 -5.18
CA MET A 243 22.94 -26.51 -5.48
C MET A 243 21.48 -26.12 -5.66
N THR A 244 20.69 -26.96 -6.31
CA THR A 244 19.25 -26.71 -6.38
C THR A 244 18.67 -26.47 -5.00
N LEU A 245 18.95 -27.37 -4.05
CA LEU A 245 18.41 -27.26 -2.71
C LEU A 245 18.91 -25.99 -2.00
N SER A 246 20.22 -25.82 -1.89
CA SER A 246 20.79 -24.64 -1.25
C SER A 246 20.24 -23.33 -1.82
N ILE A 247 20.32 -23.18 -3.15
CA ILE A 247 19.93 -21.92 -3.77
C ILE A 247 18.43 -21.71 -3.69
N SER A 248 17.64 -22.79 -3.63
CA SER A 248 16.20 -22.61 -3.47
C SER A 248 15.85 -22.18 -2.06
N VAL A 249 16.58 -22.67 -1.05
CA VAL A 249 16.42 -22.15 0.30
C VAL A 249 16.75 -20.65 0.32
N LEU A 250 17.83 -20.27 -0.35
CA LEU A 250 18.19 -18.85 -0.41
C LEU A 250 17.12 -18.02 -1.12
N LEU A 251 16.56 -18.55 -2.21
CA LEU A 251 15.49 -17.85 -2.91
C LEU A 251 14.26 -17.67 -2.05
N SER A 252 13.87 -18.72 -1.31
CA SER A 252 12.75 -18.59 -0.40
C SER A 252 13.01 -17.53 0.66
N LEU A 253 14.23 -17.47 1.18
CA LEU A 253 14.54 -16.44 2.17
C LEU A 253 14.52 -15.04 1.58
N THR A 254 14.97 -14.91 0.33
CA THR A 254 14.92 -13.61 -0.34
C THR A 254 13.48 -13.19 -0.62
N VAL A 255 12.60 -14.13 -0.93
CA VAL A 255 11.20 -13.80 -1.12
C VAL A 255 10.50 -13.53 0.21
N PHE A 256 11.02 -14.06 1.30
CA PHE A 256 10.49 -13.75 2.63
C PHE A 256 10.91 -12.38 3.09
N LEU A 257 12.09 -11.93 2.66
CA LEU A 257 12.51 -10.55 2.86
C LEU A 257 11.40 -9.57 2.50
N LEU A 258 10.57 -9.90 1.50
CA LEU A 258 9.47 -9.01 1.13
C LEU A 258 8.44 -8.90 2.27
N VAL A 259 8.25 -9.98 3.02
CA VAL A 259 7.31 -9.95 4.13
C VAL A 259 7.94 -9.23 5.32
N ILE A 260 9.25 -9.42 5.50
CA ILE A 260 9.94 -8.72 6.57
C ILE A 260 9.88 -7.22 6.35
N VAL A 261 10.11 -6.79 5.10
CA VAL A 261 10.13 -5.37 4.80
C VAL A 261 8.72 -4.80 4.90
N GLU A 262 7.70 -5.59 4.54
CA GLU A 262 6.33 -5.12 4.68
C GLU A 262 5.90 -5.00 6.15
N LEU A 263 6.39 -5.86 7.04
CA LEU A 263 5.89 -5.88 8.42
C LEU A 263 6.75 -5.13 9.43
N ILE A 264 8.07 -5.28 9.39
CA ILE A 264 8.98 -4.70 10.38
C ILE A 264 9.01 -3.18 10.24
N PRO A 265 9.30 -2.42 11.31
CA PRO A 265 9.44 -0.96 11.17
C PRO A 265 10.75 -0.55 10.52
N SER A 266 10.65 0.29 9.50
CA SER A 266 11.81 0.75 8.73
C SER A 266 12.44 2.01 9.34
N THR A 267 12.89 1.88 10.58
CA THR A 267 13.57 2.94 11.28
C THR A 267 15.07 2.64 11.39
N SER A 268 15.88 3.69 11.56
CA SER A 268 17.33 3.54 11.63
C SER A 268 17.89 3.98 12.98
N SER A 269 17.08 3.92 14.04
CA SER A 269 17.59 4.27 15.36
C SER A 269 18.55 3.19 15.87
N ALA A 270 18.25 1.93 15.58
CA ALA A 270 19.07 0.79 15.98
C ALA A 270 18.62 -0.40 15.15
N VAL A 271 19.40 -1.48 15.22
CA VAL A 271 19.05 -2.74 14.59
C VAL A 271 18.18 -3.53 15.57
N PRO A 272 16.97 -3.90 15.22
CA PRO A 272 16.15 -4.70 16.13
C PRO A 272 16.69 -6.11 16.27
N LEU A 273 16.12 -6.82 17.23
CA LEU A 273 16.52 -8.20 17.48
C LEU A 273 16.05 -9.10 16.35
N ILE A 274 14.85 -8.83 15.83
CA ILE A 274 14.29 -9.60 14.74
C ILE A 274 15.15 -9.42 13.48
N GLY A 275 15.77 -8.25 13.33
CA GLY A 275 16.60 -7.96 12.18
C GLY A 275 17.97 -8.58 12.33
N LYS A 276 18.49 -8.59 13.56
CA LYS A 276 19.72 -9.35 13.81
C LYS A 276 19.51 -10.82 13.48
N TYR A 277 18.33 -11.36 13.80
CA TYR A 277 18.08 -12.76 13.52
C TYR A 277 17.95 -13.03 12.01
N MET A 278 17.28 -12.14 11.29
CA MET A 278 17.12 -12.26 9.83
C MET A 278 18.50 -12.25 9.18
N LEU A 279 19.39 -11.42 9.69
CA LEU A 279 20.69 -11.31 9.04
C LEU A 279 21.60 -12.45 9.42
N PHE A 280 21.44 -13.00 10.63
CA PHE A 280 22.17 -14.22 10.97
C PHE A 280 21.76 -15.34 10.04
N THR A 281 20.46 -15.50 9.80
CA THR A 281 19.98 -16.53 8.88
C THR A 281 20.54 -16.33 7.47
N MET A 282 20.55 -15.09 6.98
CA MET A 282 21.10 -14.81 5.65
C MET A 282 22.56 -15.26 5.53
N ILE A 283 23.42 -14.85 6.48
CA ILE A 283 24.82 -15.25 6.35
C ILE A 283 24.99 -16.75 6.58
N PHE A 284 24.10 -17.36 7.35
CA PHE A 284 24.15 -18.81 7.55
C PHE A 284 23.90 -19.55 6.24
N VAL A 285 22.85 -19.15 5.52
CA VAL A 285 22.54 -19.74 4.22
C VAL A 285 23.69 -19.55 3.24
N ILE A 286 24.21 -18.32 3.14
CA ILE A 286 25.24 -18.04 2.16
C ILE A 286 26.52 -18.82 2.44
N SER A 287 26.86 -18.98 3.72
CA SER A 287 28.02 -19.80 4.07
C SER A 287 27.80 -21.26 3.69
N SER A 288 26.59 -21.77 3.90
CA SER A 288 26.28 -23.13 3.47
C SER A 288 26.48 -23.29 1.97
N ILE A 289 26.04 -22.30 1.18
CA ILE A 289 26.19 -22.40 -0.27
C ILE A 289 27.66 -22.41 -0.69
N ILE A 290 28.47 -21.54 -0.10
CA ILE A 290 29.89 -21.49 -0.45
C ILE A 290 30.55 -22.83 -0.13
N ILE A 291 30.28 -23.36 1.06
CA ILE A 291 30.92 -24.60 1.46
C ILE A 291 30.40 -25.77 0.62
N THR A 292 29.16 -25.69 0.15
CA THR A 292 28.66 -26.71 -0.76
C THR A 292 29.41 -26.68 -2.08
N VAL A 293 29.77 -25.49 -2.56
CA VAL A 293 30.49 -25.44 -3.82
C VAL A 293 31.90 -26.00 -3.64
N VAL A 294 32.46 -25.83 -2.44
CA VAL A 294 33.79 -26.40 -2.23
C VAL A 294 33.73 -27.92 -2.09
N VAL A 295 32.65 -28.45 -1.50
CA VAL A 295 32.48 -29.89 -1.41
C VAL A 295 32.31 -30.51 -2.80
N ILE A 296 31.46 -29.89 -3.63
CA ILE A 296 31.23 -30.41 -4.97
C ILE A 296 32.53 -30.40 -5.77
N ASN A 297 33.30 -29.33 -5.64
CA ASN A 297 34.57 -29.25 -6.36
C ASN A 297 35.54 -30.31 -5.86
N THR A 298 35.56 -30.58 -4.55
CA THR A 298 36.43 -31.63 -4.04
C THR A 298 35.99 -33.02 -4.49
N HIS A 299 34.70 -33.20 -4.75
CA HIS A 299 34.24 -34.50 -5.23
C HIS A 299 34.60 -34.73 -6.69
N HIS A 300 34.42 -33.81 -7.64
CA HIS A 300 34.67 -34.13 -9.08
C HIS A 300 36.13 -33.93 -9.46
N ARG A 301 37.05 -34.09 -8.54
CA ARG A 301 38.46 -33.78 -8.68
C ARG A 301 39.13 -34.91 -9.46
N SER A 302 39.76 -34.56 -10.58
CA SER A 302 40.34 -35.56 -11.47
C SER A 302 41.76 -35.90 -11.03
N PRO A 303 42.06 -37.16 -10.73
CA PRO A 303 43.46 -37.55 -10.46
C PRO A 303 44.46 -37.13 -11.53
N SER A 304 44.02 -37.01 -12.78
CA SER A 304 44.92 -36.61 -13.86
C SER A 304 45.59 -35.26 -13.61
N THR A 305 45.00 -34.42 -12.77
CA THR A 305 45.51 -33.08 -12.51
C THR A 305 45.83 -32.81 -11.05
N HIS A 306 45.18 -33.49 -10.12
CA HIS A 306 45.37 -33.23 -8.69
C HIS A 306 45.73 -34.52 -7.98
N THR A 307 46.85 -34.51 -7.26
CA THR A 307 47.29 -35.64 -6.47
C THR A 307 46.96 -35.35 -5.00
N MET A 308 46.35 -36.32 -4.34
CA MET A 308 45.93 -36.12 -2.95
C MET A 308 47.16 -35.91 -2.07
N PRO A 309 47.23 -34.83 -1.31
CA PRO A 309 48.38 -34.61 -0.42
C PRO A 309 48.35 -35.49 0.82
N GLN A 310 49.52 -35.57 1.45
CA GLN A 310 49.72 -36.48 2.58
C GLN A 310 48.91 -36.03 3.79
N TRP A 311 48.77 -34.72 4.00
CA TRP A 311 48.02 -34.29 5.18
C TRP A 311 46.55 -34.60 5.00
N VAL A 312 46.01 -34.39 3.79
CA VAL A 312 44.61 -34.68 3.53
C VAL A 312 44.34 -36.17 3.65
N ARG A 313 45.26 -37.02 3.16
CA ARG A 313 45.05 -38.48 3.19
C ARG A 313 45.17 -38.99 4.63
N LYS A 314 45.86 -38.23 5.49
CA LYS A 314 46.08 -38.65 6.89
C LYS A 314 44.89 -38.22 7.73
N ILE A 315 44.50 -36.96 7.61
CA ILE A 315 43.38 -36.45 8.40
C ILE A 315 42.03 -37.02 7.95
N PHE A 316 41.75 -37.03 6.65
CA PHE A 316 40.40 -37.39 6.21
C PHE A 316 40.27 -38.85 5.77
N ILE A 317 41.23 -39.71 6.11
CA ILE A 317 41.05 -41.12 5.77
C ILE A 317 41.41 -42.01 6.95
N ASP A 318 42.37 -41.57 7.77
CA ASP A 318 42.87 -42.42 8.85
C ASP A 318 42.65 -41.86 10.25
N THR A 319 41.86 -40.80 10.42
CA THR A 319 41.69 -40.24 11.76
C THR A 319 40.22 -40.00 12.08
N ILE A 320 39.59 -39.07 11.36
CA ILE A 320 38.19 -38.76 11.62
C ILE A 320 37.28 -39.97 11.42
N PRO A 321 37.36 -40.72 10.29
CA PRO A 321 36.56 -41.94 10.15
C PRO A 321 36.49 -42.76 11.43
N ASN A 322 37.66 -42.96 12.06
CA ASN A 322 37.71 -43.70 13.31
C ASN A 322 37.09 -42.91 14.45
N VAL A 323 37.41 -41.62 14.56
CA VAL A 323 36.86 -40.80 15.64
C VAL A 323 35.34 -40.76 15.55
N MET A 324 34.80 -40.60 14.35
CA MET A 324 33.35 -40.59 14.13
C MET A 324 32.71 -41.80 14.79
N PHE A 325 31.84 -41.54 15.77
CA PHE A 325 31.17 -42.62 16.49
C PHE A 325 29.77 -42.89 15.93
N PHE A 326 28.92 -41.87 15.95
CA PHE A 326 27.56 -41.91 15.41
C PHE A 326 27.61 -42.04 13.89
N SER A 327 27.83 -43.27 13.43
CA SER A 327 27.99 -43.48 11.99
C SER A 327 27.85 -44.96 11.67
N THR A 328 28.01 -45.28 10.39
CA THR A 328 27.92 -46.64 9.89
C THR A 328 28.84 -46.79 8.68
N MET A 329 29.62 -45.73 8.41
CA MET A 329 30.50 -45.70 7.22
C MET A 329 31.64 -46.73 7.32
N LYS A 330 32.18 -47.13 6.16
CA LYS A 330 33.27 -48.12 6.11
C LYS A 330 34.43 -47.67 6.99
N ARG A 331 35.10 -48.63 7.66
CA ARG A 331 36.31 -48.29 8.45
C ARG A 331 36.13 -46.90 9.08
N ASN A 369 49.53 -66.11 -39.52
CA ASN A 369 50.66 -65.60 -38.74
C ASN A 369 50.63 -64.06 -38.61
N PRO A 370 50.54 -63.33 -39.73
CA PRO A 370 50.45 -61.86 -39.61
C PRO A 370 49.22 -61.39 -38.83
N ASP A 371 48.17 -62.20 -38.75
CA ASP A 371 46.93 -61.80 -38.09
C ASP A 371 46.71 -62.50 -36.76
N VAL A 372 47.51 -63.52 -36.44
CA VAL A 372 47.44 -64.16 -35.13
C VAL A 372 48.47 -63.57 -34.17
N LYS A 373 49.34 -62.68 -34.65
CA LYS A 373 50.27 -61.97 -33.79
C LYS A 373 49.82 -60.55 -33.51
N SER A 374 48.60 -60.19 -33.94
CA SER A 374 48.04 -58.88 -33.68
C SER A 374 46.82 -58.96 -32.77
N ALA A 375 46.25 -60.15 -32.64
CA ALA A 375 45.15 -60.35 -31.71
C ALA A 375 45.69 -60.41 -30.31
N ILE A 376 46.93 -60.89 -30.18
CA ILE A 376 47.53 -61.03 -28.87
C ILE A 376 47.99 -59.67 -28.37
N GLU A 377 48.41 -58.81 -29.30
CA GLU A 377 48.76 -57.46 -28.91
C GLU A 377 47.51 -56.65 -28.57
N GLY A 378 46.40 -56.89 -29.27
CA GLY A 378 45.20 -56.15 -28.92
C GLY A 378 44.56 -56.63 -27.63
N VAL A 379 44.72 -57.91 -27.31
CA VAL A 379 44.20 -58.39 -26.04
C VAL A 379 45.05 -57.85 -24.89
N LYS A 380 46.37 -57.82 -25.06
CA LYS A 380 47.18 -57.24 -24.01
C LYS A 380 46.91 -55.75 -23.88
N TYR A 381 46.65 -55.06 -25.01
CA TYR A 381 46.31 -53.65 -24.98
C TYR A 381 45.05 -53.41 -24.16
N ILE A 382 44.05 -54.28 -24.32
CA ILE A 382 42.83 -54.10 -23.57
C ILE A 382 43.14 -54.28 -22.08
N ALA A 383 44.05 -55.22 -21.77
CA ALA A 383 44.44 -55.43 -20.37
C ALA A 383 45.08 -54.18 -19.76
N GLU A 384 46.13 -53.61 -20.40
CA GLU A 384 46.70 -52.37 -19.83
C GLU A 384 45.64 -51.30 -19.66
N HIS A 385 44.78 -51.12 -20.66
CA HIS A 385 43.81 -50.03 -20.56
C HIS A 385 42.89 -50.25 -19.37
N MET A 386 42.51 -51.51 -19.12
CA MET A 386 41.65 -51.77 -17.96
C MET A 386 42.39 -51.51 -16.66
N LYS A 387 43.68 -51.83 -16.61
CA LYS A 387 44.45 -51.56 -15.39
C LYS A 387 44.51 -50.06 -15.12
N SER A 388 44.91 -49.28 -16.13
CA SER A 388 44.97 -47.83 -15.96
C SER A 388 43.61 -47.28 -15.52
N ASP A 389 42.53 -47.86 -16.03
CA ASP A 389 41.22 -47.35 -15.67
C ASP A 389 40.90 -47.68 -14.22
N GLU A 390 41.35 -48.85 -13.77
CA GLU A 390 41.11 -49.28 -12.38
C GLU A 390 41.92 -48.39 -11.42
N GLU A 391 43.11 -47.96 -11.82
CA GLU A 391 43.92 -47.07 -10.97
C GLU A 391 43.32 -45.67 -10.92
N SER A 392 42.76 -45.20 -12.03
CA SER A 392 42.18 -43.88 -12.03
C SER A 392 40.87 -43.87 -11.24
N SER A 393 40.12 -44.98 -11.30
CA SER A 393 38.87 -45.02 -10.57
C SER A 393 39.10 -45.09 -9.07
N ASN A 394 40.14 -45.82 -8.64
CA ASN A 394 40.49 -45.82 -7.22
C ASN A 394 40.92 -44.42 -6.78
N ALA A 395 41.72 -43.74 -7.60
CA ALA A 395 42.14 -42.39 -7.24
C ALA A 395 40.96 -41.46 -7.09
N ALA A 396 39.94 -41.60 -7.94
CA ALA A 396 38.76 -40.74 -7.80
C ALA A 396 37.90 -41.14 -6.60
N GLU A 397 37.90 -42.43 -6.24
CA GLU A 397 37.12 -42.85 -5.08
C GLU A 397 37.69 -42.26 -3.80
N GLU A 398 39.01 -42.10 -3.73
CA GLU A 398 39.59 -41.46 -2.55
C GLU A 398 39.08 -40.03 -2.39
N TRP A 399 39.02 -39.27 -3.49
CA TRP A 399 38.51 -37.91 -3.41
C TRP A 399 37.04 -37.88 -3.05
N LYS A 400 36.30 -38.94 -3.40
CA LYS A 400 34.87 -38.93 -3.11
C LYS A 400 34.63 -39.26 -1.64
N TYR A 401 35.50 -40.09 -1.08
CA TYR A 401 35.44 -40.41 0.34
C TYR A 401 35.80 -39.19 1.18
N VAL A 402 36.84 -38.46 0.76
CA VAL A 402 37.25 -37.26 1.48
C VAL A 402 36.15 -36.20 1.46
N ALA A 403 35.49 -36.02 0.32
CA ALA A 403 34.42 -35.01 0.28
C ALA A 403 33.25 -35.43 1.15
N MET A 404 32.98 -36.74 1.22
CA MET A 404 31.87 -37.19 2.06
C MET A 404 32.14 -36.99 3.55
N VAL A 405 33.37 -37.27 3.97
CA VAL A 405 33.74 -37.07 5.37
C VAL A 405 33.62 -35.60 5.74
N ILE A 406 34.17 -34.72 4.89
CA ILE A 406 34.06 -33.29 5.15
C ILE A 406 32.59 -32.90 5.25
N ASP A 407 31.74 -33.51 4.42
CA ASP A 407 30.34 -33.15 4.38
C ASP A 407 29.63 -33.54 5.69
N HIS A 408 30.01 -34.69 6.27
CA HIS A 408 29.38 -35.08 7.55
C HIS A 408 29.86 -34.20 8.70
N ILE A 409 31.14 -33.86 8.71
CA ILE A 409 31.64 -32.94 9.73
C ILE A 409 30.88 -31.62 9.66
N LEU A 410 30.60 -31.15 8.45
CA LEU A 410 29.94 -29.86 8.32
C LEU A 410 28.45 -29.96 8.58
N LEU A 411 27.86 -31.16 8.50
CA LEU A 411 26.47 -31.30 8.92
C LEU A 411 26.37 -31.14 10.43
N CYS A 412 27.30 -31.75 11.15
CA CYS A 412 27.29 -31.57 12.60
C CYS A 412 27.57 -30.14 13.00
N VAL A 413 28.62 -29.55 12.43
CA VAL A 413 28.95 -28.15 12.71
C VAL A 413 27.76 -27.24 12.47
N PHE A 414 27.07 -27.43 11.34
CA PHE A 414 25.99 -26.50 11.01
C PHE A 414 24.77 -26.71 11.90
N MET A 415 24.57 -27.92 12.42
CA MET A 415 23.46 -28.06 13.37
C MET A 415 23.79 -27.43 14.72
N LEU A 416 25.06 -27.52 15.13
CA LEU A 416 25.48 -26.80 16.33
C LEU A 416 25.28 -25.30 16.16
N ILE A 417 25.81 -24.72 15.07
CA ILE A 417 25.64 -23.29 14.85
C ILE A 417 24.18 -22.91 14.77
N CYS A 418 23.35 -23.75 14.15
CA CYS A 418 21.92 -23.45 14.08
C CYS A 418 21.28 -23.36 15.46
N ILE A 419 21.70 -24.22 16.39
CA ILE A 419 21.09 -24.17 17.72
C ILE A 419 21.68 -23.03 18.55
N ILE A 420 23.01 -22.95 18.62
CA ILE A 420 23.68 -21.95 19.43
C ILE A 420 23.28 -20.53 19.00
N GLY A 421 23.33 -20.25 17.70
CA GLY A 421 23.07 -18.90 17.26
C GLY A 421 21.61 -18.50 17.29
N THR A 422 20.72 -19.46 17.51
CA THR A 422 19.31 -19.15 17.71
C THR A 422 18.98 -19.00 19.18
N VAL A 423 19.75 -19.64 20.05
CA VAL A 423 19.54 -19.43 21.48
C VAL A 423 20.22 -18.16 21.94
N SER A 424 21.40 -17.85 21.39
CA SER A 424 22.18 -16.68 21.80
C SER A 424 21.63 -15.37 21.27
N VAL A 425 20.50 -15.38 20.56
CA VAL A 425 19.89 -14.16 20.09
C VAL A 425 18.62 -13.82 20.88
N PHE A 426 17.92 -14.82 21.41
CA PHE A 426 16.66 -14.60 22.09
C PHE A 426 16.71 -14.86 23.60
N ALA A 427 17.74 -15.55 24.08
CA ALA A 427 17.78 -15.97 25.48
C ALA A 427 17.75 -14.77 26.41
N GLY A 428 18.64 -13.80 26.18
CA GLY A 428 18.75 -12.64 27.04
C GLY A 428 17.44 -11.94 27.37
N ARG A 429 16.73 -11.48 26.33
CA ARG A 429 15.48 -10.76 26.56
C ARG A 429 14.43 -11.65 27.19
N LEU A 430 14.40 -12.94 26.84
CA LEU A 430 13.35 -13.81 27.36
C LEU A 430 13.57 -14.09 28.84
N ILE A 431 14.83 -14.29 29.23
CA ILE A 431 15.15 -14.45 30.65
C ILE A 431 14.83 -13.15 31.39
N GLU A 432 15.19 -12.01 30.79
CA GLU A 432 14.96 -10.72 31.42
C GLU A 432 13.47 -10.41 31.58
N LEU A 433 12.62 -11.05 30.79
CA LEU A 433 11.19 -10.80 30.85
C LEU A 433 10.44 -11.79 31.73
N SER A 434 10.95 -13.02 31.85
CA SER A 434 10.40 -13.98 32.79
C SER A 434 11.23 -14.03 34.07
N ASN B 2 -11.37 43.36 39.22
CA ASN B 2 -10.16 43.31 38.41
C ASN B 2 -10.05 44.58 37.58
N GLU B 3 -8.83 45.12 37.48
CA GLU B 3 -8.60 46.33 36.70
C GLU B 3 -8.25 46.04 35.24
N GLU B 4 -8.07 44.76 34.90
CA GLU B 4 -7.83 44.41 33.50
C GLU B 4 -9.05 44.70 32.65
N GLU B 5 -10.24 44.45 33.19
CA GLU B 5 -11.45 44.73 32.42
C GLU B 5 -11.50 46.20 32.02
N ARG B 6 -11.18 47.10 32.94
CA ARG B 6 -11.21 48.53 32.65
C ARG B 6 -10.12 48.89 31.65
N LEU B 7 -8.92 48.34 31.82
CA LEU B 7 -7.85 48.63 30.88
C LEU B 7 -8.20 48.18 29.47
N ILE B 8 -8.58 46.90 29.32
CA ILE B 8 -8.93 46.36 28.01
C ILE B 8 -10.15 47.04 27.40
N ASN B 9 -11.01 47.64 28.21
CA ASN B 9 -12.14 48.33 27.62
C ASN B 9 -11.75 49.73 27.18
N ASP B 10 -10.86 50.38 27.91
CA ASP B 10 -10.34 51.67 27.46
C ASP B 10 -9.55 51.50 26.17
N LEU B 11 -8.79 50.41 26.07
CA LEU B 11 -7.95 50.22 24.89
C LEU B 11 -8.77 49.87 23.67
N LEU B 12 -9.73 48.94 23.80
CA LEU B 12 -10.40 48.48 22.59
C LEU B 12 -11.69 49.24 22.27
N ILE B 13 -12.51 49.55 23.27
CA ILE B 13 -13.83 50.10 22.98
C ILE B 13 -13.81 51.62 22.97
N VAL B 14 -13.31 52.23 24.04
CA VAL B 14 -13.26 53.68 24.13
C VAL B 14 -12.47 54.27 22.97
N ASN B 15 -11.25 53.80 22.77
CA ASN B 15 -10.36 54.34 21.75
C ASN B 15 -10.65 53.84 20.33
N LYS B 16 -11.80 53.20 20.11
CA LYS B 16 -12.27 52.75 18.79
C LYS B 16 -11.15 52.10 17.97
N TYR B 17 -10.55 51.07 18.56
CA TYR B 17 -9.48 50.34 17.90
C TYR B 17 -9.99 49.63 16.65
N ASN B 18 -9.28 49.78 15.53
CA ASN B 18 -9.61 49.13 14.28
C ASN B 18 -8.52 48.11 13.95
N LYS B 19 -8.89 46.84 13.85
CA LYS B 19 -7.89 45.76 13.68
C LYS B 19 -7.52 45.52 12.22
N HIS B 20 -8.13 46.24 11.29
CA HIS B 20 -7.75 46.14 9.88
C HIS B 20 -6.94 47.34 9.41
N VAL B 21 -6.20 47.98 10.32
CA VAL B 21 -5.34 49.11 9.99
C VAL B 21 -3.99 48.87 10.63
N ARG B 22 -2.93 49.09 9.86
CA ARG B 22 -1.58 48.85 10.36
C ARG B 22 -1.29 49.69 11.61
N PRO B 23 -0.52 49.16 12.55
CA PRO B 23 -0.12 49.93 13.73
C PRO B 23 0.91 51.02 13.46
N VAL B 24 0.53 52.10 12.78
CA VAL B 24 1.45 53.19 12.45
C VAL B 24 0.73 54.52 12.62
N LYS B 25 1.51 55.56 12.93
CA LYS B 25 0.92 56.88 13.13
C LYS B 25 0.68 57.57 11.79
N HIS B 26 1.60 57.42 10.85
CA HIS B 26 1.46 57.95 9.51
C HIS B 26 1.56 56.80 8.52
N ASN B 27 0.79 56.92 7.42
CA ASN B 27 0.70 55.86 6.44
C ASN B 27 2.03 55.56 5.75
N ASN B 28 3.02 56.45 5.87
CA ASN B 28 4.27 56.27 5.14
C ASN B 28 5.33 55.50 5.92
N GLU B 29 5.11 55.24 7.20
CA GLU B 29 6.05 54.47 8.01
C GLU B 29 5.85 52.97 7.79
N VAL B 30 6.85 52.20 8.20
CA VAL B 30 6.84 50.74 8.10
C VAL B 30 6.70 50.13 9.48
N VAL B 31 6.00 49.00 9.55
CA VAL B 31 5.93 48.18 10.74
C VAL B 31 7.03 47.12 10.65
N ASN B 32 8.00 47.18 11.56
CA ASN B 32 9.02 46.14 11.66
C ASN B 32 8.50 44.97 12.48
N ILE B 33 8.43 43.80 11.87
CA ILE B 33 8.09 42.55 12.56
C ILE B 33 9.30 41.64 12.60
N ALA B 34 9.79 41.36 13.81
CA ALA B 34 10.89 40.44 14.03
C ALA B 34 10.35 39.02 14.14
N LEU B 35 11.03 38.08 13.48
CA LEU B 35 10.55 36.71 13.40
C LEU B 35 11.62 35.73 13.84
N SER B 36 11.18 34.65 14.49
CA SER B 36 12.05 33.56 14.89
C SER B 36 11.31 32.25 14.65
N LEU B 37 12.05 31.14 14.68
CA LEU B 37 11.44 29.83 14.48
C LEU B 37 12.08 28.81 15.41
N THR B 38 11.26 28.08 16.15
CA THR B 38 11.69 26.98 16.99
C THR B 38 11.18 25.66 16.41
N LEU B 39 12.07 24.68 16.27
CA LEU B 39 11.71 23.34 15.83
C LEU B 39 11.34 22.49 17.04
N SER B 40 10.07 22.10 17.14
CA SER B 40 9.65 21.21 18.21
C SER B 40 10.02 19.76 17.90
N ASN B 41 9.72 19.29 16.69
CA ASN B 41 10.12 17.94 16.27
C ASN B 41 9.96 17.83 14.76
N LEU B 42 10.83 17.03 14.15
CA LEU B 42 10.82 16.76 12.72
C LEU B 42 10.12 15.43 12.49
N ILE B 43 8.95 15.47 11.86
CA ILE B 43 8.15 14.25 11.76
C ILE B 43 8.66 13.34 10.64
N SER B 44 8.78 13.86 9.43
CA SER B 44 9.14 12.99 8.31
C SER B 44 9.67 13.80 7.15
N LEU B 45 10.37 13.11 6.25
CA LEU B 45 10.73 13.62 4.92
C LEU B 45 10.49 12.46 3.97
N LYS B 46 9.27 12.39 3.45
CA LYS B 46 8.85 11.30 2.57
C LYS B 46 9.42 11.50 1.17
N GLU B 47 10.29 10.58 0.75
CA GLU B 47 10.97 10.73 -0.53
C GLU B 47 10.05 10.55 -1.73
N THR B 48 8.94 9.83 -1.60
CA THR B 48 8.08 9.62 -2.76
C THR B 48 7.18 10.82 -3.00
N ASP B 49 6.76 11.49 -1.94
CA ASP B 49 5.93 12.69 -2.06
C ASP B 49 6.75 13.96 -2.13
N GLU B 50 8.01 13.92 -1.66
CA GLU B 50 8.90 15.08 -1.65
C GLU B 50 8.35 16.17 -0.75
N THR B 51 8.07 15.79 0.49
CA THR B 51 7.40 16.65 1.45
C THR B 51 8.08 16.54 2.80
N LEU B 52 8.47 17.69 3.35
CA LEU B 52 8.93 17.76 4.73
C LEU B 52 7.75 18.09 5.64
N THR B 53 7.60 17.32 6.71
CA THR B 53 6.59 17.57 7.73
C THR B 53 7.30 17.96 9.03
N SER B 54 6.91 19.07 9.62
CA SER B 54 7.62 19.59 10.78
C SER B 54 6.65 20.26 11.74
N ASN B 55 7.03 20.25 13.01
CA ASN B 55 6.31 20.93 14.08
C ASN B 55 7.17 22.11 14.54
N VAL B 56 6.72 23.32 14.26
CA VAL B 56 7.51 24.52 14.56
C VAL B 56 6.66 25.52 15.33
N TRP B 57 7.33 26.34 16.15
CA TRP B 57 6.68 27.45 16.85
C TRP B 57 7.31 28.73 16.32
N MET B 58 6.52 29.45 15.51
CA MET B 58 6.96 30.75 14.97
C MET B 58 6.78 31.79 16.09
N ASP B 59 7.67 32.78 16.12
CA ASP B 59 7.67 33.79 17.17
C ASP B 59 7.75 35.22 16.61
N HIS B 60 6.67 35.98 16.75
CA HIS B 60 6.56 37.35 16.27
C HIS B 60 6.81 38.38 17.38
N ALA B 61 7.23 39.58 16.95
CA ALA B 61 7.39 40.70 17.87
C ALA B 61 7.29 42.01 17.08
N TRP B 62 6.43 42.92 17.52
CA TRP B 62 6.26 44.21 16.87
C TRP B 62 5.80 45.24 17.89
N TYR B 63 5.53 46.46 17.41
CA TYR B 63 5.03 47.55 18.24
C TYR B 63 3.71 48.06 17.71
N ASP B 64 2.76 48.28 18.62
CA ASP B 64 1.48 48.91 18.33
C ASP B 64 1.33 50.10 19.26
N HIS B 65 1.38 51.31 18.70
CA HIS B 65 1.28 52.51 19.53
C HIS B 65 -0.10 52.69 20.12
N ARG B 66 -1.10 51.96 19.65
CA ARG B 66 -2.44 52.07 20.22
C ARG B 66 -2.62 51.20 21.45
N LEU B 67 -1.72 50.24 21.68
CA LEU B 67 -1.85 49.31 22.82
C LEU B 67 -0.86 49.75 23.91
N THR B 68 -0.95 50.99 24.35
CA THR B 68 -0.05 51.56 25.35
C THR B 68 -0.86 52.19 26.47
N TRP B 69 -0.32 52.06 27.67
CA TRP B 69 -0.98 52.65 28.85
C TRP B 69 0.07 53.04 29.86
N ASN B 70 -0.35 53.70 30.91
CA ASN B 70 0.55 54.07 32.00
C ASN B 70 0.20 53.17 33.19
N ALA B 71 1.16 52.35 33.60
CA ALA B 71 0.91 51.34 34.63
C ALA B 71 0.40 51.97 35.92
N SER B 72 0.94 53.13 36.30
CA SER B 72 0.55 53.76 37.56
C SER B 72 -0.94 54.10 37.62
N GLU B 73 -1.58 54.34 36.48
CA GLU B 73 -2.96 54.78 36.48
C GLU B 73 -3.95 53.62 36.42
N TYR B 74 -3.48 52.38 36.26
CA TYR B 74 -4.34 51.20 36.28
C TYR B 74 -3.72 50.20 37.25
N SER B 75 -3.79 50.48 38.55
CA SER B 75 -3.12 49.66 39.56
C SER B 75 -1.65 49.64 39.16
N ASP B 76 -1.02 48.49 38.96
CA ASP B 76 0.32 48.45 38.42
C ASP B 76 0.43 47.34 37.39
N ILE B 77 -0.62 47.21 36.56
CA ILE B 77 -0.64 46.18 35.53
C ILE B 77 0.52 46.37 34.57
N SER B 78 1.34 45.33 34.40
CA SER B 78 2.55 45.49 33.55
C SER B 78 2.52 44.50 32.38
N ILE B 79 1.42 43.75 32.21
CA ILE B 79 1.40 42.72 31.15
C ILE B 79 -0.07 42.44 30.86
N LEU B 80 -0.35 42.04 29.63
CA LEU B 80 -1.75 41.80 29.29
C LEU B 80 -1.82 40.69 28.25
N ARG B 81 -2.85 39.85 28.34
CA ARG B 81 -3.11 38.79 27.36
C ARG B 81 -4.36 39.14 26.56
N LEU B 82 -4.28 39.01 25.24
CA LEU B 82 -5.35 39.41 24.33
C LEU B 82 -5.50 38.38 23.20
N PRO B 83 -6.73 38.02 22.85
CA PRO B 83 -6.94 37.08 21.75
C PRO B 83 -6.55 37.70 20.42
N PRO B 84 -5.94 36.92 19.52
CA PRO B 84 -5.48 37.47 18.24
C PRO B 84 -6.59 37.99 17.35
N GLU B 85 -7.85 37.68 17.63
CA GLU B 85 -8.96 38.10 16.79
C GLU B 85 -9.56 39.42 17.24
N LEU B 86 -8.87 40.16 18.10
CA LEU B 86 -9.28 41.48 18.53
C LEU B 86 -8.27 42.56 18.20
N VAL B 87 -7.02 42.20 17.95
CA VAL B 87 -5.95 43.14 17.64
C VAL B 87 -5.40 42.82 16.26
N TRP B 88 -4.74 43.80 15.66
CA TRP B 88 -4.07 43.59 14.39
C TRP B 88 -2.89 42.64 14.57
N ILE B 89 -2.78 41.65 13.71
CA ILE B 89 -1.66 40.72 13.75
C ILE B 89 -0.99 40.64 12.38
N PRO B 90 0.32 40.38 12.33
CA PRO B 90 1.01 40.23 11.03
C PRO B 90 0.76 38.84 10.44
N ASP B 91 0.24 38.82 9.21
CA ASP B 91 -0.09 37.57 8.53
C ASP B 91 1.12 37.11 7.70
N ILE B 92 1.94 36.24 8.28
CA ILE B 92 3.07 35.64 7.58
C ILE B 92 2.72 34.20 7.21
N VAL B 93 2.82 33.87 5.93
CA VAL B 93 2.37 32.58 5.43
C VAL B 93 3.55 31.82 4.85
N LEU B 94 3.48 30.49 4.95
CA LEU B 94 4.43 29.62 4.28
C LEU B 94 4.02 29.54 2.82
N GLN B 95 4.91 29.98 1.92
CA GLN B 95 4.57 30.04 0.51
C GLN B 95 4.85 28.74 -0.24
N ASN B 96 5.81 27.92 0.21
CA ASN B 96 6.15 26.68 -0.46
C ASN B 96 5.48 25.45 0.15
N ASN B 97 4.30 25.60 0.75
CA ASN B 97 3.55 24.44 1.24
C ASN B 97 3.02 23.59 0.08
N ASN B 98 2.77 22.31 0.37
CA ASN B 98 2.22 21.35 -0.59
C ASN B 98 0.73 21.15 -0.48
N ASP B 99 0.16 21.39 0.68
CA ASP B 99 -1.27 21.32 0.90
C ASP B 99 -1.80 22.74 0.99
N GLY B 100 -3.03 22.90 1.42
CA GLY B 100 -3.59 24.23 1.43
C GLY B 100 -3.53 24.83 2.82
N GLN B 101 -2.40 24.63 3.49
CA GLN B 101 -2.19 25.13 4.84
C GLN B 101 -1.08 26.17 4.79
N TYR B 102 -1.46 27.44 4.76
CA TYR B 102 -0.52 28.55 4.73
C TYR B 102 -0.29 29.16 6.11
N HIS B 103 -1.15 28.86 7.07
CA HIS B 103 -1.20 29.55 8.35
C HIS B 103 -0.72 28.67 9.49
N VAL B 104 -0.54 29.31 10.64
CA VAL B 104 -0.28 28.58 11.87
C VAL B 104 -1.53 27.81 12.27
N ALA B 105 -1.35 26.85 13.19
CA ALA B 105 -2.43 25.94 13.52
C ALA B 105 -3.27 26.40 14.71
N TYR B 106 -2.65 26.96 15.73
CA TYR B 106 -3.34 27.39 16.94
C TYR B 106 -3.12 28.89 17.14
N PHE B 107 -4.20 29.66 17.01
CA PHE B 107 -4.15 31.12 17.19
C PHE B 107 -4.23 31.47 18.67
N CYS B 108 -3.10 31.31 19.36
CA CYS B 108 -2.97 31.61 20.78
C CYS B 108 -3.05 33.11 21.04
N ASN B 109 -3.08 33.48 22.32
CA ASN B 109 -3.14 34.88 22.73
C ASN B 109 -1.83 35.60 22.41
N VAL B 110 -1.92 36.93 22.35
CA VAL B 110 -0.76 37.79 22.25
C VAL B 110 -0.51 38.39 23.62
N LEU B 111 0.74 38.71 23.93
CA LEU B 111 1.09 39.39 25.20
C LEU B 111 1.46 40.84 24.86
N VAL B 112 1.02 41.81 25.65
CA VAL B 112 1.29 43.26 25.41
C VAL B 112 1.85 43.87 26.69
N ARG B 113 2.90 44.68 26.58
CA ARG B 113 3.53 45.33 27.74
C ARG B 113 3.16 46.82 27.66
N PRO B 114 3.30 47.64 28.72
CA PRO B 114 2.82 49.01 28.70
C PRO B 114 3.37 49.97 27.64
N ASN B 115 4.54 49.68 27.07
CA ASN B 115 5.17 50.47 25.99
C ASN B 115 4.60 50.15 24.61
N GLY B 116 3.82 49.08 24.48
CA GLY B 116 3.19 48.71 23.20
C GLY B 116 3.90 47.59 22.50
N TYR B 117 4.82 46.92 23.16
CA TYR B 117 5.53 45.76 22.59
C TYR B 117 4.63 44.56 22.62
N VAL B 118 4.45 43.92 21.49
CA VAL B 118 3.52 42.77 21.34
C VAL B 118 4.35 41.54 20.97
N THR B 119 4.02 40.40 21.55
CA THR B 119 4.71 39.14 21.26
C THR B 119 3.65 38.12 20.97
N TRP B 120 3.94 37.18 20.10
CA TRP B 120 2.97 36.16 19.70
C TRP B 120 3.70 34.91 19.26
N LEU B 121 3.47 33.79 19.96
CA LEU B 121 4.10 32.50 19.66
C LEU B 121 3.08 31.41 19.31
N PRO B 122 2.49 31.44 18.11
CA PRO B 122 1.57 30.37 17.71
C PRO B 122 2.30 29.13 17.20
N PRO B 123 1.85 27.95 17.60
CA PRO B 123 2.42 26.70 17.05
C PRO B 123 1.78 26.29 15.74
N ALA B 124 2.50 25.49 14.96
CA ALA B 124 2.03 25.09 13.63
C ALA B 124 2.63 23.77 13.18
N ILE B 125 1.87 23.06 12.33
CA ILE B 125 2.36 21.90 11.59
C ILE B 125 2.37 22.29 10.12
N PHE B 126 3.54 22.20 9.49
CA PHE B 126 3.72 22.63 8.11
C PHE B 126 4.16 21.46 7.24
N ARG B 127 3.54 21.33 6.06
CA ARG B 127 3.95 20.39 5.03
C ARG B 127 4.47 21.19 3.85
N SER B 128 5.77 21.09 3.58
CA SER B 128 6.43 21.93 2.61
C SER B 128 7.11 21.12 1.51
N SER B 129 7.26 21.74 0.34
CA SER B 129 7.91 21.13 -0.81
C SER B 129 9.41 21.10 -0.64
N CYS B 130 10.00 19.91 -0.66
CA CYS B 130 11.46 19.77 -0.62
C CYS B 130 11.89 18.80 -1.72
N PRO B 131 12.42 19.30 -2.83
CA PRO B 131 12.95 18.40 -3.87
C PRO B 131 14.12 17.56 -3.37
N ILE B 132 14.10 16.28 -3.75
CA ILE B 132 15.03 15.29 -3.24
C ILE B 132 16.18 15.10 -4.23
N ASN B 133 17.41 15.23 -3.74
CA ASN B 133 18.61 14.88 -4.50
C ASN B 133 18.93 13.42 -4.23
N VAL B 134 18.78 12.57 -5.26
CA VAL B 134 18.91 11.14 -5.08
C VAL B 134 20.26 10.61 -5.52
N LEU B 135 21.19 11.48 -5.91
CA LEU B 135 22.45 11.05 -6.50
C LEU B 135 23.22 10.07 -5.63
N TYR B 136 23.13 10.19 -4.30
CA TYR B 136 23.92 9.36 -3.39
C TYR B 136 23.08 8.48 -2.49
N PHE B 137 21.76 8.47 -2.67
CA PHE B 137 20.88 7.61 -1.89
C PHE B 137 21.41 6.17 -1.92
N PRO B 138 21.52 5.51 -0.75
CA PRO B 138 21.00 5.86 0.57
C PRO B 138 21.94 6.67 1.47
N PHE B 139 23.05 7.21 0.96
CA PHE B 139 23.96 8.01 1.77
C PHE B 139 23.85 9.49 1.42
N ASP B 140 22.62 9.96 1.25
CA ASP B 140 22.32 11.33 0.82
C ASP B 140 22.09 12.27 1.99
N TRP B 141 22.39 13.54 1.76
CA TRP B 141 21.99 14.64 2.64
C TRP B 141 21.13 15.62 1.86
N GLN B 142 20.07 16.11 2.49
CA GLN B 142 19.09 16.96 1.83
C GLN B 142 19.14 18.39 2.37
N ASN B 143 18.73 19.34 1.54
CA ASN B 143 18.73 20.77 1.85
C ASN B 143 17.30 21.29 1.68
N CYS B 144 16.52 21.26 2.75
CA CYS B 144 15.12 21.67 2.71
C CYS B 144 14.98 23.08 3.28
N SER B 145 14.00 23.82 2.79
CA SER B 145 13.83 25.22 3.16
C SER B 145 12.36 25.55 3.39
N LEU B 146 12.11 26.43 4.37
CA LEU B 146 10.78 26.98 4.63
C LEU B 146 10.81 28.47 4.32
N LYS B 147 10.13 28.86 3.25
CA LYS B 147 10.12 30.25 2.78
C LYS B 147 8.85 30.95 3.27
N PHE B 148 9.03 32.07 3.96
CA PHE B 148 7.94 32.81 4.59
C PHE B 148 7.83 34.21 3.99
N THR B 149 6.62 34.63 3.65
CA THR B 149 6.39 35.88 2.94
C THR B 149 5.20 36.60 3.56
N ALA B 150 5.15 37.92 3.36
CA ALA B 150 4.05 38.76 3.78
C ALA B 150 3.28 39.20 2.54
N LEU B 151 2.16 38.54 2.26
CA LEU B 151 1.37 38.81 1.06
C LEU B 151 0.22 39.78 1.28
N ASN B 152 0.14 40.43 2.43
CA ASN B 152 -0.95 41.38 2.68
C ASN B 152 -0.51 42.83 2.59
N TYR B 153 0.80 43.09 2.61
CA TYR B 153 1.33 44.44 2.50
C TYR B 153 2.63 44.39 1.72
N ASP B 154 2.97 45.49 1.07
CA ASP B 154 4.23 45.58 0.34
C ASP B 154 5.35 46.07 1.26
N ALA B 155 6.59 45.89 0.78
CA ALA B 155 7.78 46.19 1.56
C ALA B 155 7.88 47.65 2.00
N ASN B 156 7.11 48.57 1.42
CA ASN B 156 7.10 49.93 1.92
C ASN B 156 6.16 50.11 3.10
N GLU B 157 5.43 49.06 3.47
CA GLU B 157 4.45 49.11 4.53
C GLU B 157 4.76 48.16 5.67
N ILE B 158 5.42 47.04 5.40
CA ILE B 158 5.77 46.05 6.40
C ILE B 158 7.19 45.57 6.10
N THR B 159 8.04 45.56 7.12
CA THR B 159 9.43 45.10 6.98
C THR B 159 9.64 43.85 7.82
N MET B 160 10.10 42.78 7.19
CA MET B 160 10.43 41.56 7.89
C MET B 160 11.88 41.61 8.36
N ASP B 161 12.13 41.12 9.57
CA ASP B 161 13.49 41.04 10.09
C ASP B 161 13.66 39.78 10.93
N LEU B 162 14.90 39.52 11.30
CA LEU B 162 15.26 38.44 12.22
C LEU B 162 15.30 38.98 13.64
N MET B 163 14.93 38.15 14.60
CA MET B 163 14.88 38.60 15.98
C MET B 163 16.28 38.67 16.56
N THR B 164 16.41 39.44 17.64
CA THR B 164 17.69 39.69 18.28
C THR B 164 17.67 39.29 19.75
N ASP B 165 18.86 38.98 20.28
CA ASP B 165 19.08 38.64 21.69
C ASP B 165 20.10 39.62 22.28
N THR B 166 20.49 39.35 23.52
CA THR B 166 21.46 40.15 24.26
C THR B 166 22.32 39.24 25.11
N ILE B 167 23.64 39.38 25.01
CA ILE B 167 24.53 38.58 25.82
C ILE B 167 25.08 39.39 26.99
N ASP B 168 25.74 40.51 26.70
CA ASP B 168 26.38 41.36 27.69
C ASP B 168 26.12 42.83 27.37
N GLY B 169 24.85 43.17 27.18
CA GLY B 169 24.48 44.51 26.81
C GLY B 169 24.46 44.76 25.32
N LYS B 170 24.96 43.80 24.54
CA LYS B 170 25.09 43.91 23.09
C LYS B 170 23.97 43.12 22.42
N ASP B 171 23.58 43.56 21.23
CA ASP B 171 22.57 42.88 20.44
C ASP B 171 23.20 42.08 19.30
N TYR B 172 22.65 40.92 19.03
CA TYR B 172 23.02 40.12 17.89
C TYR B 172 21.75 39.52 17.30
N PRO B 173 21.70 39.30 16.00
CA PRO B 173 20.53 38.65 15.39
C PRO B 173 20.58 37.13 15.53
N ILE B 174 19.39 36.54 15.56
CA ILE B 174 19.24 35.08 15.69
C ILE B 174 19.20 34.52 14.27
N GLU B 175 20.36 34.12 13.78
CA GLU B 175 20.54 33.63 12.41
C GLU B 175 20.37 32.12 12.29
N TRP B 176 19.61 31.47 13.17
CA TRP B 176 19.47 30.03 13.15
C TRP B 176 18.08 29.63 13.64
N ILE B 177 17.67 28.43 13.28
CA ILE B 177 16.54 27.78 13.94
C ILE B 177 16.90 27.44 15.37
N ILE B 178 15.97 27.70 16.31
CA ILE B 178 16.20 27.41 17.73
C ILE B 178 15.73 25.99 18.05
N ILE B 179 16.56 25.26 18.78
CA ILE B 179 16.25 23.90 19.19
C ILE B 179 16.62 23.73 20.65
N ASP B 180 15.63 23.43 21.49
CA ASP B 180 15.88 23.10 22.89
C ASP B 180 16.72 21.83 22.94
N PRO B 181 17.93 21.86 23.52
CA PRO B 181 18.79 20.68 23.50
C PRO B 181 18.37 19.59 24.48
N GLU B 182 17.41 19.88 25.35
CA GLU B 182 16.99 18.96 26.40
C GLU B 182 15.63 18.33 26.14
N ALA B 183 14.72 19.04 25.46
CA ALA B 183 13.41 18.51 25.14
C ALA B 183 13.31 18.02 23.70
N PHE B 184 14.43 17.82 23.01
CA PHE B 184 14.42 17.41 21.61
C PHE B 184 14.68 15.92 21.48
N THR B 185 13.72 15.21 20.91
CA THR B 185 13.89 13.81 20.53
C THR B 185 14.28 13.76 19.06
N GLU B 186 15.40 13.11 18.78
CA GLU B 186 15.91 13.07 17.41
C GLU B 186 15.04 12.17 16.53
N ASN B 187 15.05 12.47 15.24
CA ASN B 187 14.28 11.69 14.28
C ASN B 187 14.94 10.34 14.06
N GLY B 188 14.12 9.34 13.72
CA GLY B 188 14.64 8.00 13.51
C GLY B 188 15.47 7.84 12.25
N GLU B 189 15.39 8.77 11.31
CA GLU B 189 16.11 8.64 10.05
C GLU B 189 16.96 9.84 9.68
N TRP B 190 16.76 11.01 10.30
CA TRP B 190 17.41 12.24 9.87
C TRP B 190 18.04 12.96 11.06
N GLU B 191 19.31 13.31 10.94
CA GLU B 191 19.98 14.14 11.92
C GLU B 191 20.31 15.50 11.31
N ILE B 192 20.06 16.56 12.08
CA ILE B 192 20.28 17.93 11.63
C ILE B 192 21.75 18.30 11.71
N ILE B 193 22.30 18.77 10.60
CA ILE B 193 23.69 19.25 10.53
C ILE B 193 23.76 20.77 10.65
N HIS B 194 23.02 21.48 9.81
CA HIS B 194 22.99 22.94 9.82
C HIS B 194 21.55 23.42 9.80
N LYS B 195 21.32 24.60 10.38
CA LYS B 195 19.93 25.13 10.45
C LYS B 195 19.97 26.67 10.37
N PRO B 196 20.50 27.28 9.29
CA PRO B 196 20.62 28.74 9.22
C PRO B 196 19.27 29.42 9.00
N ALA B 197 19.31 30.75 9.07
CA ALA B 197 18.16 31.60 8.80
C ALA B 197 18.65 32.84 8.09
N LYS B 198 17.83 33.38 7.18
CA LYS B 198 18.27 34.46 6.32
C LYS B 198 17.11 35.35 5.92
N LYS B 199 17.33 36.66 5.97
CA LYS B 199 16.44 37.65 5.38
C LYS B 199 16.93 37.95 3.97
N ASN B 200 16.08 37.72 2.98
CA ASN B 200 16.44 37.86 1.56
C ASN B 200 15.68 38.99 0.91
N ILE B 201 16.40 39.81 0.15
CA ILE B 201 15.85 40.88 -0.67
C ILE B 201 16.07 40.54 -2.14
N TYR B 202 15.09 40.85 -2.98
CA TYR B 202 15.19 40.60 -4.42
C TYR B 202 15.22 41.91 -5.17
N PRO B 203 16.39 42.40 -5.58
CA PRO B 203 16.48 43.76 -6.14
C PRO B 203 15.87 43.92 -7.52
N ASP B 204 15.65 42.84 -8.28
CA ASP B 204 14.98 42.99 -9.57
C ASP B 204 13.52 43.40 -9.42
N LYS B 205 12.92 43.17 -8.26
CA LYS B 205 11.55 43.55 -8.00
C LYS B 205 11.52 44.93 -7.35
N PHE B 206 10.32 45.43 -7.10
CA PHE B 206 10.19 46.77 -6.56
C PHE B 206 9.61 46.72 -5.14
N PRO B 207 9.99 47.67 -4.28
CA PRO B 207 9.49 47.66 -2.89
C PRO B 207 8.01 47.95 -2.75
N ASN B 208 7.27 48.18 -3.84
CA ASN B 208 5.84 48.39 -3.75
C ASN B 208 5.05 47.14 -4.13
N GLY B 209 5.71 45.99 -4.20
CA GLY B 209 5.06 44.71 -4.40
C GLY B 209 5.31 43.82 -3.19
N THR B 210 4.69 42.63 -3.25
CA THR B 210 4.78 41.68 -2.15
C THR B 210 5.74 40.53 -2.46
N ASN B 211 6.59 40.71 -3.46
CA ASN B 211 7.55 39.68 -3.86
C ASN B 211 9.00 40.13 -3.66
N TYR B 212 9.22 41.18 -2.88
CA TYR B 212 10.53 41.77 -2.69
C TYR B 212 11.26 41.28 -1.45
N GLN B 213 10.55 40.71 -0.47
CA GLN B 213 11.12 40.33 0.82
C GLN B 213 10.67 38.91 1.20
N ASP B 214 11.54 38.19 1.92
CA ASP B 214 11.16 36.91 2.53
C ASP B 214 12.22 36.50 3.54
N VAL B 215 11.78 35.76 4.57
CA VAL B 215 12.65 35.15 5.56
C VAL B 215 12.59 33.64 5.41
N THR B 216 13.72 33.02 5.12
CA THR B 216 13.80 31.60 4.83
C THR B 216 14.60 30.88 5.92
N PHE B 217 14.14 29.69 6.28
CA PHE B 217 14.79 28.82 7.26
C PHE B 217 15.22 27.53 6.56
N TYR B 218 16.49 27.16 6.71
CA TYR B 218 17.07 26.01 6.02
C TYR B 218 17.37 24.89 7.01
N LEU B 219 17.08 23.66 6.61
CA LEU B 219 17.44 22.46 7.36
C LEU B 219 18.32 21.58 6.46
N ILE B 220 19.60 21.50 6.77
CA ILE B 220 20.49 20.54 6.12
C ILE B 220 20.58 19.29 6.97
N ILE B 221 19.96 18.20 6.49
CA ILE B 221 19.85 16.96 7.23
C ILE B 221 20.50 15.83 6.45
N ARG B 222 21.26 14.99 7.14
CA ARG B 222 21.90 13.83 6.55
C ARG B 222 21.14 12.58 7.01
N ARG B 223 20.97 11.63 6.09
CA ARG B 223 20.24 10.42 6.39
C ARG B 223 21.14 9.41 7.09
N LYS B 224 20.61 8.80 8.15
CA LYS B 224 21.34 7.74 8.83
C LYS B 224 21.09 6.42 8.11
N PRO B 225 22.06 5.93 7.33
CA PRO B 225 21.82 4.69 6.58
C PRO B 225 22.12 3.44 7.40
N LEU B 226 21.09 2.79 7.93
CA LEU B 226 21.32 1.57 8.69
C LEU B 226 20.28 0.55 8.30
N PHE B 227 19.02 0.97 8.21
CA PHE B 227 17.96 0.11 7.69
C PHE B 227 18.33 -0.43 6.32
N TYR B 228 18.75 0.45 5.41
CA TYR B 228 19.14 0.03 4.07
C TYR B 228 20.41 -0.80 4.10
N VAL B 229 21.40 -0.40 4.91
CA VAL B 229 22.65 -1.14 4.99
C VAL B 229 22.40 -2.57 5.47
N ILE B 230 21.36 -2.77 6.28
CA ILE B 230 21.11 -4.08 6.86
C ILE B 230 20.18 -4.91 5.99
N ASN B 231 19.15 -4.31 5.40
CA ASN B 231 18.13 -5.07 4.68
C ASN B 231 18.30 -5.07 3.17
N PHE B 232 19.20 -4.26 2.61
CA PHE B 232 19.30 -4.20 1.16
C PHE B 232 20.72 -4.45 0.67
N ILE B 233 21.65 -3.66 1.20
CA ILE B 233 23.01 -3.64 0.66
C ILE B 233 23.76 -4.93 1.00
N THR B 234 23.82 -5.27 2.29
CA THR B 234 24.54 -6.49 2.67
C THR B 234 23.96 -7.74 2.01
N PRO B 235 22.64 -8.00 2.08
CA PRO B 235 22.08 -9.15 1.35
C PRO B 235 22.41 -9.12 -0.14
N CYS B 236 22.18 -8.00 -0.82
CA CYS B 236 22.40 -7.97 -2.26
C CYS B 236 23.87 -8.22 -2.61
N VAL B 237 24.80 -7.61 -1.87
CA VAL B 237 26.20 -7.77 -2.20
C VAL B 237 26.67 -9.20 -1.94
N LEU B 238 26.12 -9.83 -0.90
CA LEU B 238 26.62 -11.17 -0.56
C LEU B 238 25.96 -12.23 -1.42
N ILE B 239 24.76 -11.96 -1.91
CA ILE B 239 24.13 -12.86 -2.87
C ILE B 239 24.79 -12.72 -4.24
N SER B 240 25.15 -11.48 -4.62
CA SER B 240 25.77 -11.26 -5.91
C SER B 240 27.14 -11.93 -6.02
N PHE B 241 27.94 -11.87 -4.96
CA PHE B 241 29.25 -12.53 -5.02
C PHE B 241 29.17 -14.00 -5.45
N LEU B 242 28.03 -14.66 -5.21
CA LEU B 242 27.91 -16.09 -5.50
C LEU B 242 27.97 -16.39 -7.01
N ALA B 243 27.45 -15.48 -7.83
CA ALA B 243 27.53 -15.65 -9.28
C ALA B 243 28.95 -15.82 -9.77
N SER B 244 29.94 -15.37 -9.02
CA SER B 244 31.33 -15.55 -9.42
C SER B 244 31.85 -16.88 -8.93
N LEU B 245 31.27 -17.40 -7.85
CA LEU B 245 31.56 -18.73 -7.38
C LEU B 245 31.06 -19.77 -8.37
N ALA B 246 30.06 -19.39 -9.18
CA ALA B 246 29.60 -20.26 -10.27
C ALA B 246 30.71 -20.67 -11.23
N PHE B 247 31.87 -20.00 -11.22
CA PHE B 247 32.97 -20.34 -12.12
C PHE B 247 33.88 -21.43 -11.54
N TYR B 248 33.51 -22.00 -10.40
CA TYR B 248 34.31 -22.99 -9.72
C TYR B 248 33.61 -24.34 -9.69
N LEU B 249 32.33 -24.36 -10.04
CA LEU B 249 31.55 -25.59 -10.15
C LEU B 249 31.99 -26.38 -11.37
N PRO B 250 32.26 -27.67 -11.25
CA PRO B 250 32.61 -28.47 -12.42
C PRO B 250 31.48 -28.56 -13.42
N ALA B 251 31.84 -28.71 -14.69
CA ALA B 251 30.83 -28.82 -15.74
C ALA B 251 30.04 -30.11 -15.63
N GLU B 252 30.62 -31.17 -15.07
CA GLU B 252 29.91 -32.43 -14.91
C GLU B 252 29.02 -32.45 -13.68
N SER B 253 28.27 -31.39 -13.45
CA SER B 253 27.37 -31.29 -12.30
C SER B 253 25.98 -30.85 -12.67
N GLY B 254 25.80 -30.16 -13.79
CA GLY B 254 24.50 -29.71 -14.26
C GLY B 254 23.85 -28.63 -13.41
N GLU B 255 24.64 -27.71 -12.85
CA GLU B 255 24.09 -26.67 -11.99
C GLU B 255 24.82 -25.34 -12.16
N LYS B 256 25.76 -25.26 -13.11
CA LYS B 256 26.46 -24.01 -13.39
C LYS B 256 25.49 -22.91 -13.78
N MET B 257 24.52 -23.24 -14.62
CA MET B 257 23.61 -22.22 -15.12
C MET B 257 22.55 -21.90 -14.08
N SER B 258 22.02 -22.93 -13.41
CA SER B 258 21.02 -22.75 -12.39
C SER B 258 21.49 -21.80 -11.30
N THR B 259 22.76 -21.90 -10.91
CA THR B 259 23.27 -21.04 -9.85
C THR B 259 23.23 -19.57 -10.24
N ALA B 260 23.80 -19.24 -11.40
CA ALA B 260 23.84 -17.85 -11.82
C ALA B 260 22.47 -17.30 -12.13
N ILE B 261 21.57 -18.13 -12.66
CA ILE B 261 20.24 -17.62 -13.01
C ILE B 261 19.43 -17.36 -11.76
N SER B 262 19.59 -18.20 -10.73
CA SER B 262 18.90 -17.94 -9.48
C SER B 262 19.46 -16.70 -8.79
N VAL B 263 20.77 -16.46 -8.92
CA VAL B 263 21.32 -15.21 -8.38
C VAL B 263 20.71 -14.02 -9.10
N LEU B 264 20.44 -14.15 -10.40
CA LEU B 264 19.82 -13.05 -11.13
C LEU B 264 18.36 -12.86 -10.72
N LEU B 265 17.66 -13.95 -10.36
CA LEU B 265 16.30 -13.80 -9.86
C LEU B 265 16.27 -13.10 -8.50
N ALA B 266 17.25 -13.42 -7.63
CA ALA B 266 17.35 -12.70 -6.36
C ALA B 266 17.61 -11.22 -6.59
N GLN B 267 18.50 -10.89 -7.53
CA GLN B 267 18.73 -9.48 -7.85
C GLN B 267 17.46 -8.82 -8.39
N ALA B 268 16.66 -9.55 -9.15
CA ALA B 268 15.40 -8.96 -9.62
C ALA B 268 14.43 -8.71 -8.48
N VAL B 269 14.56 -9.46 -7.39
CA VAL B 269 13.68 -9.21 -6.25
C VAL B 269 14.16 -7.98 -5.47
N PHE B 270 15.48 -7.82 -5.37
CA PHE B 270 16.01 -6.58 -4.78
C PHE B 270 15.69 -5.36 -5.63
N LEU B 271 15.66 -5.53 -6.95
CA LEU B 271 15.25 -4.44 -7.83
C LEU B 271 13.80 -4.06 -7.59
N LEU B 272 12.92 -5.05 -7.46
CA LEU B 272 11.53 -4.77 -7.12
C LEU B 272 11.43 -4.03 -5.79
N LEU B 273 12.23 -4.42 -4.79
CA LEU B 273 12.19 -3.76 -3.49
C LEU B 273 12.67 -2.31 -3.59
N THR B 274 13.72 -2.06 -4.36
CA THR B 274 14.29 -0.72 -4.43
C THR B 274 13.40 0.23 -5.24
N SER B 275 12.78 -0.27 -6.31
CA SER B 275 11.89 0.53 -7.13
C SER B 275 10.77 1.23 -6.38
N GLN B 276 10.54 0.87 -5.12
CA GLN B 276 9.39 1.40 -4.37
C GLN B 276 9.77 2.46 -3.35
N ARG B 277 11.04 2.87 -3.30
CA ARG B 277 11.47 3.79 -2.21
C ARG B 277 11.81 5.20 -2.70
N LEU B 278 12.08 5.40 -4.00
CA LEU B 278 12.50 6.71 -4.44
C LEU B 278 11.50 7.31 -5.42
N PRO B 279 11.49 8.64 -5.56
CA PRO B 279 10.63 9.28 -6.54
C PRO B 279 11.12 9.01 -7.96
N GLU B 280 10.20 9.18 -8.92
CA GLU B 280 10.49 8.87 -10.32
C GLU B 280 11.06 10.07 -11.07
N THR B 281 11.89 10.87 -10.40
CA THR B 281 12.53 12.01 -11.01
C THR B 281 13.68 11.56 -11.89
N ALA B 282 14.16 12.46 -12.74
CA ALA B 282 15.17 12.09 -13.74
C ALA B 282 16.34 13.06 -13.76
N LEU B 283 16.75 13.56 -12.60
CA LEU B 283 17.95 14.40 -12.55
C LEU B 283 19.22 13.57 -12.45
N ALA B 284 19.13 12.37 -11.88
CA ALA B 284 20.29 11.50 -11.74
C ALA B 284 19.79 10.09 -11.43
N VAL B 285 20.71 9.15 -11.51
CA VAL B 285 20.44 7.75 -11.14
C VAL B 285 20.96 7.56 -9.72
N PRO B 286 20.12 7.14 -8.78
CA PRO B 286 20.60 6.88 -7.41
C PRO B 286 21.75 5.88 -7.38
N LEU B 287 22.68 6.11 -6.45
CA LEU B 287 23.81 5.21 -6.26
C LEU B 287 23.39 3.75 -6.15
N ILE B 288 22.21 3.51 -5.57
CA ILE B 288 21.73 2.15 -5.41
C ILE B 288 21.29 1.57 -6.76
N GLY B 289 20.60 2.37 -7.57
CA GLY B 289 20.25 1.92 -8.91
C GLY B 289 21.46 1.73 -9.80
N LYS B 290 22.50 2.54 -9.61
CA LYS B 290 23.72 2.37 -10.39
C LYS B 290 24.39 1.05 -10.05
N TYR B 291 24.44 0.73 -8.76
CA TYR B 291 24.98 -0.56 -8.35
C TYR B 291 24.13 -1.70 -8.89
N LEU B 292 22.81 -1.56 -8.84
CA LEU B 292 21.92 -2.61 -9.31
C LEU B 292 22.14 -2.89 -10.79
N MET B 293 22.21 -1.84 -11.62
CA MET B 293 22.39 -2.08 -13.05
C MET B 293 23.77 -2.65 -13.34
N PHE B 294 24.78 -2.24 -12.57
CA PHE B 294 26.11 -2.75 -12.82
C PHE B 294 26.21 -4.23 -12.43
N ILE B 295 25.61 -4.60 -11.30
CA ILE B 295 25.71 -5.97 -10.83
C ILE B 295 24.83 -6.90 -11.66
N MET B 296 23.66 -6.43 -12.10
CA MET B 296 22.82 -7.27 -12.95
C MET B 296 23.43 -7.47 -14.32
N SER B 297 24.21 -6.49 -14.81
CA SER B 297 24.82 -6.70 -16.11
C SER B 297 26.05 -7.59 -16.00
N LEU B 298 26.70 -7.60 -14.83
CA LEU B 298 27.80 -8.55 -14.68
C LEU B 298 27.30 -9.96 -14.46
N VAL B 299 26.16 -10.13 -13.79
CA VAL B 299 25.61 -11.46 -13.64
C VAL B 299 25.12 -12.00 -14.98
N THR B 300 24.46 -11.15 -15.78
CA THR B 300 24.11 -11.56 -17.15
C THR B 300 25.35 -11.97 -17.94
N GLY B 301 26.46 -11.25 -17.78
CA GLY B 301 27.68 -11.64 -18.46
C GLY B 301 28.25 -12.96 -17.96
N VAL B 302 28.06 -13.25 -16.67
CA VAL B 302 28.50 -14.54 -16.14
C VAL B 302 27.66 -15.66 -16.72
N ILE B 303 26.34 -15.46 -16.81
CA ILE B 303 25.47 -16.46 -17.42
C ILE B 303 25.88 -16.74 -18.86
N VAL B 304 26.19 -15.70 -19.63
CA VAL B 304 26.58 -15.91 -21.02
C VAL B 304 27.92 -16.65 -21.09
N ASN B 305 28.84 -16.30 -20.20
CA ASN B 305 30.16 -16.92 -20.22
C ASN B 305 30.07 -18.39 -19.81
N CYS B 306 29.19 -18.71 -18.86
CA CYS B 306 28.98 -20.11 -18.49
C CYS B 306 28.35 -20.89 -19.63
N GLY B 307 27.43 -20.26 -20.38
CA GLY B 307 26.88 -20.94 -21.55
C GLY B 307 27.94 -21.21 -22.60
N ILE B 308 28.97 -20.38 -22.66
CA ILE B 308 30.02 -20.60 -23.65
C ILE B 308 30.97 -21.70 -23.18
N VAL B 309 31.27 -21.71 -21.88
CA VAL B 309 32.06 -22.82 -21.32
C VAL B 309 31.37 -24.15 -21.57
N LEU B 310 30.06 -24.21 -21.34
CA LEU B 310 29.31 -25.43 -21.59
C LEU B 310 29.37 -25.84 -23.06
N ASN B 311 29.08 -24.88 -23.97
CA ASN B 311 29.17 -25.14 -25.39
C ASN B 311 30.51 -25.76 -25.77
N PHE B 312 31.60 -25.27 -25.17
CA PHE B 312 32.91 -25.82 -25.51
C PHE B 312 33.13 -27.16 -24.85
N HIS B 313 32.52 -27.39 -23.69
CA HIS B 313 32.72 -28.64 -22.96
C HIS B 313 32.07 -29.81 -23.69
N PHE B 314 30.93 -29.60 -24.33
CA PHE B 314 30.18 -30.72 -24.91
C PHE B 314 30.46 -30.94 -26.40
N ARG B 315 31.67 -30.61 -26.87
CA ARG B 315 32.03 -30.84 -28.27
C ARG B 315 32.63 -32.23 -28.43
N THR B 316 32.36 -32.85 -29.59
CA THR B 316 32.81 -34.21 -29.87
C THR B 316 33.33 -34.30 -31.29
N PRO B 317 34.28 -35.22 -31.55
CA PRO B 317 34.81 -35.39 -32.91
C PRO B 317 33.77 -35.52 -34.01
N SER B 318 32.53 -35.84 -33.66
CA SER B 318 31.50 -36.05 -34.67
C SER B 318 30.81 -34.76 -35.10
N THR B 319 31.10 -33.64 -34.43
CA THR B 319 30.42 -32.39 -34.71
C THR B 319 31.38 -31.23 -34.90
N HIS B 320 32.57 -31.31 -34.32
CA HIS B 320 33.52 -30.21 -34.34
C HIS B 320 34.93 -30.73 -34.54
N VAL B 321 35.83 -29.81 -34.92
CA VAL B 321 37.24 -30.12 -35.12
C VAL B 321 38.05 -29.35 -34.09
N LEU B 322 39.05 -30.03 -33.50
CA LEU B 322 39.97 -29.40 -32.56
C LEU B 322 41.10 -28.76 -33.35
N SER B 323 40.97 -27.45 -33.59
CA SER B 323 42.02 -26.71 -34.28
C SER B 323 43.36 -26.80 -33.55
N THR B 324 44.44 -26.74 -34.34
CA THR B 324 45.75 -26.67 -33.73
C THR B 324 45.96 -25.30 -33.10
N ARG B 325 45.28 -24.29 -33.63
CA ARG B 325 45.35 -22.96 -33.02
C ARG B 325 44.71 -22.99 -31.64
N VAL B 326 43.46 -23.49 -31.55
CA VAL B 326 42.76 -23.51 -30.27
C VAL B 326 43.50 -24.41 -29.30
N LYS B 327 44.25 -25.38 -29.81
CA LYS B 327 45.07 -26.20 -28.92
C LYS B 327 46.34 -25.48 -28.51
N GLN B 328 46.80 -24.51 -29.30
CA GLN B 328 47.92 -23.68 -28.88
C GLN B 328 47.52 -22.72 -27.77
N ILE B 329 46.36 -22.08 -27.90
CA ILE B 329 45.99 -21.09 -26.88
C ILE B 329 45.47 -21.76 -25.62
N PHE B 330 44.42 -22.56 -25.73
CA PHE B 330 43.74 -23.05 -24.53
C PHE B 330 44.35 -24.29 -23.89
N LEU B 331 45.52 -24.78 -24.31
CA LEU B 331 46.02 -26.00 -23.69
C LEU B 331 47.44 -25.94 -23.15
N GLU B 332 48.28 -24.96 -23.53
CA GLU B 332 49.61 -24.97 -22.92
C GLU B 332 50.00 -23.60 -22.38
N LYS B 333 49.68 -22.53 -23.10
CA LYS B 333 50.15 -21.21 -22.70
C LYS B 333 49.25 -20.59 -21.63
N LEU B 334 47.94 -20.54 -21.87
CA LEU B 334 47.07 -19.97 -20.85
C LEU B 334 47.20 -20.74 -19.54
N PRO B 335 47.07 -22.07 -19.50
CA PRO B 335 47.25 -22.78 -18.21
C PRO B 335 48.52 -22.40 -17.47
N ARG B 336 49.66 -22.27 -18.18
CA ARG B 336 50.88 -21.93 -17.48
C ARG B 336 50.81 -20.50 -16.95
N ILE B 337 50.14 -19.61 -17.67
CA ILE B 337 50.07 -18.22 -17.23
C ILE B 337 49.17 -18.10 -16.01
N LEU B 338 48.01 -18.75 -16.05
CA LEU B 338 47.08 -18.80 -14.94
C LEU B 338 47.57 -19.70 -13.81
N HIS B 339 48.70 -20.38 -13.98
CA HIS B 339 49.30 -21.24 -12.95
C HIS B 339 48.34 -22.33 -12.47
N MET B 340 47.91 -23.16 -13.42
CA MET B 340 46.92 -24.18 -13.14
C MET B 340 47.62 -25.51 -12.90
N SER B 341 46.95 -26.39 -12.13
CA SER B 341 47.52 -27.70 -11.80
C SER B 341 47.94 -28.44 -13.06
N ARG B 342 49.16 -28.99 -13.02
CA ARG B 342 49.81 -29.67 -14.15
C ARG B 342 49.28 -29.30 -15.54
N HIS B 416 39.38 -75.35 -39.95
CA HIS B 416 40.36 -74.28 -40.14
C HIS B 416 39.70 -72.91 -40.10
N ASP B 417 38.87 -72.64 -41.11
CA ASP B 417 38.15 -71.38 -41.25
C ASP B 417 37.59 -70.85 -39.93
N GLU B 418 37.00 -71.73 -39.11
CA GLU B 418 36.45 -71.31 -37.82
C GLU B 418 37.44 -70.45 -37.07
N ILE B 419 38.69 -70.92 -36.97
CA ILE B 419 39.73 -70.15 -36.29
C ILE B 419 39.80 -68.76 -36.89
N LYS B 420 40.15 -68.67 -38.18
CA LYS B 420 40.23 -67.40 -38.89
C LYS B 420 39.08 -66.47 -38.55
N SER B 421 37.88 -67.03 -38.44
CA SER B 421 36.70 -66.24 -38.13
C SER B 421 36.80 -65.63 -36.75
N GLY B 422 37.13 -66.45 -35.74
CA GLY B 422 37.34 -65.90 -34.41
C GLY B 422 38.50 -64.93 -34.35
N ILE B 423 39.58 -65.24 -35.07
CA ILE B 423 40.78 -64.42 -35.12
C ILE B 423 40.50 -63.09 -35.79
N ASP B 424 39.45 -62.98 -36.60
CA ASP B 424 39.15 -61.72 -37.25
C ASP B 424 38.02 -60.97 -36.57
N SER B 425 37.25 -61.65 -35.73
CA SER B 425 36.28 -60.91 -34.94
C SER B 425 36.95 -60.36 -33.69
N THR B 426 38.03 -60.98 -33.24
CA THR B 426 38.81 -60.39 -32.17
C THR B 426 39.51 -59.12 -32.65
N ASN B 427 40.01 -59.12 -33.90
CA ASN B 427 40.57 -57.90 -34.46
C ASN B 427 39.51 -56.82 -34.61
N TYR B 428 38.32 -57.19 -35.10
CA TYR B 428 37.24 -56.20 -35.15
C TYR B 428 36.96 -55.58 -33.78
N ILE B 429 37.06 -56.40 -32.72
CA ILE B 429 36.81 -55.88 -31.37
C ILE B 429 37.91 -54.93 -30.95
N VAL B 430 39.17 -55.35 -31.13
CA VAL B 430 40.32 -54.51 -30.80
C VAL B 430 40.22 -53.17 -31.52
N LYS B 431 39.88 -53.21 -32.81
CA LYS B 431 39.76 -51.98 -33.58
C LYS B 431 38.68 -51.06 -33.02
N GLN B 432 37.48 -51.60 -32.76
CA GLN B 432 36.43 -50.77 -32.19
C GLN B 432 36.86 -50.15 -30.86
N ILE B 433 37.68 -50.86 -30.08
CA ILE B 433 38.12 -50.33 -28.80
C ILE B 433 39.13 -49.20 -29.00
N LYS B 434 40.20 -49.48 -29.76
CA LYS B 434 41.18 -48.45 -30.10
C LYS B 434 40.54 -47.24 -30.77
N GLU B 435 39.32 -47.39 -31.29
CA GLU B 435 38.69 -46.26 -31.97
C GLU B 435 37.72 -45.51 -31.06
N LYS B 436 37.24 -46.14 -30.00
CA LYS B 436 36.50 -45.38 -29.00
C LYS B 436 37.45 -44.64 -28.05
N ASN B 437 38.64 -45.19 -27.83
CA ASN B 437 39.61 -44.53 -26.95
C ASN B 437 40.05 -43.18 -27.53
N ALA B 438 40.22 -43.10 -28.85
CA ALA B 438 40.57 -41.85 -29.50
C ALA B 438 39.51 -40.78 -29.24
N TYR B 439 38.28 -41.05 -29.66
CA TYR B 439 37.11 -40.21 -29.40
C TYR B 439 37.07 -39.73 -27.95
N ASP B 440 37.47 -40.61 -27.02
CA ASP B 440 37.41 -40.24 -25.62
C ASP B 440 38.56 -39.30 -25.25
N GLU B 441 39.72 -39.50 -25.86
CA GLU B 441 40.84 -38.59 -25.64
C GLU B 441 40.49 -37.19 -26.12
N GLU B 442 39.89 -37.09 -27.32
CA GLU B 442 39.52 -35.77 -27.83
C GLU B 442 38.40 -35.13 -27.01
N VAL B 443 37.58 -35.94 -26.33
CA VAL B 443 36.57 -35.32 -25.48
C VAL B 443 37.20 -34.83 -24.18
N GLY B 444 38.27 -35.48 -23.74
CA GLY B 444 39.01 -34.97 -22.60
C GLY B 444 39.72 -33.66 -22.93
N ASN B 445 40.24 -33.55 -24.16
CA ASN B 445 40.84 -32.29 -24.57
C ASN B 445 39.80 -31.17 -24.60
N TRP B 446 38.59 -31.46 -25.06
CA TRP B 446 37.56 -30.41 -25.05
C TRP B 446 37.19 -30.02 -23.61
N ASN B 447 37.33 -30.98 -22.69
CA ASN B 447 37.02 -30.67 -21.29
C ASN B 447 38.08 -29.75 -20.69
N LEU B 448 39.35 -29.99 -21.05
CA LEU B 448 40.41 -29.11 -20.56
C LEU B 448 40.29 -27.71 -21.16
N VAL B 449 39.92 -27.62 -22.44
CA VAL B 449 39.68 -26.31 -23.05
C VAL B 449 38.62 -25.54 -22.27
N GLY B 450 37.54 -26.22 -21.87
CA GLY B 450 36.51 -25.53 -21.12
C GLY B 450 36.96 -25.14 -19.72
N GLN B 451 37.80 -25.97 -19.08
CA GLN B 451 38.30 -25.62 -17.76
C GLN B 451 39.24 -24.43 -17.82
N THR B 452 39.92 -24.25 -18.95
CA THR B 452 40.82 -23.11 -19.08
C THR B 452 40.05 -21.82 -19.33
N ILE B 453 39.06 -21.87 -20.22
CA ILE B 453 38.22 -20.69 -20.40
C ILE B 453 37.52 -20.34 -19.09
N ASP B 454 37.33 -21.30 -18.21
CA ASP B 454 36.60 -21.02 -16.98
C ASP B 454 37.52 -20.37 -15.95
N ARG B 455 38.74 -20.88 -15.80
CA ARG B 455 39.71 -20.22 -14.92
C ARG B 455 39.98 -18.79 -15.36
N LEU B 456 40.03 -18.56 -16.67
CA LEU B 456 40.26 -17.20 -17.17
C LEU B 456 39.08 -16.29 -16.84
N SER B 457 37.86 -16.77 -17.12
CA SER B 457 36.69 -15.97 -16.80
C SER B 457 36.61 -15.65 -15.32
N MET B 458 37.16 -16.52 -14.47
CA MET B 458 37.16 -16.21 -13.05
C MET B 458 38.15 -15.09 -12.75
N PHE B 459 39.40 -15.28 -13.17
CA PHE B 459 40.46 -14.29 -12.92
C PHE B 459 40.20 -12.95 -13.60
N ILE B 460 39.12 -12.84 -14.37
CA ILE B 460 38.75 -11.57 -14.97
C ILE B 460 37.47 -11.00 -14.35
N ILE B 461 36.46 -11.82 -14.12
CA ILE B 461 35.19 -11.30 -13.62
C ILE B 461 35.29 -10.95 -12.13
N THR B 462 35.88 -11.84 -11.32
CA THR B 462 35.90 -11.60 -9.88
C THR B 462 36.52 -10.27 -9.47
N PRO B 463 37.71 -9.88 -9.96
CA PRO B 463 38.26 -8.57 -9.59
C PRO B 463 37.35 -7.41 -9.92
N VAL B 464 36.79 -7.38 -11.13
CA VAL B 464 35.93 -6.28 -11.53
C VAL B 464 34.73 -6.17 -10.59
N MET B 465 34.21 -7.30 -10.14
CA MET B 465 33.02 -7.27 -9.30
C MET B 465 33.35 -6.76 -7.90
N VAL B 466 34.48 -7.20 -7.34
CA VAL B 466 34.83 -6.79 -6.00
C VAL B 466 35.22 -5.31 -5.98
N LEU B 467 36.08 -4.92 -6.93
CA LEU B 467 36.54 -3.54 -6.98
C LEU B 467 35.40 -2.57 -7.30
N GLY B 468 34.49 -2.96 -8.20
CA GLY B 468 33.36 -2.09 -8.47
C GLY B 468 32.44 -1.92 -7.28
N THR B 469 32.22 -2.99 -6.51
CA THR B 469 31.37 -2.85 -5.33
C THR B 469 32.03 -1.93 -4.31
N ILE B 470 33.31 -2.20 -4.00
CA ILE B 470 34.04 -1.37 -3.05
C ILE B 470 34.02 0.10 -3.47
N PHE B 471 34.43 0.39 -4.71
CA PHE B 471 34.43 1.75 -5.21
C PHE B 471 33.06 2.41 -5.06
N ILE B 472 32.02 1.80 -5.62
CA ILE B 472 30.69 2.41 -5.60
C ILE B 472 30.26 2.74 -4.18
N PHE B 473 30.55 1.86 -3.22
CA PHE B 473 30.03 2.14 -1.88
C PHE B 473 30.93 3.04 -1.05
N VAL B 474 32.24 3.02 -1.27
CA VAL B 474 33.11 3.96 -0.57
C VAL B 474 32.83 5.38 -1.05
N MET B 475 32.62 5.55 -2.36
CA MET B 475 32.24 6.85 -2.90
C MET B 475 31.02 7.42 -2.19
N GLY B 476 30.04 6.57 -1.90
CA GLY B 476 28.85 7.05 -1.20
C GLY B 476 29.10 7.27 0.27
N ASN B 477 30.02 6.51 0.86
CA ASN B 477 30.34 6.67 2.26
C ASN B 477 31.05 8.00 2.53
N PHE B 478 31.80 8.51 1.54
CA PHE B 478 32.52 9.76 1.70
C PHE B 478 31.71 10.99 1.31
N ASN B 479 30.39 10.86 1.12
CA ASN B 479 29.52 11.99 0.79
C ASN B 479 29.03 12.68 2.07
N HIS B 480 29.76 13.71 2.49
CA HIS B 480 29.40 14.46 3.69
C HIS B 480 28.90 15.85 3.33
N PRO B 481 27.99 16.42 4.12
CA PRO B 481 27.61 17.82 3.92
C PRO B 481 28.82 18.72 3.96
N PRO B 482 28.77 19.86 3.26
CA PRO B 482 29.97 20.70 3.07
C PRO B 482 30.59 21.35 4.29
N ALA B 483 30.00 21.16 5.48
CA ALA B 483 30.54 21.67 6.73
C ALA B 483 30.42 23.18 6.88
N LYS B 484 30.01 23.87 5.83
CA LYS B 484 29.65 25.28 5.93
C LYS B 484 28.32 25.48 5.22
N PRO B 485 27.32 26.09 5.88
CA PRO B 485 25.99 26.22 5.26
C PRO B 485 25.95 26.84 3.86
N PHE B 486 26.62 27.97 3.65
CA PHE B 486 26.65 28.65 2.36
C PHE B 486 28.07 28.68 1.81
N GLU B 487 28.23 28.34 0.53
CA GLU B 487 29.56 28.22 -0.07
C GLU B 487 30.38 29.49 0.08
N GLY B 488 29.86 30.62 -0.39
CA GLY B 488 30.64 31.83 -0.33
C GLY B 488 30.37 32.62 0.93
N ASP B 489 30.70 32.04 2.09
CA ASP B 489 30.43 32.68 3.36
C ASP B 489 31.23 31.96 4.44
N PRO B 490 32.08 32.67 5.19
CA PRO B 490 32.80 32.02 6.29
C PRO B 490 31.97 31.77 7.54
N PHE B 491 30.81 32.40 7.70
CA PHE B 491 30.04 32.27 8.91
C PHE B 491 29.53 30.84 9.08
N ASP B 492 29.33 30.43 10.34
CA ASP B 492 28.84 29.10 10.64
C ASP B 492 27.36 29.04 11.00
N TYR B 493 26.72 30.20 11.19
CA TYR B 493 25.30 30.28 11.53
C TYR B 493 24.96 29.34 12.68
N SER B 494 25.80 29.36 13.70
CA SER B 494 25.66 28.49 14.85
C SER B 494 25.20 29.29 16.07
N SER B 495 24.41 28.65 16.93
CA SER B 495 23.89 29.31 18.11
C SER B 495 24.98 29.59 19.12
N ASP B 496 26.10 28.86 19.06
CA ASP B 496 27.19 29.03 20.00
C ASP B 496 28.10 30.20 19.67
N HIS B 497 28.02 30.76 18.45
CA HIS B 497 28.90 31.85 18.04
C HIS B 497 28.14 32.91 17.25
N PRO B 498 27.42 33.78 17.93
CA PRO B 498 26.76 34.91 17.25
C PRO B 498 27.75 35.96 16.76
N ARG B 499 27.37 36.68 15.71
CA ARG B 499 28.29 37.63 15.03
C ARG B 499 28.50 38.90 15.84
N CYS B 500 27.42 39.51 16.33
CA CYS B 500 27.51 40.76 17.08
C CYS B 500 27.26 40.54 18.57
N SER C 1 -3.42 54.96 11.88
CA SER C 1 -3.58 56.23 11.17
C SER C 1 -5.02 56.70 11.26
N VAL C 2 -5.21 57.94 11.70
CA VAL C 2 -6.56 58.50 11.81
C VAL C 2 -7.13 58.80 10.43
N MET C 3 -6.29 59.27 9.50
CA MET C 3 -6.79 59.63 8.18
C MET C 3 -7.18 58.40 7.38
N GLU C 4 -6.57 57.26 7.67
CA GLU C 4 -6.94 56.03 6.98
C GLU C 4 -8.26 55.52 7.53
N ASP C 5 -8.45 55.59 8.85
CA ASP C 5 -9.73 55.19 9.42
C ASP C 5 -10.85 56.06 8.87
N THR C 6 -10.60 57.36 8.76
CA THR C 6 -11.61 58.27 8.19
C THR C 6 -11.93 57.90 6.74
N LEU C 7 -10.90 57.63 5.94
CA LEU C 7 -11.13 57.28 4.55
C LEU C 7 -11.92 55.98 4.41
N LEU C 8 -11.59 54.97 5.22
CA LEU C 8 -12.33 53.71 5.18
C LEU C 8 -13.78 53.91 5.59
N SER C 9 -14.02 54.67 6.66
CA SER C 9 -15.39 54.94 7.08
C SER C 9 -16.17 55.64 5.98
N VAL C 10 -15.53 56.59 5.29
CA VAL C 10 -16.21 57.27 4.18
C VAL C 10 -16.55 56.28 3.07
N LEU C 11 -15.57 55.48 2.63
CA LEU C 11 -15.80 54.57 1.51
C LEU C 11 -16.90 53.57 1.82
N PHE C 12 -16.78 52.83 2.92
CA PHE C 12 -17.71 51.74 3.20
C PHE C 12 -18.90 52.16 4.07
N GLU C 13 -19.54 53.28 3.73
CA GLU C 13 -20.68 53.73 4.52
C GLU C 13 -21.99 53.11 4.05
N THR C 14 -22.17 52.97 2.74
CA THR C 14 -23.33 52.33 2.14
C THR C 14 -22.92 51.30 1.09
N TYR C 15 -21.64 50.95 1.05
CA TYR C 15 -21.13 49.98 0.09
C TYR C 15 -21.68 48.59 0.37
N ASN C 16 -22.25 47.95 -0.65
CA ASN C 16 -22.73 46.58 -0.55
C ASN C 16 -21.87 45.67 -1.40
N PRO C 17 -21.07 44.77 -0.82
CA PRO C 17 -20.22 43.88 -1.62
C PRO C 17 -20.98 42.80 -2.38
N LYS C 18 -22.29 42.71 -2.23
CA LYS C 18 -23.06 41.72 -3.02
C LYS C 18 -23.38 42.24 -4.42
N VAL C 19 -23.50 43.57 -4.59
CA VAL C 19 -23.92 44.17 -5.90
C VAL C 19 -22.71 44.35 -6.82
N ARG C 20 -22.80 43.89 -8.06
CA ARG C 20 -21.79 44.07 -9.09
C ARG C 20 -21.68 45.55 -9.47
N PRO C 21 -20.50 46.33 -9.49
CA PRO C 21 -20.41 47.77 -9.72
C PRO C 21 -20.67 48.20 -11.17
N ALA C 22 -21.96 48.35 -11.53
CA ALA C 22 -22.31 48.84 -12.88
C ALA C 22 -22.86 50.26 -12.76
N GLN C 23 -22.05 51.28 -13.07
CA GLN C 23 -22.48 52.65 -12.89
C GLN C 23 -23.81 52.93 -13.58
N THR C 24 -23.99 52.38 -14.78
CA THR C 24 -25.23 52.51 -15.53
C THR C 24 -25.81 51.13 -15.78
N VAL C 25 -27.13 51.02 -15.70
CA VAL C 25 -27.80 49.75 -15.95
C VAL C 25 -27.50 49.30 -17.38
N GLY C 26 -26.78 48.19 -17.50
CA GLY C 26 -26.38 47.65 -18.79
C GLY C 26 -24.89 47.55 -18.98
N ASP C 27 -24.09 48.21 -18.15
CA ASP C 27 -22.64 48.18 -18.28
C ASP C 27 -22.08 46.82 -17.90
N LYS C 28 -20.92 46.51 -18.46
CA LYS C 28 -20.19 45.30 -18.14
C LYS C 28 -18.90 45.65 -17.43
N VAL C 29 -18.43 44.73 -16.60
CA VAL C 29 -17.17 44.88 -15.88
C VAL C 29 -16.09 44.12 -16.61
N THR C 30 -14.91 44.71 -16.73
CA THR C 30 -13.78 44.11 -17.43
C THR C 30 -12.84 43.51 -16.40
N VAL C 31 -12.65 42.19 -16.47
CA VAL C 31 -11.79 41.46 -15.56
C VAL C 31 -10.62 40.90 -16.35
N ARG C 32 -9.41 41.17 -15.87
CA ARG C 32 -8.19 40.65 -16.48
C ARG C 32 -7.70 39.47 -15.67
N VAL C 33 -7.57 38.32 -16.33
CA VAL C 33 -7.24 37.06 -15.69
C VAL C 33 -5.84 36.66 -16.13
N GLY C 34 -4.89 36.68 -15.19
CA GLY C 34 -3.57 36.13 -15.41
C GLY C 34 -3.30 34.98 -14.46
N LEU C 35 -2.16 34.32 -14.68
CA LEU C 35 -1.77 33.21 -13.81
C LEU C 35 -0.25 33.19 -13.68
N THR C 36 0.22 33.01 -12.45
CA THR C 36 1.65 32.82 -12.17
C THR C 36 1.83 31.44 -11.56
N LEU C 37 2.61 30.60 -12.22
CA LEU C 37 2.90 29.25 -11.72
C LEU C 37 4.09 29.29 -10.79
N THR C 38 3.90 28.83 -9.56
CA THR C 38 4.95 28.74 -8.57
C THR C 38 5.59 27.36 -8.50
N ASN C 39 4.78 26.31 -8.65
CA ASN C 39 5.31 24.95 -8.65
C ASN C 39 4.28 24.02 -9.27
N LEU C 40 4.71 23.24 -10.25
CA LEU C 40 3.91 22.13 -10.77
C LEU C 40 4.27 20.92 -9.91
N LEU C 41 3.33 20.49 -9.07
CA LEU C 41 3.63 19.53 -8.02
C LEU C 41 3.58 18.08 -8.48
N ILE C 42 2.49 17.67 -9.13
CA ILE C 42 2.29 16.26 -9.47
C ILE C 42 1.34 16.18 -10.66
N LEU C 43 1.48 15.11 -11.43
CA LEU C 43 0.60 14.77 -12.54
C LEU C 43 0.18 13.30 -12.39
N ASN C 44 -0.48 13.00 -11.27
CA ASN C 44 -0.92 11.64 -10.98
C ASN C 44 -1.67 11.04 -12.17
N GLU C 45 -1.17 9.90 -12.66
CA GLU C 45 -1.74 9.26 -13.83
C GLU C 45 -2.81 8.22 -13.47
N LYS C 46 -2.97 7.90 -12.20
CA LYS C 46 -3.96 6.91 -11.79
C LYS C 46 -5.32 7.53 -11.53
N ILE C 47 -5.39 8.85 -11.41
CA ILE C 47 -6.64 9.56 -11.22
C ILE C 47 -6.82 10.69 -12.23
N GLU C 48 -5.87 10.87 -13.14
CA GLU C 48 -5.89 11.92 -14.16
C GLU C 48 -6.07 13.30 -13.53
N GLU C 49 -5.10 13.65 -12.68
CA GLU C 49 -5.15 14.88 -11.90
C GLU C 49 -3.80 15.58 -11.93
N MET C 50 -3.85 16.89 -11.76
CA MET C 50 -2.68 17.75 -11.82
C MET C 50 -2.77 18.79 -10.72
N THR C 51 -1.77 18.81 -9.84
CA THR C 51 -1.75 19.68 -8.67
C THR C 51 -0.70 20.77 -8.90
N THR C 52 -1.10 22.02 -8.71
CA THR C 52 -0.22 23.15 -8.95
C THR C 52 -0.39 24.19 -7.85
N ASN C 53 0.71 24.87 -7.52
CA ASN C 53 0.71 26.04 -6.66
C ASN C 53 0.77 27.26 -7.56
N VAL C 54 -0.19 28.18 -7.41
CA VAL C 54 -0.34 29.27 -8.37
C VAL C 54 -0.84 30.54 -7.68
N PHE C 55 -0.53 31.68 -8.30
CA PHE C 55 -1.15 32.97 -7.99
C PHE C 55 -2.08 33.33 -9.14
N LEU C 56 -3.35 33.56 -8.84
CA LEU C 56 -4.21 34.24 -9.77
C LEU C 56 -3.90 35.73 -9.77
N ASN C 57 -4.01 36.36 -10.94
CA ASN C 57 -3.75 37.80 -11.08
C ASN C 57 -4.99 38.45 -11.69
N LEU C 58 -5.87 38.95 -10.84
CA LEU C 58 -7.13 39.55 -11.26
C LEU C 58 -7.08 41.06 -11.12
N ALA C 59 -7.75 41.74 -12.04
CA ALA C 59 -7.82 43.20 -12.03
C ALA C 59 -9.15 43.66 -12.59
N TRP C 60 -9.76 44.65 -11.93
CA TRP C 60 -11.03 45.20 -12.36
C TRP C 60 -11.18 46.59 -11.76
N THR C 61 -12.24 47.29 -12.15
CA THR C 61 -12.50 48.64 -11.69
C THR C 61 -13.84 48.70 -10.98
N ASP C 62 -13.85 49.33 -9.80
CA ASP C 62 -15.05 49.56 -9.01
C ASP C 62 -15.20 51.07 -8.84
N TYR C 63 -16.12 51.67 -9.60
CA TYR C 63 -16.29 53.13 -9.55
C TYR C 63 -16.62 53.63 -8.15
N ARG C 64 -17.03 52.75 -7.24
CA ARG C 64 -17.44 53.17 -5.91
C ARG C 64 -16.26 53.39 -4.98
N LEU C 65 -15.11 52.81 -5.28
CA LEU C 65 -13.92 52.96 -4.45
C LEU C 65 -12.98 54.01 -5.01
N GLN C 66 -13.47 55.25 -5.06
CA GLN C 66 -12.72 56.40 -5.55
C GLN C 66 -12.67 57.48 -4.48
N TRP C 67 -11.62 58.30 -4.54
CA TRP C 67 -11.44 59.38 -3.58
C TRP C 67 -10.36 60.31 -4.10
N ASP C 68 -10.37 61.54 -3.60
CA ASP C 68 -9.36 62.53 -3.95
C ASP C 68 -8.22 62.43 -2.94
N PRO C 69 -7.00 62.06 -3.36
CA PRO C 69 -5.91 61.93 -2.39
C PRO C 69 -5.57 63.23 -1.68
N ALA C 70 -5.82 64.38 -2.28
CA ALA C 70 -5.48 65.65 -1.66
C ALA C 70 -6.33 65.94 -0.43
N ALA C 71 -7.53 65.36 -0.34
CA ALA C 71 -8.39 65.56 0.81
C ALA C 71 -8.07 64.61 1.95
N TYR C 72 -7.15 63.67 1.76
CA TYR C 72 -6.81 62.69 2.78
C TYR C 72 -5.30 62.65 3.03
N GLU C 73 -4.64 63.81 2.87
CA GLU C 73 -3.22 63.98 3.14
C GLU C 73 -2.33 63.10 2.27
N GLY C 74 -2.74 62.85 1.04
CA GLY C 74 -1.88 62.18 0.09
C GLY C 74 -1.91 60.67 0.09
N ILE C 75 -2.97 60.06 0.61
CA ILE C 75 -3.11 58.60 0.53
C ILE C 75 -3.57 58.23 -0.87
N LYS C 76 -2.81 57.37 -1.54
CA LYS C 76 -3.08 57.02 -2.92
C LYS C 76 -3.44 55.57 -3.14
N ASP C 77 -3.23 54.69 -2.16
CA ASP C 77 -3.58 53.28 -2.28
C ASP C 77 -3.99 52.77 -0.91
N LEU C 78 -4.73 51.67 -0.90
CA LEU C 78 -5.24 51.08 0.32
C LEU C 78 -5.23 49.57 0.23
N ARG C 79 -4.78 48.90 1.29
CA ARG C 79 -4.82 47.45 1.38
C ARG C 79 -6.04 47.08 2.24
N ILE C 80 -7.00 46.41 1.64
CA ILE C 80 -8.29 46.15 2.27
C ILE C 80 -8.54 44.65 2.30
N PRO C 81 -9.02 44.08 3.40
CA PRO C 81 -9.36 42.66 3.40
C PRO C 81 -10.32 42.32 2.27
N SER C 82 -10.07 41.18 1.63
CA SER C 82 -10.78 40.82 0.41
C SER C 82 -12.27 40.59 0.62
N SER C 83 -12.70 40.30 1.84
CA SER C 83 -14.10 40.00 2.09
C SER C 83 -14.98 41.24 2.16
N ASP C 84 -14.40 42.44 2.13
CA ASP C 84 -15.18 43.66 2.25
C ASP C 84 -15.57 44.26 0.92
N VAL C 85 -14.93 43.86 -0.17
CA VAL C 85 -15.23 44.43 -1.48
C VAL C 85 -15.93 43.38 -2.33
N TRP C 86 -16.57 43.86 -3.39
CA TRP C 86 -17.16 42.98 -4.39
C TRP C 86 -16.05 42.34 -5.22
N GLN C 87 -16.13 41.02 -5.41
CA GLN C 87 -15.17 40.37 -6.27
C GLN C 87 -15.87 39.44 -7.25
N PRO C 88 -15.37 39.35 -8.48
CA PRO C 88 -15.95 38.39 -9.42
C PRO C 88 -15.64 36.97 -8.97
N ASP C 89 -16.54 36.05 -9.29
CA ASP C 89 -16.43 34.69 -8.79
C ASP C 89 -15.58 33.84 -9.74
N ILE C 90 -14.33 34.26 -9.92
CA ILE C 90 -13.43 33.54 -10.81
C ILE C 90 -12.99 32.25 -10.13
N VAL C 91 -13.28 31.11 -10.77
CA VAL C 91 -13.04 29.80 -10.19
C VAL C 91 -12.42 28.90 -11.24
N LEU C 92 -11.83 27.80 -10.77
CA LEU C 92 -11.35 26.76 -11.65
C LEU C 92 -12.50 25.82 -11.98
N MET C 93 -12.92 25.78 -13.24
CA MET C 93 -14.10 25.01 -13.60
C MET C 93 -13.81 23.54 -13.84
N ASN C 94 -12.58 23.18 -14.21
CA ASN C 94 -12.27 21.78 -14.49
C ASN C 94 -11.46 21.15 -13.36
N ASN C 95 -11.82 21.46 -12.12
CA ASN C 95 -11.15 20.85 -10.98
C ASN C 95 -11.59 19.40 -10.84
N ASN C 96 -10.74 18.61 -10.20
CA ASN C 96 -11.01 17.18 -10.05
C ASN C 96 -11.61 16.83 -8.69
N ASP C 97 -11.22 17.54 -7.64
CA ASP C 97 -11.94 17.51 -6.37
C ASP C 97 -13.13 18.45 -6.48
N GLY C 98 -13.74 18.83 -5.38
CA GLY C 98 -14.82 19.78 -5.48
C GLY C 98 -14.44 21.19 -5.05
N SER C 99 -13.20 21.58 -5.27
CA SER C 99 -12.67 22.87 -4.81
C SER C 99 -12.59 23.83 -6.00
N PHE C 100 -13.63 24.65 -6.15
CA PHE C 100 -13.66 25.65 -7.21
C PHE C 100 -12.84 26.89 -6.84
N GLU C 101 -13.03 27.41 -5.64
CA GLU C 101 -12.49 28.67 -5.18
C GLU C 101 -11.02 28.56 -4.75
N ILE C 102 -10.42 29.74 -4.55
CA ILE C 102 -9.04 29.92 -4.10
C ILE C 102 -8.88 29.48 -2.64
N THR C 103 -7.63 29.38 -2.19
CA THR C 103 -7.32 28.99 -0.82
C THR C 103 -6.98 30.18 0.08
N LEU C 104 -6.03 31.03 -0.32
CA LEU C 104 -5.54 32.11 0.53
C LEU C 104 -6.17 33.42 0.11
N HIS C 105 -6.90 34.04 1.03
CA HIS C 105 -7.65 35.26 0.75
C HIS C 105 -6.83 36.49 1.16
N VAL C 106 -5.83 36.80 0.34
CA VAL C 106 -4.97 37.95 0.56
C VAL C 106 -5.75 39.25 0.46
N ASN C 107 -5.15 40.35 0.89
CA ASN C 107 -5.79 41.64 0.80
C ASN C 107 -5.80 42.13 -0.64
N VAL C 108 -6.78 42.94 -0.97
CA VAL C 108 -6.85 43.58 -2.27
C VAL C 108 -6.11 44.91 -2.19
N LEU C 109 -5.63 45.38 -3.33
CA LEU C 109 -4.98 46.68 -3.43
C LEU C 109 -5.90 47.60 -4.21
N VAL C 110 -6.41 48.64 -3.56
CA VAL C 110 -7.35 49.58 -4.15
C VAL C 110 -6.67 50.93 -4.29
N GLN C 111 -6.68 51.46 -5.52
CA GLN C 111 -6.07 52.76 -5.83
C GLN C 111 -7.17 53.83 -5.91
N HIS C 112 -6.82 55.10 -5.71
CA HIS C 112 -7.79 56.19 -5.65
C HIS C 112 -8.62 56.32 -6.91
N THR C 113 -8.27 55.64 -7.99
CA THR C 113 -9.03 55.70 -9.23
C THR C 113 -10.12 54.65 -9.28
N GLY C 114 -10.18 53.73 -8.31
CA GLY C 114 -11.08 52.60 -8.35
C GLY C 114 -10.50 51.33 -8.93
N ALA C 115 -9.21 51.31 -9.27
CA ALA C 115 -8.58 50.13 -9.83
C ALA C 115 -8.28 49.13 -8.72
N VAL C 116 -8.86 47.94 -8.82
CA VAL C 116 -8.72 46.90 -7.80
C VAL C 116 -7.88 45.77 -8.38
N SER C 117 -6.76 45.48 -7.72
CA SER C 117 -5.91 44.35 -8.07
C SER C 117 -5.92 43.34 -6.93
N TRP C 118 -6.18 42.07 -7.26
CA TRP C 118 -6.24 40.98 -6.29
C TRP C 118 -5.36 39.84 -6.77
N GLN C 119 -4.38 39.43 -5.96
CA GLN C 119 -3.47 38.35 -6.30
C GLN C 119 -3.54 37.20 -5.31
N PRO C 120 -4.64 36.44 -5.31
CA PRO C 120 -4.76 35.34 -4.35
C PRO C 120 -3.99 34.09 -4.79
N SER C 121 -3.80 33.18 -3.83
CA SER C 121 -3.04 31.97 -4.03
C SER C 121 -3.92 30.74 -3.81
N ALA C 122 -3.50 29.61 -4.39
CA ALA C 122 -4.29 28.40 -4.29
C ALA C 122 -3.44 27.19 -4.60
N ILE C 123 -3.82 26.06 -4.03
CA ILE C 123 -3.32 24.74 -4.38
C ILE C 123 -4.44 24.05 -5.15
N TYR C 124 -4.35 24.10 -6.48
CA TYR C 124 -5.42 23.63 -7.35
C TYR C 124 -5.17 22.20 -7.84
N ARG C 125 -6.23 21.40 -7.86
CA ARG C 125 -6.20 20.04 -8.40
C ARG C 125 -7.13 19.97 -9.61
N SER C 126 -6.57 20.00 -10.82
CA SER C 126 -7.33 20.02 -12.05
C SER C 126 -7.29 18.65 -12.73
N SER C 127 -8.33 18.34 -13.49
CA SER C 127 -8.43 17.08 -14.22
C SER C 127 -7.94 17.26 -15.65
N CYS C 128 -7.02 16.41 -16.08
CA CYS C 128 -6.66 16.35 -17.49
C CYS C 128 -6.57 14.90 -17.94
N THR C 129 -7.06 14.63 -19.15
CA THR C 129 -7.06 13.30 -19.71
C THR C 129 -5.65 12.91 -20.17
N ILE C 130 -5.21 11.73 -19.78
CA ILE C 130 -3.88 11.24 -20.11
C ILE C 130 -3.95 10.43 -21.40
N LYS C 131 -3.07 10.75 -22.34
CA LYS C 131 -2.87 9.94 -23.55
C LYS C 131 -1.87 8.85 -23.21
N VAL C 132 -2.33 7.61 -23.18
CA VAL C 132 -1.52 6.52 -22.63
C VAL C 132 -0.94 5.65 -23.73
N MET C 133 -0.59 6.22 -24.87
CA MET C 133 -0.12 5.39 -25.97
C MET C 133 1.39 5.30 -26.03
N TYR C 134 2.11 6.35 -25.64
CA TYR C 134 3.57 6.34 -25.66
C TYR C 134 4.17 6.45 -24.26
N PHE C 135 3.37 6.28 -23.22
CA PHE C 135 3.90 6.24 -21.87
C PHE C 135 5.00 5.18 -21.78
N PRO C 136 6.13 5.47 -21.11
CA PRO C 136 6.50 6.73 -20.42
C PRO C 136 7.17 7.78 -21.31
N PHE C 137 7.30 7.56 -22.61
CA PHE C 137 7.89 8.54 -23.50
C PHE C 137 6.83 9.46 -24.08
N ASP C 138 5.96 9.98 -23.22
CA ASP C 138 4.80 10.75 -23.62
C ASP C 138 4.92 12.22 -23.22
N TRP C 139 4.15 13.03 -23.91
CA TRP C 139 3.99 14.44 -23.59
C TRP C 139 2.50 14.68 -23.37
N GLN C 140 2.16 15.49 -22.36
CA GLN C 140 0.76 15.67 -22.02
C GLN C 140 0.34 17.10 -22.32
N ASN C 141 -0.96 17.30 -22.47
CA ASN C 141 -1.55 18.61 -22.76
C ASN C 141 -2.65 18.88 -21.73
N CYS C 142 -2.25 19.34 -20.54
CA CYS C 142 -3.17 19.58 -19.43
C CYS C 142 -3.56 21.05 -19.38
N THR C 143 -4.85 21.32 -19.15
CA THR C 143 -5.37 22.68 -19.21
C THR C 143 -5.98 23.09 -17.87
N MET C 144 -6.17 24.41 -17.72
CA MET C 144 -6.79 24.99 -16.54
C MET C 144 -7.80 26.02 -17.02
N VAL C 145 -9.09 25.71 -16.87
CA VAL C 145 -10.17 26.57 -17.34
C VAL C 145 -10.62 27.50 -16.22
N PHE C 146 -10.62 28.81 -16.50
CA PHE C 146 -10.92 29.86 -15.53
C PHE C 146 -12.02 30.79 -16.02
N LYS C 147 -13.20 30.71 -15.41
CA LYS C 147 -14.29 31.63 -15.73
C LYS C 147 -15.04 31.94 -14.45
N SER C 148 -15.96 32.90 -14.55
CA SER C 148 -16.82 33.26 -13.43
C SER C 148 -17.96 32.25 -13.30
N TYR C 149 -18.13 31.69 -12.11
CA TYR C 149 -19.20 30.73 -11.90
C TYR C 149 -20.56 31.36 -12.10
N THR C 150 -20.76 32.59 -11.59
CA THR C 150 -22.07 33.21 -11.61
C THR C 150 -22.30 34.13 -12.80
N TYR C 151 -21.44 35.12 -12.99
CA TYR C 151 -21.65 36.13 -14.03
C TYR C 151 -21.31 35.60 -15.42
N ASP C 152 -22.04 36.07 -16.42
CA ASP C 152 -21.86 35.64 -17.80
C ASP C 152 -21.46 36.83 -18.68
N THR C 153 -21.40 36.59 -20.00
CA THR C 153 -20.88 37.59 -20.92
C THR C 153 -21.65 38.90 -20.88
N SER C 154 -22.94 38.85 -20.54
CA SER C 154 -23.72 40.07 -20.45
C SER C 154 -23.38 40.91 -19.23
N GLU C 155 -22.53 40.40 -18.33
CA GLU C 155 -22.21 41.06 -17.08
C GLU C 155 -20.73 41.37 -16.91
N VAL C 156 -19.85 40.46 -17.30
CA VAL C 156 -18.41 40.68 -17.20
C VAL C 156 -17.75 40.32 -18.52
N THR C 157 -16.69 41.05 -18.86
CA THR C 157 -15.88 40.80 -20.05
C THR C 157 -14.48 40.37 -19.62
N LEU C 158 -14.11 39.14 -19.95
CA LEU C 158 -12.81 38.62 -19.60
C LEU C 158 -11.74 39.01 -20.62
N GLN C 159 -10.59 39.45 -20.11
CA GLN C 159 -9.45 39.80 -20.95
C GLN C 159 -8.18 39.12 -20.44
N HIS C 160 -7.04 39.48 -21.02
CA HIS C 160 -5.74 39.02 -20.56
C HIS C 160 -5.12 40.03 -19.62
N ALA C 161 -4.23 39.55 -18.75
CA ALA C 161 -3.52 40.44 -17.85
C ALA C 161 -2.43 41.19 -18.61
N LEU C 162 -2.11 42.38 -18.12
CA LEU C 162 -1.03 43.18 -18.69
C LEU C 162 0.29 42.89 -17.99
N ASP C 163 1.37 43.29 -18.64
CA ASP C 163 2.72 43.12 -18.11
C ASP C 163 3.00 44.17 -17.04
N ALA C 164 4.06 43.92 -16.27
CA ALA C 164 4.48 44.79 -15.17
C ALA C 164 4.32 46.27 -15.51
N LYS C 165 5.08 46.75 -16.49
CA LYS C 165 4.87 48.09 -17.02
C LYS C 165 3.74 47.93 -18.04
N GLY C 166 2.51 48.11 -17.58
CA GLY C 166 1.37 47.82 -18.44
C GLY C 166 1.23 48.64 -19.71
N GLU C 167 1.58 48.07 -20.85
CA GLU C 167 1.12 48.60 -22.13
C GLU C 167 0.52 47.49 -22.97
N ARG C 168 1.05 46.28 -22.83
CA ARG C 168 0.71 45.18 -23.71
C ARG C 168 0.33 43.93 -22.91
N GLU C 169 -0.50 43.10 -23.51
CA GLU C 169 -1.07 41.92 -22.86
C GLU C 169 -0.06 40.79 -22.80
N VAL C 170 -0.20 39.96 -21.77
CA VAL C 170 0.58 38.74 -21.61
C VAL C 170 -0.32 37.57 -21.96
N LYS C 171 0.00 36.86 -23.04
CA LYS C 171 -0.74 35.70 -23.50
C LYS C 171 -0.09 34.37 -23.08
N GLU C 172 0.55 34.34 -21.92
CA GLU C 172 1.18 33.11 -21.45
C GLU C 172 1.16 33.05 -19.94
N ILE C 173 1.39 31.85 -19.40
CA ILE C 173 1.63 31.69 -17.98
C ILE C 173 2.93 32.39 -17.60
N VAL C 174 2.89 33.18 -16.52
CA VAL C 174 4.05 33.91 -16.04
C VAL C 174 4.79 33.06 -15.02
N ILE C 175 6.12 33.00 -15.14
CA ILE C 175 6.98 32.32 -14.20
C ILE C 175 8.00 33.30 -13.64
N ASN C 176 8.08 33.36 -12.32
CA ASN C 176 9.03 34.21 -11.61
C ASN C 176 10.21 33.35 -11.15
N LYS C 177 11.41 33.66 -11.65
CA LYS C 177 12.58 32.84 -11.36
C LYS C 177 12.93 32.83 -9.88
N ASP C 178 12.69 33.94 -9.19
CA ASP C 178 12.95 33.99 -7.74
C ASP C 178 12.16 32.95 -6.98
N ALA C 179 10.97 32.57 -7.47
CA ALA C 179 10.14 31.57 -6.81
C ALA C 179 9.58 30.61 -7.86
N PHE C 180 10.34 29.56 -8.16
CA PHE C 180 9.86 28.52 -9.05
C PHE C 180 10.71 27.27 -8.86
N THR C 181 10.07 26.17 -8.50
CA THR C 181 10.71 24.88 -8.33
C THR C 181 10.47 24.03 -9.58
N GLU C 182 11.55 23.67 -10.27
CA GLU C 182 11.47 22.71 -11.37
C GLU C 182 10.98 21.36 -10.86
N ASN C 183 10.22 20.66 -11.71
CA ASN C 183 9.55 19.44 -11.25
C ASN C 183 10.52 18.29 -11.05
N GLY C 184 11.39 18.05 -12.01
CA GLY C 184 12.28 16.92 -11.99
C GLY C 184 11.83 15.75 -12.84
N GLN C 185 10.53 15.64 -13.12
CA GLN C 185 9.99 14.63 -14.01
C GLN C 185 9.37 15.22 -15.27
N TRP C 186 9.15 16.53 -15.32
CA TRP C 186 8.37 17.16 -16.38
C TRP C 186 9.04 18.46 -16.83
N SER C 187 9.27 18.58 -18.13
CA SER C 187 9.75 19.81 -18.75
C SER C 187 8.59 20.57 -19.38
N ILE C 188 8.49 21.85 -19.07
CA ILE C 188 7.43 22.69 -19.64
C ILE C 188 7.88 23.18 -21.02
N GLU C 189 7.25 22.66 -22.06
CA GLU C 189 7.58 23.03 -23.43
C GLU C 189 6.84 24.28 -23.90
N HIS C 190 5.54 24.37 -23.61
CA HIS C 190 4.73 25.53 -23.98
C HIS C 190 3.82 25.87 -22.82
N LYS C 191 3.39 27.13 -22.77
CA LYS C 191 2.43 27.58 -21.75
C LYS C 191 1.66 28.78 -22.26
N PRO C 192 0.83 28.59 -23.30
CA PRO C 192 0.07 29.73 -23.83
C PRO C 192 -1.20 30.01 -23.03
N SER C 193 -2.02 30.93 -23.52
CA SER C 193 -3.26 31.31 -22.87
C SER C 193 -4.15 31.98 -23.90
N ARG C 194 -5.37 31.44 -24.05
CA ARG C 194 -6.29 31.98 -25.08
C ARG C 194 -7.76 31.91 -24.62
N LYS C 195 -8.55 32.93 -24.97
CA LYS C 195 -9.97 32.96 -24.68
C LYS C 195 -10.73 32.03 -25.61
N ASN C 196 -11.71 31.31 -25.05
CA ASN C 196 -12.50 30.33 -25.79
C ASN C 196 -13.97 30.69 -25.70
N TRP C 197 -14.68 30.50 -26.80
CA TRP C 197 -16.12 30.72 -26.87
C TRP C 197 -16.82 29.41 -27.23
N ARG C 198 -18.14 29.49 -27.36
CA ARG C 198 -18.96 28.35 -27.80
C ARG C 198 -20.06 28.88 -28.69
N SER C 199 -20.02 28.52 -29.97
CA SER C 199 -20.97 29.05 -30.95
C SER C 199 -22.42 28.75 -30.58
N ASP C 200 -22.67 27.60 -29.94
CA ASP C 200 -24.02 27.28 -29.50
C ASP C 200 -24.45 28.05 -28.26
N ASP C 201 -23.49 28.54 -27.46
CA ASP C 201 -23.80 29.27 -26.23
C ASP C 201 -23.21 30.68 -26.29
N PRO C 202 -24.01 31.70 -26.61
CA PRO C 202 -23.48 33.07 -26.66
C PRO C 202 -23.09 33.63 -25.30
N SER C 203 -23.56 33.04 -24.21
CA SER C 203 -23.25 33.52 -22.87
C SER C 203 -21.96 32.94 -22.28
N TYR C 204 -21.29 32.05 -22.99
CA TYR C 204 -20.09 31.39 -22.47
C TYR C 204 -18.81 32.12 -22.89
N GLU C 205 -17.89 32.25 -21.93
CA GLU C 205 -16.55 32.76 -22.20
C GLU C 205 -15.62 32.34 -21.06
N ASP C 206 -14.48 31.73 -21.40
CA ASP C 206 -13.49 31.34 -20.40
C ASP C 206 -12.10 31.77 -20.84
N VAL C 207 -11.18 31.81 -19.88
CA VAL C 207 -9.76 32.04 -20.14
C VAL C 207 -9.01 30.77 -19.72
N THR C 208 -8.53 30.01 -20.70
CA THR C 208 -7.83 28.75 -20.45
C THR C 208 -6.33 28.91 -20.51
N PHE C 209 -5.63 28.23 -19.61
CA PHE C 209 -4.18 28.18 -19.57
C PHE C 209 -3.74 26.75 -19.86
N TYR C 210 -2.79 26.59 -20.78
CA TYR C 210 -2.33 25.30 -21.25
C TYR C 210 -0.89 25.04 -20.82
N LEU C 211 -0.58 23.77 -20.55
CA LEU C 211 0.75 23.36 -20.11
C LEU C 211 1.20 22.12 -20.89
N ILE C 212 1.85 22.33 -22.03
CA ILE C 212 2.44 21.24 -22.80
C ILE C 212 3.71 20.79 -22.09
N ILE C 213 3.73 19.57 -21.57
CA ILE C 213 4.82 19.08 -20.73
C ILE C 213 5.34 17.74 -21.25
N GLN C 214 6.65 17.64 -21.39
CA GLN C 214 7.36 16.41 -21.76
C GLN C 214 7.86 15.68 -20.52
N ARG C 215 7.65 14.36 -20.50
CA ARG C 215 8.14 13.53 -19.40
C ARG C 215 9.61 13.18 -19.60
N LYS C 216 10.32 13.02 -18.49
CA LYS C 216 11.69 12.53 -18.49
C LYS C 216 11.72 11.09 -17.99
N PRO C 217 11.98 10.11 -18.85
CA PRO C 217 11.72 8.70 -18.52
C PRO C 217 12.89 7.92 -17.91
N LEU C 218 13.94 8.58 -17.44
CA LEU C 218 15.12 7.88 -16.90
C LEU C 218 14.75 6.80 -15.87
N PHE C 219 13.80 7.08 -14.99
CA PHE C 219 13.42 6.09 -13.98
C PHE C 219 12.92 4.82 -14.63
N TYR C 220 12.02 4.96 -15.60
CA TYR C 220 11.49 3.78 -16.25
C TYR C 220 12.52 3.11 -17.13
N ILE C 221 13.52 3.86 -17.60
CA ILE C 221 14.54 3.24 -18.41
C ILE C 221 15.39 2.33 -17.54
N VAL C 222 15.72 2.80 -16.34
CA VAL C 222 16.62 2.09 -15.45
C VAL C 222 15.91 0.93 -14.77
N TYR C 223 14.59 1.01 -14.61
CA TYR C 223 13.91 -0.05 -13.90
C TYR C 223 13.15 -1.00 -14.80
N THR C 224 13.00 -0.69 -16.09
CA THR C 224 12.27 -1.61 -16.94
C THR C 224 13.00 -1.99 -18.22
N ILE C 225 13.70 -1.06 -18.88
CA ILE C 225 14.19 -1.39 -20.21
C ILE C 225 15.52 -2.13 -20.15
N ILE C 226 16.38 -1.81 -19.21
CA ILE C 226 17.68 -2.48 -19.15
C ILE C 226 17.48 -3.94 -18.71
N PRO C 227 16.70 -4.22 -17.65
CA PRO C 227 16.40 -5.63 -17.34
C PRO C 227 15.78 -6.41 -18.49
N CYS C 228 14.91 -5.78 -19.28
CA CYS C 228 14.30 -6.49 -20.40
C CYS C 228 15.30 -6.76 -21.52
N ILE C 229 16.25 -5.85 -21.75
CA ILE C 229 17.30 -6.12 -22.72
C ILE C 229 18.17 -7.28 -22.25
N LEU C 230 18.40 -7.38 -20.94
CA LEU C 230 19.22 -8.48 -20.44
C LEU C 230 18.47 -9.80 -20.55
N ILE C 231 17.16 -9.77 -20.30
CA ILE C 231 16.33 -10.96 -20.47
C ILE C 231 16.32 -11.42 -21.92
N SER C 232 16.20 -10.47 -22.86
CA SER C 232 16.21 -10.85 -24.27
C SER C 232 17.56 -11.42 -24.68
N ILE C 233 18.65 -10.94 -24.05
CA ILE C 233 19.95 -11.52 -24.32
C ILE C 233 19.97 -12.99 -23.88
N LEU C 234 19.45 -13.25 -22.67
CA LEU C 234 19.37 -14.64 -22.21
C LEU C 234 18.51 -15.50 -23.12
N ALA C 235 17.36 -14.96 -23.55
CA ALA C 235 16.44 -15.70 -24.40
C ALA C 235 17.04 -16.00 -25.77
N ILE C 236 18.06 -15.26 -26.19
CA ILE C 236 18.74 -15.64 -27.41
C ILE C 236 19.90 -16.58 -27.11
N LEU C 237 20.49 -16.45 -25.92
CA LEU C 237 21.58 -17.34 -25.50
C LEU C 237 21.12 -18.79 -25.43
N VAL C 238 19.87 -19.03 -25.02
CA VAL C 238 19.41 -20.40 -24.79
C VAL C 238 19.58 -21.30 -26.02
N PHE C 239 19.64 -20.74 -27.22
CA PHE C 239 19.83 -21.54 -28.42
C PHE C 239 21.29 -21.86 -28.70
N TYR C 240 22.22 -21.26 -27.97
CA TYR C 240 23.63 -21.61 -28.07
C TYR C 240 24.03 -22.75 -27.13
N LEU C 241 23.15 -23.15 -26.21
CA LEU C 241 23.46 -24.23 -25.29
C LEU C 241 23.40 -25.59 -25.97
N PRO C 242 24.20 -26.53 -25.51
CA PRO C 242 24.12 -27.90 -26.04
C PRO C 242 23.08 -28.72 -25.30
N PRO C 243 22.33 -29.56 -26.01
CA PRO C 243 21.28 -30.36 -25.33
C PRO C 243 21.81 -31.28 -24.25
N ASP C 244 23.06 -31.72 -24.34
CA ASP C 244 23.64 -32.59 -23.32
C ASP C 244 23.85 -31.91 -21.97
N ALA C 245 23.68 -30.59 -21.88
CA ALA C 245 23.92 -29.90 -20.63
C ALA C 245 22.75 -30.04 -19.66
N GLY C 246 21.52 -30.01 -20.18
CA GLY C 246 20.35 -30.09 -19.34
C GLY C 246 19.97 -28.84 -18.60
N GLU C 247 20.55 -27.69 -18.92
CA GLU C 247 20.20 -26.43 -18.27
C GLU C 247 19.40 -25.51 -19.19
N LYS C 248 18.71 -26.10 -20.17
CA LYS C 248 18.05 -25.35 -21.22
C LYS C 248 16.66 -24.91 -20.79
N MET C 249 15.88 -25.86 -20.28
CA MET C 249 14.58 -25.49 -19.74
C MET C 249 14.76 -24.54 -18.56
N SER C 250 15.79 -24.80 -17.74
CA SER C 250 16.09 -23.92 -16.63
C SER C 250 16.29 -22.48 -17.10
N LEU C 251 17.15 -22.29 -18.11
CA LEU C 251 17.39 -20.94 -18.61
C LEU C 251 16.10 -20.30 -19.13
N SER C 252 15.40 -20.98 -20.04
CA SER C 252 14.21 -20.41 -20.67
C SER C 252 13.14 -20.04 -19.64
N ILE C 253 12.78 -21.00 -18.79
CA ILE C 253 11.64 -20.79 -17.91
C ILE C 253 12.00 -19.84 -16.77
N SER C 254 13.27 -19.77 -16.37
CA SER C 254 13.67 -18.76 -15.40
C SER C 254 13.59 -17.36 -16.01
N ALA C 255 13.95 -17.23 -17.29
CA ALA C 255 13.73 -15.95 -17.96
C ALA C 255 12.26 -15.57 -17.95
N LEU C 256 11.37 -16.54 -18.16
CA LEU C 256 9.93 -16.27 -18.08
C LEU C 256 9.53 -15.77 -16.70
N LEU C 257 10.01 -16.44 -15.65
CA LEU C 257 9.71 -16.03 -14.28
C LEU C 257 10.21 -14.61 -14.01
N ALA C 258 11.38 -14.26 -14.56
CA ALA C 258 11.91 -12.90 -14.35
C ALA C 258 11.04 -11.86 -15.05
N VAL C 259 10.55 -12.17 -16.25
CA VAL C 259 9.67 -11.21 -16.92
C VAL C 259 8.35 -11.06 -16.16
N THR C 260 7.91 -12.13 -15.49
CA THR C 260 6.73 -11.99 -14.64
C THR C 260 7.01 -11.06 -13.45
N VAL C 261 8.21 -11.16 -12.88
CA VAL C 261 8.59 -10.27 -11.79
C VAL C 261 8.61 -8.81 -12.26
N PHE C 262 9.12 -8.56 -13.47
CA PHE C 262 9.11 -7.19 -14.00
C PHE C 262 7.68 -6.69 -14.23
N LEU C 263 6.80 -7.57 -14.70
CA LEU C 263 5.39 -7.20 -14.83
C LEU C 263 4.80 -6.79 -13.49
N LEU C 264 5.09 -7.56 -12.44
CA LEU C 264 4.67 -7.18 -11.09
C LEU C 264 5.21 -5.80 -10.71
N LEU C 265 6.51 -5.60 -10.88
CA LEU C 265 7.13 -4.29 -10.66
C LEU C 265 6.33 -3.16 -11.30
N LEU C 266 5.94 -3.32 -12.57
CA LEU C 266 5.24 -2.24 -13.25
C LEU C 266 3.74 -2.19 -12.97
N ALA C 267 3.18 -3.18 -12.26
CA ALA C 267 1.73 -3.22 -12.10
C ALA C 267 1.16 -2.00 -11.37
N ASP C 268 1.97 -1.29 -10.60
CA ASP C 268 1.49 -0.18 -9.79
C ASP C 268 1.84 1.20 -10.37
N LYS C 269 2.41 1.25 -11.57
CA LYS C 269 2.89 2.53 -12.11
C LYS C 269 2.31 2.88 -13.48
N VAL C 270 1.45 2.05 -14.04
CA VAL C 270 0.93 2.25 -15.40
C VAL C 270 -0.51 2.74 -15.33
N PRO C 271 -0.89 3.73 -16.11
CA PRO C 271 -2.27 4.20 -16.10
C PRO C 271 -3.27 3.09 -16.41
N GLU C 272 -4.40 3.12 -15.72
CA GLU C 272 -5.45 2.09 -15.83
C GLU C 272 -6.57 2.53 -16.77
N THR C 273 -6.24 2.96 -17.97
CA THR C 273 -7.20 3.37 -18.99
C THR C 273 -7.22 2.37 -20.13
N SER C 274 -8.35 2.27 -20.82
CA SER C 274 -8.56 1.24 -21.83
C SER C 274 -8.80 1.82 -23.22
N LEU C 275 -8.29 3.02 -23.49
CA LEU C 275 -8.38 3.58 -24.82
C LEU C 275 -7.17 3.24 -25.70
N SER C 276 -6.14 2.62 -25.13
CA SER C 276 -4.91 2.28 -25.82
C SER C 276 -4.04 1.50 -24.84
N VAL C 277 -2.95 0.95 -25.35
CA VAL C 277 -1.97 0.21 -24.56
C VAL C 277 -0.67 0.99 -24.60
N PRO C 278 -0.05 1.28 -23.46
CA PRO C 278 1.23 1.99 -23.48
C PRO C 278 2.34 1.18 -24.11
N ILE C 279 3.24 1.91 -24.79
CA ILE C 279 4.35 1.28 -25.52
C ILE C 279 5.21 0.43 -24.60
N ILE C 280 5.25 0.74 -23.30
CA ILE C 280 6.09 -0.03 -22.40
C ILE C 280 5.45 -1.40 -22.14
N ILE C 281 4.13 -1.45 -22.08
CA ILE C 281 3.44 -2.71 -21.88
C ILE C 281 3.47 -3.53 -23.17
N ARG C 282 3.42 -2.84 -24.32
CA ARG C 282 3.60 -3.54 -25.59
C ARG C 282 4.98 -4.17 -25.68
N TYR C 283 6.01 -3.45 -25.22
CA TYR C 283 7.36 -3.98 -25.21
C TYR C 283 7.48 -5.19 -24.27
N LEU C 284 6.87 -5.10 -23.09
CA LEU C 284 6.93 -6.21 -22.15
C LEU C 284 6.23 -7.45 -22.69
N MET C 285 5.08 -7.28 -23.33
CA MET C 285 4.38 -8.44 -23.91
C MET C 285 5.15 -9.01 -25.08
N PHE C 286 5.79 -8.15 -25.87
CA PHE C 286 6.68 -8.63 -26.93
C PHE C 286 7.77 -9.54 -26.37
N ILE C 287 8.47 -9.07 -25.33
CA ILE C 287 9.55 -9.85 -24.76
C ILE C 287 9.03 -11.14 -24.13
N MET C 288 7.84 -11.08 -23.52
CA MET C 288 7.27 -12.26 -22.88
C MET C 288 6.91 -13.33 -23.90
N ILE C 289 6.28 -12.92 -25.01
CA ILE C 289 5.93 -13.88 -26.05
C ILE C 289 7.19 -14.42 -26.73
N LEU C 290 8.24 -13.60 -26.83
CA LEU C 290 9.49 -14.09 -27.39
C LEU C 290 10.12 -15.17 -26.50
N VAL C 291 10.10 -14.95 -25.19
CA VAL C 291 10.61 -15.95 -24.26
C VAL C 291 9.78 -17.23 -24.33
N ALA C 292 8.46 -17.09 -24.43
CA ALA C 292 7.60 -18.26 -24.57
C ALA C 292 7.96 -19.08 -25.81
N PHE C 293 8.18 -18.40 -26.94
CA PHE C 293 8.54 -19.14 -28.15
C PHE C 293 9.92 -19.76 -28.04
N SER C 294 10.85 -19.09 -27.34
CA SER C 294 12.13 -19.74 -27.07
C SER C 294 11.93 -21.04 -26.29
N VAL C 295 11.03 -21.04 -25.30
CA VAL C 295 10.72 -22.26 -24.55
C VAL C 295 10.19 -23.35 -25.47
N ILE C 296 9.20 -22.99 -26.30
CA ILE C 296 8.61 -23.96 -27.22
C ILE C 296 9.66 -24.58 -28.13
N LEU C 297 10.49 -23.74 -28.76
CA LEU C 297 11.46 -24.27 -29.71
C LEU C 297 12.59 -25.04 -29.01
N SER C 298 12.91 -24.70 -27.77
CA SER C 298 13.87 -25.51 -27.02
C SER C 298 13.30 -26.89 -26.73
N VAL C 299 12.00 -26.97 -26.40
CA VAL C 299 11.37 -28.27 -26.24
C VAL C 299 11.43 -29.07 -27.54
N VAL C 300 11.16 -28.41 -28.66
CA VAL C 300 11.22 -29.10 -29.95
C VAL C 300 12.64 -29.62 -30.22
N VAL C 301 13.65 -28.79 -29.95
CA VAL C 301 15.04 -29.20 -30.17
C VAL C 301 15.39 -30.40 -29.31
N LEU C 302 14.98 -30.39 -28.04
CA LEU C 302 15.30 -31.51 -27.17
C LEU C 302 14.58 -32.78 -27.62
N ASN C 303 13.33 -32.64 -28.09
CA ASN C 303 12.62 -33.78 -28.63
C ASN C 303 13.35 -34.40 -29.80
N LEU C 304 13.79 -33.56 -30.75
CA LEU C 304 14.56 -34.09 -31.88
C LEU C 304 15.87 -34.71 -31.42
N HIS C 305 16.49 -34.15 -30.39
CA HIS C 305 17.80 -34.64 -29.96
C HIS C 305 17.72 -35.99 -29.28
N HIS C 306 16.62 -36.27 -28.57
CA HIS C 306 16.49 -37.53 -27.84
C HIS C 306 15.76 -38.61 -28.63
N ARG C 307 15.72 -38.51 -29.95
CA ARG C 307 15.11 -39.53 -30.79
C ARG C 307 16.10 -40.63 -31.11
N SER C 308 15.57 -41.82 -31.42
CA SER C 308 16.41 -42.97 -31.69
C SER C 308 15.68 -43.87 -32.68
N PRO C 309 16.39 -44.83 -33.29
CA PRO C 309 15.73 -45.74 -34.24
C PRO C 309 14.67 -46.63 -33.60
N ASN C 310 14.78 -46.96 -32.32
CA ASN C 310 13.76 -47.79 -31.69
C ASN C 310 12.41 -47.09 -31.59
N THR C 311 12.35 -45.78 -31.82
CA THR C 311 11.11 -45.06 -31.61
C THR C 311 10.69 -44.28 -32.85
N HIS C 312 11.65 -43.86 -33.68
CA HIS C 312 11.35 -43.00 -34.81
C HIS C 312 12.18 -43.40 -36.02
N THR C 313 11.60 -43.22 -37.20
CA THR C 313 12.29 -43.40 -38.46
C THR C 313 12.39 -42.05 -39.15
N MET C 314 13.57 -41.69 -39.60
CA MET C 314 13.78 -40.36 -40.18
C MET C 314 13.08 -40.24 -41.52
N PRO C 315 12.16 -39.29 -41.69
CA PRO C 315 11.55 -39.08 -43.01
C PRO C 315 12.53 -38.45 -43.98
N ASN C 316 12.08 -38.14 -45.19
CA ASN C 316 13.02 -37.64 -46.19
C ASN C 316 13.10 -36.12 -46.23
N TRP C 317 12.02 -35.42 -45.88
CA TRP C 317 12.07 -33.97 -45.95
C TRP C 317 12.93 -33.40 -44.83
N ILE C 318 12.81 -33.95 -43.62
CA ILE C 318 13.68 -33.55 -42.52
C ILE C 318 15.15 -33.78 -42.90
N ARG C 319 15.45 -34.97 -43.44
CA ARG C 319 16.82 -35.26 -43.81
C ARG C 319 17.34 -34.26 -44.84
N GLN C 320 16.55 -34.00 -45.89
CA GLN C 320 17.01 -33.09 -46.93
C GLN C 320 17.27 -31.71 -46.35
N ILE C 321 16.28 -31.15 -45.65
CA ILE C 321 16.37 -29.77 -45.20
C ILE C 321 17.51 -29.59 -44.21
N PHE C 322 17.66 -30.51 -43.26
CA PHE C 322 18.60 -30.28 -42.17
C PHE C 322 19.95 -30.97 -42.33
N ILE C 323 20.14 -31.80 -43.35
CA ILE C 323 21.46 -32.39 -43.60
C ILE C 323 22.05 -31.93 -44.93
N GLU C 324 21.29 -31.27 -45.80
CA GLU C 324 21.89 -30.87 -47.06
C GLU C 324 21.68 -29.40 -47.39
N THR C 325 20.50 -28.84 -47.11
CA THR C 325 20.23 -27.48 -47.53
C THR C 325 20.73 -26.43 -46.54
N LEU C 326 20.45 -26.61 -45.26
CA LEU C 326 20.71 -25.56 -44.28
C LEU C 326 22.19 -25.46 -43.87
N PRO C 327 22.89 -26.55 -43.56
CA PRO C 327 24.26 -26.43 -43.04
C PRO C 327 25.16 -25.59 -43.92
N PRO C 328 25.12 -25.73 -45.26
CA PRO C 328 26.01 -24.89 -46.08
C PRO C 328 25.76 -23.40 -45.88
N PHE C 329 24.50 -22.98 -45.74
CA PHE C 329 24.22 -21.59 -45.43
C PHE C 329 24.72 -21.22 -44.03
N LEU C 330 24.25 -21.95 -43.03
CA LEU C 330 24.56 -21.61 -41.64
C LEU C 330 26.02 -21.88 -41.25
N TRP C 331 26.87 -22.32 -42.18
CA TRP C 331 28.30 -22.56 -41.93
C TRP C 331 28.53 -23.48 -40.72
N ILE C 332 27.88 -24.64 -40.76
CA ILE C 332 27.93 -25.59 -39.65
C ILE C 332 28.16 -27.01 -40.13
N GLN C 333 28.80 -27.17 -41.30
CA GLN C 333 29.07 -28.49 -41.85
C GLN C 333 29.89 -29.32 -40.88
N ARG C 334 29.38 -30.48 -40.50
CA ARG C 334 30.09 -31.34 -39.57
C ARG C 334 31.24 -32.03 -40.27
N PRO C 335 32.22 -32.52 -39.51
CA PRO C 335 33.32 -33.28 -40.11
C PRO C 335 32.81 -34.45 -40.94
N VAL C 336 33.33 -34.57 -42.15
CA VAL C 336 32.96 -35.65 -43.09
C VAL C 336 32.91 -37.01 -42.40
N PRO C 398 36.87 -80.24 -29.17
CA PRO C 398 36.91 -78.79 -29.39
C PRO C 398 35.63 -78.10 -28.95
N GLN C 399 34.78 -78.80 -28.19
CA GLN C 399 33.52 -78.23 -27.73
C GLN C 399 33.73 -76.88 -27.05
N ASP C 400 34.67 -76.85 -26.09
CA ASP C 400 35.05 -75.59 -25.44
C ASP C 400 35.42 -74.53 -26.48
N LEU C 401 36.30 -74.90 -27.41
CA LEU C 401 36.67 -73.97 -28.48
C LEU C 401 35.43 -73.46 -29.19
N LYS C 402 34.57 -74.36 -29.66
CA LYS C 402 33.34 -73.97 -30.33
C LYS C 402 32.58 -72.91 -29.53
N GLU C 403 32.42 -73.13 -28.22
CA GLU C 403 31.72 -72.15 -27.41
C GLU C 403 32.46 -70.81 -27.41
N ALA C 404 33.79 -70.85 -27.43
CA ALA C 404 34.55 -69.60 -27.44
C ALA C 404 34.42 -68.87 -28.77
N VAL C 405 34.67 -69.57 -29.87
CA VAL C 405 34.52 -69.06 -31.23
C VAL C 405 33.10 -68.59 -31.49
N GLU C 406 32.12 -68.99 -30.68
CA GLU C 406 30.78 -68.47 -30.86
C GLU C 406 30.48 -67.29 -29.95
N ALA C 407 31.14 -67.24 -28.80
CA ALA C 407 30.95 -66.09 -27.92
C ALA C 407 31.61 -64.85 -28.51
N ILE C 408 32.86 -65.00 -28.97
CA ILE C 408 33.53 -63.91 -29.69
C ILE C 408 32.64 -63.36 -30.80
N LYS C 409 32.04 -64.27 -31.60
CA LYS C 409 31.13 -63.84 -32.65
C LYS C 409 29.98 -63.01 -32.09
N TYR C 410 29.31 -63.53 -31.06
CA TYR C 410 28.21 -62.78 -30.45
C TYR C 410 28.66 -61.37 -30.06
N ILE C 411 29.86 -61.26 -29.49
CA ILE C 411 30.38 -59.96 -29.07
C ILE C 411 30.54 -59.03 -30.27
N ALA C 412 31.30 -59.48 -31.27
CA ALA C 412 31.50 -58.68 -32.48
C ALA C 412 30.18 -58.27 -33.12
N GLU C 413 29.15 -59.10 -33.01
CA GLU C 413 27.85 -58.77 -33.58
C GLU C 413 27.17 -57.68 -32.78
N GLN C 414 27.09 -57.84 -31.46
CA GLN C 414 26.56 -56.78 -30.61
C GLN C 414 27.30 -55.47 -30.85
N LEU C 415 28.58 -55.54 -31.22
CA LEU C 415 29.36 -54.34 -31.43
C LEU C 415 28.99 -53.66 -32.74
N GLU C 416 28.97 -54.43 -33.84
CA GLU C 416 28.50 -53.89 -35.11
C GLU C 416 27.12 -53.24 -34.97
N SER C 417 26.17 -53.95 -34.36
CA SER C 417 24.83 -53.41 -34.22
C SER C 417 24.81 -52.16 -33.36
N ALA C 418 25.70 -52.08 -32.37
CA ALA C 418 25.76 -50.87 -31.56
C ALA C 418 26.31 -49.70 -32.37
N SER C 419 27.31 -49.96 -33.22
CA SER C 419 27.86 -48.92 -34.08
C SER C 419 26.80 -48.37 -35.02
N GLU C 420 25.96 -49.26 -35.58
CA GLU C 420 24.93 -48.81 -36.51
C GLU C 420 23.88 -47.97 -35.79
N PHE C 421 23.40 -48.46 -34.66
CA PHE C 421 22.46 -47.69 -33.84
C PHE C 421 23.06 -46.32 -33.49
N ASP C 422 24.36 -46.29 -33.18
CA ASP C 422 25.02 -45.04 -32.82
C ASP C 422 24.98 -44.05 -33.98
N ASP C 423 25.37 -44.50 -35.18
CA ASP C 423 25.34 -43.61 -36.33
C ASP C 423 23.94 -43.05 -36.58
N LEU C 424 22.91 -43.90 -36.45
CA LEU C 424 21.57 -43.38 -36.72
C LEU C 424 21.05 -42.47 -35.61
N LYS C 425 21.60 -42.58 -34.40
CA LYS C 425 21.23 -41.62 -33.36
C LYS C 425 21.99 -40.30 -33.54
N LYS C 426 23.22 -40.38 -34.06
CA LYS C 426 24.01 -39.19 -34.29
C LYS C 426 23.42 -38.35 -35.41
N ASP C 427 22.79 -38.97 -36.41
CA ASP C 427 22.11 -38.18 -37.43
C ASP C 427 21.00 -37.32 -36.81
N TRP C 428 20.22 -37.89 -35.89
CA TRP C 428 19.18 -37.12 -35.20
C TRP C 428 19.79 -35.99 -34.38
N GLN C 429 20.89 -36.26 -33.69
CA GLN C 429 21.54 -35.22 -32.90
C GLN C 429 22.07 -34.09 -33.78
N TYR C 430 22.58 -34.42 -34.96
CA TYR C 430 23.03 -33.40 -35.91
C TYR C 430 21.88 -32.57 -36.42
N VAL C 431 20.75 -33.20 -36.73
CA VAL C 431 19.55 -32.45 -37.11
C VAL C 431 19.18 -31.45 -36.02
N ALA C 432 19.25 -31.89 -34.76
CA ALA C 432 18.91 -31.00 -33.65
C ALA C 432 19.86 -29.82 -33.58
N MET C 433 21.16 -30.06 -33.76
CA MET C 433 22.13 -28.96 -33.71
C MET C 433 21.89 -27.95 -34.83
N VAL C 434 21.53 -28.44 -36.01
CA VAL C 434 21.31 -27.54 -37.14
C VAL C 434 20.07 -26.69 -36.91
N ALA C 435 18.98 -27.33 -36.45
CA ALA C 435 17.78 -26.57 -36.09
C ALA C 435 18.08 -25.54 -35.01
N ASP C 436 19.02 -25.85 -34.12
CA ASP C 436 19.33 -24.93 -33.03
C ASP C 436 20.04 -23.69 -33.56
N ARG C 437 21.03 -23.88 -34.44
CA ARG C 437 21.71 -22.73 -35.04
C ARG C 437 20.74 -21.85 -35.84
N LEU C 438 19.86 -22.49 -36.62
CA LEU C 438 18.86 -21.74 -37.37
C LEU C 438 18.00 -20.89 -36.44
N PHE C 439 17.42 -21.51 -35.41
CA PHE C 439 16.59 -20.76 -34.46
C PHE C 439 17.37 -19.63 -33.81
N LEU C 440 18.66 -19.85 -33.53
CA LEU C 440 19.48 -18.79 -32.94
C LEU C 440 19.50 -17.55 -33.83
N TYR C 441 19.85 -17.73 -35.10
CA TYR C 441 19.89 -16.58 -36.00
C TYR C 441 18.52 -15.93 -36.15
N VAL C 442 17.47 -16.74 -36.32
CA VAL C 442 16.13 -16.19 -36.49
C VAL C 442 15.74 -15.34 -35.28
N PHE C 443 16.02 -15.83 -34.07
CA PHE C 443 15.61 -15.11 -32.87
C PHE C 443 16.43 -13.83 -32.69
N PHE C 444 17.72 -13.89 -32.97
CA PHE C 444 18.53 -12.67 -32.94
C PHE C 444 17.94 -11.60 -33.86
N VAL C 445 17.63 -11.98 -35.11
CA VAL C 445 17.12 -11.01 -36.06
C VAL C 445 15.78 -10.43 -35.60
N ILE C 446 14.87 -11.31 -35.18
CA ILE C 446 13.53 -10.85 -34.78
C ILE C 446 13.62 -9.92 -33.58
N CYS C 447 14.41 -10.30 -32.58
CA CYS C 447 14.58 -9.49 -31.39
C CYS C 447 15.12 -8.11 -31.74
N SER C 448 16.23 -8.06 -32.47
CA SER C 448 16.82 -6.78 -32.88
C SER C 448 15.80 -5.91 -33.61
N ILE C 449 15.16 -6.46 -34.64
CA ILE C 449 14.22 -5.66 -35.45
C ILE C 449 13.11 -5.10 -34.58
N GLY C 450 12.47 -5.95 -33.77
CA GLY C 450 11.35 -5.48 -32.97
C GLY C 450 11.76 -4.44 -31.95
N THR C 451 12.86 -4.68 -31.24
CA THR C 451 13.33 -3.72 -30.25
C THR C 451 13.64 -2.37 -30.88
N PHE C 452 14.33 -2.38 -32.03
CA PHE C 452 14.67 -1.12 -32.67
C PHE C 452 13.43 -0.40 -33.17
N SER C 453 12.46 -1.12 -33.73
CA SER C 453 11.28 -0.45 -34.25
C SER C 453 10.47 0.18 -33.12
N ILE C 454 10.42 -0.50 -31.96
CA ILE C 454 9.71 0.09 -30.82
C ILE C 454 10.45 1.32 -30.30
N PHE C 455 11.77 1.24 -30.19
CA PHE C 455 12.52 2.36 -29.64
C PHE C 455 12.49 3.56 -30.56
N LEU C 456 12.52 3.35 -31.88
CA LEU C 456 12.42 4.46 -32.81
C LEU C 456 11.04 5.09 -32.76
N ASP C 457 9.99 4.26 -32.69
CA ASP C 457 8.64 4.80 -32.55
C ASP C 457 8.53 5.65 -31.29
N ALA C 458 9.21 5.25 -30.21
CA ALA C 458 9.13 6.01 -28.98
C ALA C 458 9.98 7.27 -29.02
N SER C 459 11.10 7.23 -29.75
CA SER C 459 11.98 8.39 -29.85
C SER C 459 11.43 9.49 -30.76
N HIS C 460 10.55 9.15 -31.69
CA HIS C 460 9.97 10.18 -32.57
C HIS C 460 8.66 10.75 -32.05
N ASN C 461 8.38 10.65 -30.75
CA ASN C 461 7.18 11.23 -30.16
C ASN C 461 7.53 12.50 -29.39
N VAL C 462 7.50 13.64 -30.09
CA VAL C 462 7.79 14.94 -29.48
C VAL C 462 6.59 15.85 -29.67
N PRO C 463 6.36 16.81 -28.76
CA PRO C 463 5.27 17.76 -28.97
C PRO C 463 5.58 18.67 -30.14
N PRO C 464 4.57 19.25 -30.79
CA PRO C 464 4.83 20.11 -31.94
C PRO C 464 5.45 21.44 -31.54
N ASP C 465 5.54 22.35 -32.51
CA ASP C 465 6.13 23.66 -32.29
C ASP C 465 5.08 24.72 -32.07
N ASN C 466 3.94 24.60 -32.74
CA ASN C 466 2.82 25.48 -32.50
C ASN C 466 1.89 24.82 -31.50
N PRO C 467 1.66 25.42 -30.33
CA PRO C 467 0.72 24.81 -29.37
C PRO C 467 -0.70 24.75 -29.88
N PHE C 468 -0.95 25.28 -31.08
CA PHE C 468 -2.30 25.40 -31.64
C PHE C 468 -3.28 26.04 -30.67
N ALA C 469 -2.78 26.80 -29.70
CA ALA C 469 -3.63 27.43 -28.70
C ALA C 469 -2.91 28.55 -27.99
N SER D 1 -25.55 49.73 -10.22
CA SER D 1 -25.11 49.35 -8.89
C SER D 1 -25.93 50.09 -7.83
N GLU D 2 -26.07 51.41 -7.97
CA GLU D 2 -26.85 52.16 -6.98
C GLU D 2 -28.29 51.65 -6.94
N HIS D 3 -28.92 51.51 -8.12
CA HIS D 3 -30.28 51.00 -8.19
C HIS D 3 -30.34 49.59 -7.62
N GLU D 4 -29.39 48.75 -7.99
CA GLU D 4 -29.36 47.38 -7.49
C GLU D 4 -29.17 47.37 -5.97
N THR D 5 -28.28 48.22 -5.47
CA THR D 5 -28.07 48.36 -4.03
C THR D 5 -29.40 48.61 -3.33
N ARG D 6 -30.08 49.70 -3.70
CA ARG D 6 -31.39 49.99 -3.12
C ARG D 6 -32.36 48.82 -3.26
N LEU D 7 -32.36 48.14 -4.42
CA LEU D 7 -33.25 47.02 -4.63
C LEU D 7 -32.98 45.88 -3.66
N VAL D 8 -31.72 45.50 -3.48
CA VAL D 8 -31.41 44.38 -2.60
C VAL D 8 -31.69 44.75 -1.15
N ALA D 9 -31.55 46.03 -0.81
CA ALA D 9 -31.90 46.47 0.54
C ALA D 9 -33.40 46.41 0.77
N ASN D 10 -34.20 46.69 -0.26
CA ASN D 10 -35.64 46.63 -0.10
C ASN D 10 -36.16 45.21 -0.24
N LEU D 11 -35.39 44.31 -0.83
CA LEU D 11 -35.82 42.93 -0.97
C LEU D 11 -35.53 42.09 0.26
N LEU D 12 -34.46 42.38 0.99
CA LEU D 12 -34.12 41.58 2.15
C LEU D 12 -34.52 42.22 3.48
N GLU D 13 -35.28 43.31 3.45
CA GLU D 13 -35.61 44.02 4.68
C GLU D 13 -36.42 43.14 5.65
N ASN D 14 -37.61 42.72 5.24
CA ASN D 14 -38.50 41.93 6.09
C ASN D 14 -38.70 40.52 5.54
N TYR D 15 -37.61 39.90 5.08
CA TYR D 15 -37.65 38.56 4.52
C TYR D 15 -37.20 37.56 5.58
N ASN D 16 -37.82 36.39 5.58
CA ASN D 16 -37.46 35.32 6.51
C ASN D 16 -37.22 34.03 5.72
N LYS D 17 -35.97 33.61 5.64
CA LYS D 17 -35.56 32.42 4.90
C LYS D 17 -35.95 31.13 5.57
N VAL D 18 -36.81 31.17 6.60
CA VAL D 18 -37.22 29.96 7.30
C VAL D 18 -38.60 29.47 6.84
N ILE D 19 -39.40 30.33 6.19
CA ILE D 19 -40.76 30.00 5.81
C ILE D 19 -40.81 29.67 4.32
N ARG D 20 -41.63 28.68 3.96
CA ARG D 20 -41.77 28.30 2.56
C ARG D 20 -42.31 29.46 1.75
N PRO D 21 -41.96 29.53 0.47
CA PRO D 21 -42.55 30.52 -0.44
C PRO D 21 -43.89 30.13 -1.04
N VAL D 22 -44.95 30.34 -0.27
CA VAL D 22 -46.32 30.07 -0.73
C VAL D 22 -47.23 31.16 -0.21
N GLU D 23 -48.28 31.47 -0.97
CA GLU D 23 -49.28 32.44 -0.51
C GLU D 23 -50.19 31.89 0.56
N HIS D 24 -50.40 30.58 0.59
CA HIS D 24 -51.24 29.97 1.59
C HIS D 24 -50.61 28.63 1.97
N HIS D 25 -50.71 28.26 3.25
CA HIS D 25 -50.04 27.05 3.71
C HIS D 25 -50.58 25.80 3.03
N THR D 26 -51.75 25.88 2.41
CA THR D 26 -52.37 24.71 1.80
C THR D 26 -51.80 24.42 0.42
N HIS D 27 -51.21 25.41 -0.25
CA HIS D 27 -50.58 25.18 -1.53
C HIS D 27 -49.21 24.54 -1.34
N PHE D 28 -48.64 24.07 -2.44
CA PHE D 28 -47.31 23.51 -2.46
C PHE D 28 -46.43 24.37 -3.35
N VAL D 29 -45.12 24.20 -3.21
CA VAL D 29 -44.15 24.89 -4.06
C VAL D 29 -43.61 23.87 -5.06
N ASP D 30 -43.71 24.19 -6.34
CA ASP D 30 -43.27 23.29 -7.41
C ASP D 30 -41.82 23.60 -7.75
N ILE D 31 -40.98 22.57 -7.75
CA ILE D 31 -39.56 22.71 -8.02
C ILE D 31 -39.21 21.82 -9.20
N THR D 32 -38.70 22.42 -10.26
CA THR D 32 -38.27 21.69 -11.45
C THR D 32 -36.81 21.29 -11.27
N VAL D 33 -36.56 20.00 -11.15
CA VAL D 33 -35.24 19.48 -10.84
C VAL D 33 -34.64 18.91 -12.12
N GLY D 34 -33.34 19.10 -12.29
CA GLY D 34 -32.63 18.54 -13.42
C GLY D 34 -31.21 18.21 -13.01
N LEU D 35 -30.66 17.19 -13.62
CA LEU D 35 -29.32 16.73 -13.31
C LEU D 35 -28.44 16.81 -14.54
N GLN D 36 -27.27 17.41 -14.39
CA GLN D 36 -26.25 17.49 -15.44
C GLN D 36 -25.05 16.66 -15.04
N LEU D 37 -24.79 15.59 -15.78
CA LEU D 37 -23.59 14.80 -15.54
C LEU D 37 -22.43 15.40 -16.30
N ILE D 38 -21.32 15.63 -15.59
CA ILE D 38 -20.15 16.28 -16.15
C ILE D 38 -18.95 15.35 -16.21
N GLN D 39 -18.72 14.58 -15.17
CA GLN D 39 -17.64 13.60 -15.19
C GLN D 39 -18.01 12.39 -14.35
N LEU D 40 -17.61 11.21 -14.82
CA LEU D 40 -17.66 9.99 -14.03
C LEU D 40 -16.30 9.83 -13.37
N ILE D 41 -16.25 10.00 -12.05
CA ILE D 41 -14.95 10.05 -11.40
C ILE D 41 -14.41 8.66 -11.10
N SER D 42 -15.25 7.76 -10.59
CA SER D 42 -14.75 6.49 -10.10
C SER D 42 -15.90 5.49 -10.02
N VAL D 43 -15.54 4.20 -9.97
CA VAL D 43 -16.47 3.12 -9.68
C VAL D 43 -15.74 2.14 -8.77
N ASP D 44 -16.09 2.13 -7.49
CA ASP D 44 -15.56 1.18 -6.51
C ASP D 44 -16.41 -0.08 -6.50
N GLU D 45 -15.89 -1.17 -7.07
CA GLU D 45 -16.68 -2.39 -7.11
C GLU D 45 -16.69 -3.14 -5.79
N VAL D 46 -15.78 -2.82 -4.87
CA VAL D 46 -15.69 -3.51 -3.60
C VAL D 46 -16.64 -2.88 -2.61
N ASN D 47 -16.46 -1.58 -2.35
CA ASN D 47 -17.37 -0.86 -1.48
C ASN D 47 -18.70 -0.53 -2.15
N GLN D 48 -18.81 -0.74 -3.47
CA GLN D 48 -20.05 -0.55 -4.24
C GLN D 48 -20.48 0.91 -4.28
N ILE D 49 -19.54 1.79 -4.65
CA ILE D 49 -19.76 3.23 -4.62
C ILE D 49 -19.37 3.84 -5.96
N VAL D 50 -20.24 4.70 -6.48
CA VAL D 50 -19.99 5.46 -7.75
C VAL D 50 -19.86 6.95 -7.41
N GLU D 51 -18.79 7.61 -7.84
CA GLU D 51 -18.49 9.02 -7.58
C GLU D 51 -18.62 9.81 -8.88
N THR D 52 -19.45 10.85 -8.87
CA THR D 52 -19.73 11.63 -10.06
C THR D 52 -19.66 13.13 -9.76
N ASN D 53 -19.34 13.90 -10.79
CA ASN D 53 -19.36 15.36 -10.74
C ASN D 53 -20.62 15.84 -11.46
N VAL D 54 -21.50 16.52 -10.74
CA VAL D 54 -22.82 16.85 -11.25
C VAL D 54 -23.16 18.31 -11.01
N ARG D 55 -24.19 18.79 -11.72
CA ARG D 55 -24.83 20.07 -11.46
C ARG D 55 -26.30 19.79 -11.16
N LEU D 56 -26.80 20.32 -10.04
CA LEU D 56 -28.18 20.13 -9.63
C LEU D 56 -28.98 21.40 -9.94
N ARG D 57 -29.50 21.47 -11.17
CA ARG D 57 -30.31 22.62 -11.57
C ARG D 57 -31.66 22.58 -10.87
N GLN D 58 -32.06 23.71 -10.27
CA GLN D 58 -33.29 23.79 -9.50
C GLN D 58 -34.00 25.10 -9.78
N GLN D 59 -35.23 25.03 -10.27
CA GLN D 59 -36.04 26.21 -10.55
C GLN D 59 -37.29 26.22 -9.69
N TRP D 60 -37.65 27.39 -9.18
CA TRP D 60 -38.89 27.57 -8.42
C TRP D 60 -39.15 29.06 -8.28
N ILE D 61 -40.39 29.39 -7.93
CA ILE D 61 -40.83 30.78 -7.78
C ILE D 61 -40.92 31.14 -6.31
N ASP D 62 -40.44 32.34 -5.96
CA ASP D 62 -40.54 32.92 -4.63
C ASP D 62 -41.26 34.25 -4.79
N VAL D 63 -42.53 34.27 -4.42
CA VAL D 63 -43.44 35.37 -4.70
C VAL D 63 -43.18 36.58 -3.80
N ARG D 64 -42.18 36.49 -2.93
CA ARG D 64 -41.81 37.61 -2.08
C ARG D 64 -40.57 38.32 -2.59
N LEU D 65 -39.91 37.76 -3.60
CA LEU D 65 -38.66 38.27 -4.14
C LEU D 65 -38.85 39.06 -5.43
N ARG D 66 -40.04 39.57 -5.70
CA ARG D 66 -40.35 40.21 -6.97
C ARG D 66 -40.36 41.73 -6.82
N TRP D 67 -40.04 42.42 -7.91
CA TRP D 67 -40.11 43.88 -7.93
C TRP D 67 -40.68 44.35 -9.28
N ASN D 68 -40.55 45.65 -9.51
CA ASN D 68 -41.03 46.32 -10.71
C ASN D 68 -39.87 47.04 -11.39
N PRO D 69 -39.42 46.58 -12.57
CA PRO D 69 -38.21 47.16 -13.16
C PRO D 69 -38.27 48.66 -13.36
N ALA D 70 -39.45 49.22 -13.64
CA ALA D 70 -39.57 50.65 -13.86
C ALA D 70 -39.09 51.47 -12.66
N ASP D 71 -39.25 50.93 -11.45
CA ASP D 71 -38.85 51.65 -10.24
C ASP D 71 -37.40 51.42 -9.85
N TYR D 72 -36.62 50.70 -10.66
CA TYR D 72 -35.23 50.46 -10.35
C TYR D 72 -34.38 50.56 -11.61
N GLY D 73 -34.60 51.61 -12.39
CA GLY D 73 -33.81 51.88 -13.57
C GLY D 73 -33.82 50.80 -14.64
N GLY D 74 -34.83 49.94 -14.66
CA GLY D 74 -34.95 48.93 -15.70
C GLY D 74 -34.31 47.59 -15.43
N ILE D 75 -33.78 47.37 -14.22
CA ILE D 75 -33.15 46.08 -13.91
C ILE D 75 -34.17 44.96 -13.97
N LYS D 76 -33.77 43.82 -14.55
CA LYS D 76 -34.65 42.68 -14.69
C LYS D 76 -34.10 41.38 -14.13
N LYS D 77 -32.82 41.34 -13.76
CA LYS D 77 -32.20 40.15 -13.18
C LYS D 77 -31.12 40.60 -12.21
N ILE D 78 -30.94 39.84 -11.13
CA ILE D 78 -29.85 40.06 -10.17
C ILE D 78 -29.34 38.71 -9.71
N ARG D 79 -28.20 38.74 -9.01
CA ARG D 79 -27.53 37.55 -8.50
C ARG D 79 -27.41 37.65 -6.99
N LEU D 80 -28.43 37.22 -6.27
CA LEU D 80 -28.37 37.12 -4.82
C LEU D 80 -27.55 35.91 -4.37
N PRO D 81 -26.92 36.00 -3.21
CA PRO D 81 -26.35 34.79 -2.58
C PRO D 81 -27.45 33.81 -2.21
N SER D 82 -27.08 32.53 -2.10
CA SER D 82 -28.08 31.51 -1.85
C SER D 82 -28.38 31.33 -0.36
N ASP D 83 -27.50 31.81 0.51
CA ASP D 83 -27.74 31.73 1.95
C ASP D 83 -28.70 32.80 2.43
N ASP D 84 -29.17 33.66 1.53
CA ASP D 84 -30.07 34.75 1.89
C ASP D 84 -31.54 34.38 1.72
N VAL D 85 -31.87 33.32 0.98
CA VAL D 85 -33.24 33.00 0.66
C VAL D 85 -33.55 31.56 1.05
N TRP D 86 -34.84 31.24 1.06
CA TRP D 86 -35.30 29.89 1.34
C TRP D 86 -34.86 28.96 0.21
N LEU D 87 -34.38 27.78 0.58
CA LEU D 87 -33.98 26.78 -0.40
C LEU D 87 -34.60 25.44 -0.06
N PRO D 88 -34.81 24.59 -1.07
CA PRO D 88 -35.33 23.25 -0.79
C PRO D 88 -34.24 22.32 -0.31
N ASP D 89 -34.59 21.46 0.66
CA ASP D 89 -33.64 20.50 1.21
C ASP D 89 -33.72 19.19 0.42
N LEU D 90 -33.10 19.23 -0.75
CA LEU D 90 -32.95 18.04 -1.59
C LEU D 90 -31.80 17.18 -1.10
N VAL D 91 -32.07 15.91 -0.84
CA VAL D 91 -31.10 14.97 -0.28
C VAL D 91 -30.94 13.81 -1.24
N LEU D 92 -29.72 13.28 -1.33
CA LEU D 92 -29.44 12.05 -2.06
C LEU D 92 -29.73 10.88 -1.13
N TYR D 93 -30.84 10.17 -1.35
CA TYR D 93 -31.24 9.13 -0.41
C TYR D 93 -30.27 7.97 -0.40
N ASN D 94 -29.76 7.58 -1.57
CA ASN D 94 -28.85 6.45 -1.66
C ASN D 94 -27.38 6.85 -1.50
N ASN D 95 -27.13 7.92 -0.75
CA ASN D 95 -25.77 8.34 -0.44
C ASN D 95 -25.02 7.27 0.35
N ALA D 96 -23.74 7.09 0.05
CA ALA D 96 -22.94 6.09 0.73
C ALA D 96 -22.04 6.70 1.81
N ASP D 97 -21.07 7.54 1.41
CA ASP D 97 -20.16 8.11 2.40
C ASP D 97 -19.75 9.53 2.03
N GLY D 98 -20.59 10.26 1.30
CA GLY D 98 -20.30 11.62 0.95
C GLY D 98 -21.23 12.60 1.64
N ASP D 99 -21.68 13.61 0.91
CA ASP D 99 -22.56 14.63 1.46
C ASP D 99 -24.00 14.33 1.06
N PHE D 100 -24.91 14.46 2.02
CA PHE D 100 -26.33 14.22 1.72
C PHE D 100 -26.92 15.39 0.93
N ALA D 101 -26.70 16.61 1.39
CA ALA D 101 -27.25 17.81 0.78
C ALA D 101 -26.19 18.55 -0.01
N ILE D 102 -26.55 19.73 -0.51
CA ILE D 102 -25.62 20.63 -1.19
C ILE D 102 -24.82 21.40 -0.15
N VAL D 103 -23.51 21.53 -0.39
CA VAL D 103 -22.65 22.28 0.52
C VAL D 103 -21.99 23.48 -0.14
N HIS D 104 -21.86 23.53 -1.46
CA HIS D 104 -21.36 24.72 -2.16
C HIS D 104 -22.50 25.71 -2.35
N MET D 105 -22.51 26.75 -1.52
CA MET D 105 -23.60 27.74 -1.55
C MET D 105 -23.29 28.83 -2.58
N THR D 106 -23.43 28.45 -3.84
CA THR D 106 -23.19 29.36 -4.96
C THR D 106 -24.38 30.31 -5.13
N LYS D 107 -24.10 31.46 -5.75
CA LYS D 107 -25.13 32.46 -6.01
C LYS D 107 -26.20 31.92 -6.97
N LEU D 108 -27.39 32.52 -6.88
CA LEU D 108 -28.53 32.14 -7.69
C LEU D 108 -29.03 33.34 -8.50
N LEU D 109 -29.75 33.06 -9.58
CA LEU D 109 -30.28 34.08 -10.47
C LEU D 109 -31.74 34.35 -10.14
N LEU D 110 -32.10 35.62 -10.03
CA LEU D 110 -33.45 36.04 -9.65
C LEU D 110 -33.95 37.09 -10.63
N ASP D 111 -35.08 36.81 -11.29
CA ASP D 111 -35.71 37.79 -12.17
C ASP D 111 -36.81 38.51 -11.41
N TYR D 112 -37.31 39.59 -12.02
CA TYR D 112 -38.29 40.45 -11.34
C TYR D 112 -39.63 39.78 -11.09
N THR D 113 -39.92 38.64 -11.71
CA THR D 113 -41.15 37.92 -11.43
C THR D 113 -41.04 37.01 -10.22
N GLY D 114 -39.86 36.92 -9.60
CA GLY D 114 -39.61 35.98 -8.53
C GLY D 114 -39.14 34.61 -8.93
N LYS D 115 -39.01 34.33 -10.23
CA LYS D 115 -38.53 33.03 -10.65
C LYS D 115 -37.05 32.89 -10.31
N ILE D 116 -36.68 31.78 -9.68
CA ILE D 116 -35.33 31.55 -9.19
C ILE D 116 -34.74 30.37 -9.95
N MET D 117 -33.48 30.51 -10.35
CA MET D 117 -32.73 29.42 -10.96
C MET D 117 -31.42 29.29 -10.20
N TRP D 118 -31.24 28.17 -9.51
CA TRP D 118 -30.03 27.88 -8.74
C TRP D 118 -29.40 26.60 -9.27
N THR D 119 -28.09 26.62 -9.50
CA THR D 119 -27.40 25.53 -10.18
C THR D 119 -26.06 25.25 -9.48
N PRO D 120 -26.11 24.66 -8.29
CA PRO D 120 -24.87 24.46 -7.52
C PRO D 120 -24.15 23.19 -7.94
N PRO D 121 -22.85 23.12 -7.74
CA PRO D 121 -22.10 21.89 -8.03
C PRO D 121 -22.18 20.89 -6.88
N ALA D 122 -21.84 19.64 -7.18
CA ALA D 122 -21.89 18.59 -6.18
C ALA D 122 -21.07 17.39 -6.63
N ILE D 123 -20.39 16.76 -5.68
CA ILE D 123 -19.81 15.43 -5.86
C ILE D 123 -20.76 14.42 -5.25
N PHE D 124 -21.39 13.58 -6.07
CA PHE D 124 -22.30 12.56 -5.60
C PHE D 124 -21.56 11.23 -5.43
N LYS D 125 -21.62 10.67 -4.22
CA LYS D 125 -21.13 9.32 -3.94
C LYS D 125 -22.34 8.43 -3.64
N SER D 126 -22.77 7.66 -4.64
CA SER D 126 -23.96 6.83 -4.53
C SER D 126 -23.60 5.37 -4.28
N TYR D 127 -24.48 4.68 -3.55
CA TYR D 127 -24.30 3.26 -3.27
C TYR D 127 -24.81 2.49 -4.48
N CYS D 128 -23.89 2.00 -5.32
CA CYS D 128 -24.33 1.25 -6.53
C CYS D 128 -23.96 -0.24 -6.42
N GLU D 129 -24.95 -1.12 -6.52
CA GLU D 129 -24.68 -2.59 -6.50
C GLU D 129 -23.81 -2.95 -7.71
N ILE D 130 -22.80 -3.81 -7.51
CA ILE D 130 -21.86 -4.13 -8.63
C ILE D 130 -21.92 -5.64 -8.94
N ILE D 131 -22.65 -6.03 -9.99
CA ILE D 131 -22.66 -7.42 -10.41
C ILE D 131 -21.33 -7.70 -11.07
N VAL D 132 -20.66 -8.77 -10.64
CA VAL D 132 -19.32 -9.06 -11.12
C VAL D 132 -19.27 -10.41 -11.83
N THR D 133 -20.43 -10.95 -12.21
CA THR D 133 -20.47 -12.25 -12.86
C THR D 133 -19.69 -12.27 -14.16
N HIS D 134 -19.69 -11.17 -14.92
CA HIS D 134 -19.12 -11.15 -16.24
C HIS D 134 -17.87 -10.28 -16.37
N PHE D 135 -17.40 -9.68 -15.28
CA PHE D 135 -16.16 -8.91 -15.24
C PHE D 135 -15.06 -9.65 -15.96
N PRO D 136 -14.34 -9.01 -16.88
CA PRO D 136 -14.30 -7.58 -17.21
C PRO D 136 -15.25 -7.14 -18.34
N PHE D 137 -16.23 -7.95 -18.70
CA PHE D 137 -17.18 -7.60 -19.75
C PHE D 137 -18.55 -7.35 -19.17
N ASP D 138 -18.61 -6.52 -18.13
CA ASP D 138 -19.82 -6.35 -17.34
C ASP D 138 -20.47 -5.00 -17.60
N GLN D 139 -21.80 -5.00 -17.48
CA GLN D 139 -22.64 -3.82 -17.61
C GLN D 139 -23.31 -3.57 -16.26
N GLN D 140 -23.28 -2.29 -15.85
CA GLN D 140 -23.82 -1.90 -14.53
C GLN D 140 -24.99 -0.95 -14.69
N ASN D 141 -25.90 -0.91 -13.72
CA ASN D 141 -27.08 -0.01 -13.75
C ASN D 141 -27.02 0.79 -12.46
N CYS D 142 -26.47 1.99 -12.47
CA CYS D 142 -26.26 2.77 -11.23
C CYS D 142 -27.30 3.86 -11.11
N THR D 143 -27.83 4.08 -9.92
CA THR D 143 -28.95 5.04 -9.75
C THR D 143 -28.57 6.22 -8.86
N MET D 144 -29.45 7.22 -8.82
CA MET D 144 -29.26 8.38 -7.95
C MET D 144 -30.68 8.82 -7.58
N LYS D 145 -31.09 8.45 -6.36
CA LYS D 145 -32.42 8.76 -5.84
C LYS D 145 -32.38 10.09 -5.10
N LEU D 146 -33.21 11.03 -5.51
CA LEU D 146 -33.25 12.36 -4.92
C LEU D 146 -34.65 12.67 -4.40
N GLY D 147 -34.74 13.37 -3.28
CA GLY D 147 -36.03 13.76 -2.74
C GLY D 147 -35.90 14.80 -1.66
N ILE D 148 -37.03 15.40 -1.34
CA ILE D 148 -37.14 16.34 -0.23
C ILE D 148 -37.21 15.57 1.08
N TRP D 149 -36.41 15.97 2.06
CA TRP D 149 -36.18 15.17 3.25
C TRP D 149 -37.31 15.31 4.28
N THR D 150 -37.71 16.54 4.58
CA THR D 150 -38.64 16.80 5.67
C THR D 150 -40.04 17.17 5.22
N TYR D 151 -40.30 17.28 3.93
CA TYR D 151 -41.61 17.67 3.43
C TYR D 151 -42.20 16.57 2.54
N ASP D 152 -43.52 16.53 2.50
CA ASP D 152 -44.25 15.59 1.65
C ASP D 152 -44.77 16.31 0.41
N GLY D 153 -45.27 15.53 -0.54
CA GLY D 153 -45.66 16.05 -1.83
C GLY D 153 -46.82 17.02 -1.83
N THR D 154 -47.43 17.25 -0.67
CA THR D 154 -48.47 18.25 -0.56
C THR D 154 -47.94 19.61 -0.15
N LYS D 155 -46.72 19.67 0.36
CA LYS D 155 -46.07 20.93 0.72
C LYS D 155 -44.97 21.33 -0.25
N VAL D 156 -44.16 20.39 -0.72
CA VAL D 156 -43.09 20.67 -1.67
C VAL D 156 -43.13 19.59 -2.73
N SER D 157 -43.49 19.96 -3.95
CA SER D 157 -43.53 19.03 -5.08
C SER D 157 -42.28 19.19 -5.93
N ILE D 158 -41.78 18.07 -6.45
CA ILE D 158 -40.66 18.09 -7.39
C ILE D 158 -41.09 17.41 -8.68
N SER D 159 -40.49 17.84 -9.79
CA SER D 159 -40.81 17.30 -11.12
C SER D 159 -39.57 17.37 -11.99
N PRO D 160 -39.22 16.31 -12.70
CA PRO D 160 -38.02 16.34 -13.55
C PRO D 160 -38.15 17.34 -14.68
N GLU D 161 -37.00 17.92 -15.05
CA GLU D 161 -36.94 18.92 -16.11
C GLU D 161 -37.00 18.30 -17.49
N SER D 162 -36.41 17.11 -17.65
CA SER D 162 -36.43 16.39 -18.91
C SER D 162 -36.55 14.91 -18.60
N ASP D 163 -36.95 14.14 -19.62
CA ASP D 163 -37.10 12.70 -19.45
C ASP D 163 -35.79 11.97 -19.16
N ARG D 164 -34.64 12.64 -19.28
CA ARG D 164 -33.38 11.93 -19.11
C ARG D 164 -32.28 12.94 -18.85
N PRO D 165 -31.22 12.55 -18.12
CA PRO D 165 -30.17 13.51 -17.74
C PRO D 165 -29.56 14.28 -18.90
N ASP D 166 -28.87 15.37 -18.57
CA ASP D 166 -28.19 16.21 -19.54
C ASP D 166 -26.71 15.81 -19.60
N LEU D 167 -26.30 15.19 -20.69
CA LEU D 167 -24.92 14.79 -20.91
C LEU D 167 -24.30 15.51 -22.10
N SER D 168 -24.66 16.77 -22.30
CA SER D 168 -24.13 17.51 -23.45
C SER D 168 -22.69 17.94 -23.25
N THR D 169 -22.26 18.17 -22.02
CA THR D 169 -20.89 18.56 -21.70
C THR D 169 -20.15 17.44 -20.96
N PHE D 170 -20.47 16.20 -21.27
CA PHE D 170 -19.93 15.06 -20.55
C PHE D 170 -18.52 14.73 -21.02
N MET D 171 -17.60 14.64 -20.06
CA MET D 171 -16.22 14.28 -20.34
C MET D 171 -16.11 12.77 -20.51
N GLU D 172 -15.67 12.33 -21.68
CA GLU D 172 -15.50 10.90 -21.92
C GLU D 172 -14.62 10.29 -20.85
N SER D 173 -14.86 9.01 -20.56
CA SER D 173 -14.29 8.40 -19.37
C SER D 173 -12.91 7.79 -19.59
N GLY D 174 -12.81 6.77 -20.42
CA GLY D 174 -11.61 5.99 -20.56
C GLY D 174 -11.75 4.57 -20.06
N GLU D 175 -12.71 4.32 -19.17
CA GLU D 175 -13.01 2.98 -18.68
C GLU D 175 -14.47 2.57 -18.86
N TRP D 176 -15.37 3.51 -19.16
CA TRP D 176 -16.80 3.23 -19.21
C TRP D 176 -17.42 3.94 -20.41
N VAL D 177 -18.47 3.34 -20.95
CA VAL D 177 -19.23 3.88 -22.06
C VAL D 177 -20.67 4.06 -21.62
N MET D 178 -21.24 5.24 -21.87
CA MET D 178 -22.62 5.51 -21.49
C MET D 178 -23.53 4.93 -22.56
N LYS D 179 -24.32 3.91 -22.20
CA LYS D 179 -25.23 3.30 -23.15
C LYS D 179 -26.62 3.94 -23.10
N ASP D 180 -27.19 4.04 -21.90
CA ASP D 180 -28.51 4.63 -21.75
C ASP D 180 -28.60 5.35 -20.42
N TYR D 181 -29.54 6.29 -20.34
CA TYR D 181 -29.79 7.04 -19.11
C TYR D 181 -31.22 7.56 -19.17
N ARG D 182 -31.91 7.51 -18.03
CA ARG D 182 -33.28 7.98 -17.90
C ARG D 182 -33.53 8.41 -16.46
N GLY D 183 -34.57 9.23 -16.30
CA GLY D 183 -35.03 9.63 -14.98
C GLY D 183 -36.52 9.31 -14.83
N TRP D 184 -36.89 8.78 -13.68
CA TRP D 184 -38.27 8.42 -13.40
C TRP D 184 -38.71 9.02 -12.08
N LYS D 185 -39.91 9.59 -12.05
CA LYS D 185 -40.50 10.11 -10.83
C LYS D 185 -41.51 9.10 -10.27
N HIS D 186 -41.48 8.93 -8.95
CA HIS D 186 -42.31 7.95 -8.27
C HIS D 186 -43.22 8.62 -7.25
N TRP D 187 -44.41 8.06 -7.12
CA TRP D 187 -45.39 8.49 -6.13
C TRP D 187 -45.60 7.33 -5.16
N VAL D 188 -45.44 7.60 -3.86
CA VAL D 188 -45.52 6.55 -2.85
C VAL D 188 -46.56 6.95 -1.81
N TYR D 189 -47.53 6.08 -1.58
CA TYR D 189 -48.54 6.25 -0.54
C TYR D 189 -48.37 5.18 0.53
N TYR D 190 -48.65 5.56 1.77
CA TYR D 190 -48.53 4.66 2.91
C TYR D 190 -49.91 4.33 3.47
N THR D 191 -49.99 3.19 4.16
CA THR D 191 -51.27 2.74 4.68
C THR D 191 -51.80 3.67 5.76
N CYS D 192 -50.90 4.24 6.57
CA CYS D 192 -51.31 5.16 7.63
C CYS D 192 -52.02 6.38 7.05
N CYS D 193 -51.29 7.16 6.24
CA CYS D 193 -51.81 8.39 5.67
C CYS D 193 -52.38 8.16 4.27
N PRO D 194 -53.72 8.12 4.13
CA PRO D 194 -54.31 7.73 2.85
C PRO D 194 -54.06 8.68 1.68
N ASP D 195 -53.95 9.99 1.89
CA ASP D 195 -53.82 10.92 0.78
C ASP D 195 -52.62 11.84 0.93
N THR D 196 -51.46 11.27 1.25
CA THR D 196 -50.22 12.02 1.31
C THR D 196 -49.14 11.29 0.52
N PRO D 197 -48.73 11.83 -0.63
CA PRO D 197 -47.71 11.16 -1.43
C PRO D 197 -46.31 11.63 -1.12
N TYR D 198 -45.37 10.70 -1.22
CA TYR D 198 -43.96 10.99 -1.04
C TYR D 198 -43.25 10.79 -2.37
N LEU D 199 -42.56 11.83 -2.84
CA LEU D 199 -42.05 11.89 -4.20
C LEU D 199 -40.53 11.73 -4.24
N ASP D 200 -40.05 11.22 -5.36
CA ASP D 200 -38.61 11.08 -5.59
C ASP D 200 -38.35 10.91 -7.08
N ILE D 201 -37.30 11.56 -7.58
CA ILE D 201 -36.81 11.35 -8.93
C ILE D 201 -35.58 10.45 -8.87
N THR D 202 -35.57 9.41 -9.69
CA THR D 202 -34.46 8.46 -9.71
C THR D 202 -33.84 8.44 -11.11
N TYR D 203 -32.56 8.78 -11.19
CA TYR D 203 -31.82 8.80 -12.47
C TYR D 203 -30.99 7.54 -12.50
N HIS D 204 -30.97 6.88 -13.63
CA HIS D 204 -30.19 5.63 -13.77
C HIS D 204 -29.24 5.81 -14.95
N PHE D 205 -28.11 5.16 -14.89
CA PHE D 205 -27.10 5.24 -15.96
C PHE D 205 -26.63 3.83 -16.25
N ILE D 206 -26.80 3.35 -17.48
CA ILE D 206 -26.38 2.01 -17.88
C ILE D 206 -24.97 2.13 -18.43
N MET D 207 -24.02 1.51 -17.74
CA MET D 207 -22.60 1.72 -17.98
C MET D 207 -21.99 0.42 -18.46
N GLN D 208 -21.33 0.47 -19.62
CA GLN D 208 -20.62 -0.68 -20.16
C GLN D 208 -19.13 -0.43 -19.99
N ARG D 209 -18.41 -1.46 -19.57
CA ARG D 209 -17.00 -1.32 -19.30
C ARG D 209 -16.19 -1.56 -20.57
N ILE D 210 -15.04 -0.90 -20.67
CA ILE D 210 -14.14 -1.09 -21.80
C ILE D 210 -13.09 -2.12 -21.38
N PRO D 211 -13.15 -3.33 -21.90
CA PRO D 211 -12.32 -4.44 -21.40
C PRO D 211 -11.00 -4.61 -22.13
N LEU D 212 -10.22 -3.54 -22.23
CA LEU D 212 -8.92 -3.66 -22.88
C LEU D 212 -7.77 -3.76 -21.87
N TYR D 213 -7.78 -2.89 -20.86
CA TYR D 213 -6.76 -2.95 -19.81
C TYR D 213 -6.69 -4.32 -19.16
N PHE D 214 -7.83 -4.97 -18.95
CA PHE D 214 -7.81 -6.23 -18.21
C PHE D 214 -7.55 -7.41 -19.09
N VAL D 215 -7.80 -7.27 -20.39
CA VAL D 215 -7.49 -8.35 -21.33
C VAL D 215 -6.00 -8.35 -21.64
N VAL D 216 -5.41 -7.16 -21.76
CA VAL D 216 -3.98 -7.12 -22.06
C VAL D 216 -3.15 -7.32 -20.81
N ASN D 217 -3.69 -7.03 -19.62
CA ASN D 217 -2.88 -7.16 -18.41
C ASN D 217 -3.09 -8.45 -17.63
N VAL D 218 -4.23 -9.14 -17.77
CA VAL D 218 -4.52 -10.33 -16.98
C VAL D 218 -4.77 -11.55 -17.86
N ILE D 219 -5.64 -11.42 -18.86
CA ILE D 219 -6.09 -12.60 -19.60
C ILE D 219 -4.97 -13.17 -20.48
N ILE D 220 -4.21 -12.30 -21.14
CA ILE D 220 -3.19 -12.77 -22.08
C ILE D 220 -2.08 -13.57 -21.38
N PRO D 221 -1.51 -13.12 -20.26
CA PRO D 221 -0.56 -13.99 -19.54
C PRO D 221 -1.14 -15.34 -19.15
N CYS D 222 -2.41 -15.38 -18.72
CA CYS D 222 -3.04 -16.66 -18.39
C CYS D 222 -3.14 -17.57 -19.61
N LEU D 223 -3.49 -17.00 -20.76
CA LEU D 223 -3.52 -17.76 -22.00
C LEU D 223 -2.14 -18.35 -22.28
N LEU D 224 -1.11 -17.53 -22.15
CA LEU D 224 0.25 -17.97 -22.38
C LEU D 224 0.61 -19.13 -21.44
N PHE D 225 0.28 -19.00 -20.16
CA PHE D 225 0.61 -20.03 -19.19
C PHE D 225 -0.11 -21.34 -19.50
N SER D 226 -1.36 -21.27 -19.98
CA SER D 226 -2.06 -22.52 -20.32
C SER D 226 -1.42 -23.19 -21.54
N PHE D 227 -1.08 -22.38 -22.55
CA PHE D 227 -0.46 -22.94 -23.75
C PHE D 227 0.86 -23.61 -23.40
N LEU D 228 1.65 -22.98 -22.51
CA LEU D 228 2.88 -23.62 -22.05
C LEU D 228 2.60 -24.87 -21.21
N THR D 229 1.55 -24.82 -20.38
CA THR D 229 1.17 -25.96 -19.58
C THR D 229 0.92 -27.21 -20.42
N GLY D 230 0.52 -27.03 -21.68
CA GLY D 230 0.38 -28.22 -22.51
C GLY D 230 1.68 -28.74 -23.08
N LEU D 231 2.69 -27.88 -23.20
CA LEU D 231 3.93 -28.23 -23.89
C LEU D 231 4.71 -29.35 -23.22
N VAL D 232 4.65 -29.47 -21.89
CA VAL D 232 5.43 -30.45 -21.13
C VAL D 232 5.32 -31.85 -21.69
N PHE D 233 4.24 -32.14 -22.41
CA PHE D 233 4.01 -33.49 -22.90
C PHE D 233 4.75 -33.77 -24.20
N TYR D 234 5.46 -32.80 -24.75
CA TYR D 234 6.34 -33.04 -25.89
C TYR D 234 7.80 -33.11 -25.48
N LEU D 235 8.08 -33.05 -24.18
CA LEU D 235 9.44 -33.06 -23.66
C LEU D 235 9.82 -34.47 -23.25
N PRO D 236 10.91 -35.02 -23.76
CA PRO D 236 11.23 -36.41 -23.46
C PRO D 236 11.73 -36.63 -22.04
N THR D 237 11.42 -37.82 -21.52
CA THR D 237 11.80 -38.17 -20.16
C THR D 237 13.31 -38.35 -20.00
N ASP D 238 14.02 -38.64 -21.10
CA ASP D 238 15.48 -38.79 -21.02
C ASP D 238 16.13 -37.56 -20.41
N SER D 239 15.74 -36.37 -20.88
CA SER D 239 16.16 -35.17 -20.20
C SER D 239 15.51 -35.12 -18.83
N GLY D 240 16.25 -34.69 -17.82
CA GLY D 240 15.66 -34.56 -16.51
C GLY D 240 15.16 -33.16 -16.26
N GLU D 241 14.15 -32.74 -17.01
CA GLU D 241 13.68 -31.36 -16.91
C GLU D 241 12.16 -31.22 -17.01
N LYS D 242 11.42 -32.33 -16.98
CA LYS D 242 9.97 -32.24 -17.05
C LYS D 242 9.41 -31.58 -15.79
N MET D 243 9.95 -31.95 -14.63
CA MET D 243 9.52 -31.33 -13.39
C MET D 243 9.97 -29.88 -13.33
N THR D 244 11.18 -29.59 -13.79
CA THR D 244 11.64 -28.20 -13.88
C THR D 244 10.64 -27.35 -14.64
N LEU D 245 10.25 -27.79 -15.85
CA LEU D 245 9.31 -27.03 -16.65
C LEU D 245 7.96 -26.87 -15.97
N SER D 246 7.31 -28.00 -15.65
CA SER D 246 6.01 -27.96 -15.00
C SER D 246 5.99 -27.05 -13.76
N ILE D 247 6.91 -27.29 -12.83
CA ILE D 247 6.86 -26.57 -11.56
C ILE D 247 7.25 -25.11 -11.74
N SER D 248 8.09 -24.79 -12.73
CA SER D 248 8.41 -23.39 -12.96
C SER D 248 7.26 -22.64 -13.62
N VAL D 249 6.50 -23.31 -14.49
CA VAL D 249 5.27 -22.71 -14.98
C VAL D 249 4.33 -22.43 -13.82
N LEU D 250 4.23 -23.38 -12.88
CA LEU D 250 3.38 -23.17 -11.71
C LEU D 250 3.89 -21.99 -10.86
N LEU D 251 5.21 -21.86 -10.73
CA LEU D 251 5.81 -20.75 -9.99
C LEU D 251 5.49 -19.41 -10.65
N SER D 252 5.63 -19.34 -11.98
CA SER D 252 5.27 -18.13 -12.70
C SER D 252 3.81 -17.77 -12.50
N LEU D 253 2.93 -18.77 -12.52
CA LEU D 253 1.52 -18.51 -12.30
C LEU D 253 1.25 -18.04 -10.88
N THR D 254 1.98 -18.58 -9.91
CA THR D 254 1.83 -18.14 -8.52
C THR D 254 2.32 -16.71 -8.33
N VAL D 255 3.37 -16.32 -9.05
CA VAL D 255 3.83 -14.92 -8.96
C VAL D 255 2.85 -14.00 -9.67
N PHE D 256 2.23 -14.47 -10.76
CA PHE D 256 1.25 -13.64 -11.45
C PHE D 256 -0.05 -13.54 -10.67
N LEU D 257 -0.26 -14.46 -9.72
CA LEU D 257 -1.43 -14.35 -8.86
C LEU D 257 -1.35 -13.11 -7.97
N LEU D 258 -0.15 -12.69 -7.60
CA LEU D 258 -0.02 -11.43 -6.85
C LEU D 258 -0.46 -10.25 -7.70
N VAL D 259 -0.26 -10.35 -9.01
CA VAL D 259 -0.66 -9.27 -9.90
C VAL D 259 -2.17 -9.28 -10.09
N ILE D 260 -2.75 -10.47 -10.21
CA ILE D 260 -4.21 -10.58 -10.28
C ILE D 260 -4.85 -10.02 -9.02
N VAL D 261 -4.38 -10.46 -7.85
CA VAL D 261 -4.92 -9.99 -6.58
C VAL D 261 -4.69 -8.50 -6.40
N GLU D 262 -3.73 -7.92 -7.11
CA GLU D 262 -3.52 -6.49 -6.99
C GLU D 262 -4.44 -5.71 -7.93
N LEU D 263 -4.67 -6.21 -9.14
CA LEU D 263 -5.42 -5.48 -10.14
C LEU D 263 -6.94 -5.68 -10.02
N ILE D 264 -7.39 -6.90 -9.77
CA ILE D 264 -8.80 -7.27 -9.76
C ILE D 264 -9.46 -6.82 -8.45
N PRO D 265 -10.71 -6.35 -8.48
CA PRO D 265 -11.44 -6.09 -7.24
C PRO D 265 -11.64 -7.35 -6.42
N SER D 266 -11.53 -7.20 -5.09
CA SER D 266 -11.63 -8.31 -4.14
C SER D 266 -13.02 -8.29 -3.51
N THR D 267 -13.96 -9.00 -4.11
CA THR D 267 -15.32 -9.09 -3.61
C THR D 267 -15.70 -10.56 -3.49
N SER D 268 -16.69 -10.85 -2.64
CA SER D 268 -17.20 -12.20 -2.47
C SER D 268 -18.69 -12.30 -2.78
N SER D 269 -19.22 -11.40 -3.60
CA SER D 269 -20.62 -11.50 -3.99
C SER D 269 -20.83 -12.62 -5.01
N ALA D 270 -19.85 -12.83 -5.88
CA ALA D 270 -19.91 -13.88 -6.89
C ALA D 270 -18.51 -14.10 -7.43
N VAL D 271 -18.36 -15.17 -8.20
CA VAL D 271 -17.09 -15.51 -8.84
C VAL D 271 -17.05 -14.79 -10.19
N PRO D 272 -16.06 -13.94 -10.44
CA PRO D 272 -15.95 -13.32 -11.76
C PRO D 272 -15.53 -14.32 -12.83
N LEU D 273 -15.66 -13.88 -14.07
CA LEU D 273 -15.27 -14.70 -15.20
C LEU D 273 -13.75 -14.82 -15.28
N ILE D 274 -13.06 -13.72 -14.97
CA ILE D 274 -11.61 -13.70 -14.96
C ILE D 274 -11.08 -14.63 -13.86
N GLY D 275 -11.82 -14.77 -12.76
CA GLY D 275 -11.42 -15.62 -11.66
C GLY D 275 -11.69 -17.08 -11.96
N LYS D 276 -12.81 -17.35 -12.64
CA LYS D 276 -13.03 -18.70 -13.13
C LYS D 276 -11.92 -19.12 -14.07
N TYR D 277 -11.44 -18.19 -14.89
CA TYR D 277 -10.36 -18.53 -15.82
C TYR D 277 -9.05 -18.78 -15.08
N MET D 278 -8.74 -17.96 -14.08
CA MET D 278 -7.52 -18.18 -13.30
C MET D 278 -7.55 -19.52 -12.59
N LEU D 279 -8.73 -19.95 -12.12
CA LEU D 279 -8.78 -21.21 -11.40
C LEU D 279 -8.80 -22.40 -12.35
N PHE D 280 -9.33 -22.21 -13.56
CA PHE D 280 -9.20 -23.23 -14.59
C PHE D 280 -7.73 -23.45 -14.94
N THR D 281 -7.00 -22.35 -15.11
CA THR D 281 -5.57 -22.45 -15.41
C THR D 281 -4.81 -23.16 -14.29
N MET D 282 -5.09 -22.80 -13.04
CA MET D 282 -4.45 -23.46 -11.89
C MET D 282 -4.69 -24.97 -11.92
N ILE D 283 -5.95 -25.38 -12.08
CA ILE D 283 -6.25 -26.81 -12.03
C ILE D 283 -5.65 -27.53 -13.23
N PHE D 284 -5.53 -26.82 -14.35
CA PHE D 284 -4.92 -27.37 -15.55
C PHE D 284 -3.44 -27.67 -15.32
N VAL D 285 -2.71 -26.70 -14.77
CA VAL D 285 -1.29 -26.89 -14.46
C VAL D 285 -1.09 -28.04 -13.49
N ILE D 286 -1.87 -28.07 -12.41
CA ILE D 286 -1.69 -29.09 -11.39
C ILE D 286 -1.99 -30.49 -11.94
N SER D 287 -3.02 -30.60 -12.78
CA SER D 287 -3.30 -31.90 -13.40
C SER D 287 -2.17 -32.32 -14.32
N SER D 288 -1.59 -31.36 -15.06
CA SER D 288 -0.43 -31.68 -15.88
C SER D 288 0.72 -32.23 -15.04
N ILE D 289 0.95 -31.64 -13.86
CA ILE D 289 2.05 -32.11 -13.02
C ILE D 289 1.80 -33.53 -12.53
N ILE D 290 0.57 -33.82 -12.10
CA ILE D 290 0.26 -35.17 -11.61
C ILE D 290 0.45 -36.20 -12.72
N ILE D 291 -0.11 -35.93 -13.91
CA ILE D 291 0.01 -36.91 -14.97
C ILE D 291 1.45 -37.01 -15.48
N THR D 292 2.23 -35.94 -15.36
CA THR D 292 3.64 -36.02 -15.70
C THR D 292 4.38 -36.94 -14.74
N VAL D 293 3.99 -36.92 -13.46
CA VAL D 293 4.67 -37.80 -12.52
C VAL D 293 4.29 -39.25 -12.81
N VAL D 294 3.08 -39.47 -13.33
CA VAL D 294 2.70 -40.85 -13.66
C VAL D 294 3.42 -41.30 -14.92
N VAL D 295 3.65 -40.40 -15.88
CA VAL D 295 4.44 -40.75 -17.07
C VAL D 295 5.88 -41.07 -16.70
N ILE D 296 6.49 -40.26 -15.84
CA ILE D 296 7.88 -40.52 -15.43
C ILE D 296 7.98 -41.86 -14.71
N ASN D 297 7.00 -42.16 -13.85
CA ASN D 297 7.00 -43.44 -13.14
C ASN D 297 6.85 -44.60 -14.11
N THR D 298 6.00 -44.46 -15.14
CA THR D 298 5.87 -45.53 -16.13
C THR D 298 7.12 -45.67 -16.98
N HIS D 299 7.87 -44.59 -17.14
CA HIS D 299 9.08 -44.65 -17.95
C HIS D 299 10.21 -45.37 -17.21
N HIS D 300 10.54 -44.93 -15.99
CA HIS D 300 11.54 -45.62 -15.18
C HIS D 300 10.93 -46.77 -14.39
N ARG D 301 10.39 -47.76 -15.09
CA ARG D 301 9.81 -48.93 -14.45
C ARG D 301 10.73 -50.12 -14.69
N SER D 302 11.22 -50.71 -13.60
CA SER D 302 12.19 -51.79 -13.69
C SER D 302 11.57 -53.03 -14.33
N PRO D 303 12.24 -53.65 -15.31
CA PRO D 303 11.66 -54.87 -15.91
C PRO D 303 11.62 -56.04 -14.96
N SER D 304 12.70 -56.29 -14.21
CA SER D 304 12.80 -57.39 -13.27
C SER D 304 11.51 -57.60 -12.47
N THR D 305 11.10 -56.59 -11.72
CA THR D 305 9.89 -56.71 -10.91
C THR D 305 8.62 -56.65 -11.76
N HIS D 306 8.30 -55.46 -12.27
CA HIS D 306 7.08 -55.25 -13.05
C HIS D 306 7.14 -55.99 -14.36
N THR D 307 6.37 -57.07 -14.47
CA THR D 307 6.23 -57.81 -15.72
C THR D 307 5.01 -57.26 -16.45
N MET D 308 5.25 -56.40 -17.44
CA MET D 308 4.27 -55.71 -18.28
C MET D 308 3.06 -56.58 -18.60
N PRO D 309 1.86 -56.14 -18.26
CA PRO D 309 0.66 -56.93 -18.56
C PRO D 309 0.21 -56.87 -20.02
N GLN D 310 -0.65 -57.84 -20.34
CA GLN D 310 -1.10 -58.05 -21.71
C GLN D 310 -2.00 -56.93 -22.20
N TRP D 311 -2.82 -56.35 -21.33
CA TRP D 311 -3.75 -55.34 -21.82
C TRP D 311 -3.03 -54.05 -22.16
N VAL D 312 -2.08 -53.62 -21.33
CA VAL D 312 -1.27 -52.46 -21.69
C VAL D 312 -0.46 -52.76 -22.93
N ARG D 313 0.05 -54.00 -23.04
CA ARG D 313 0.88 -54.31 -24.20
C ARG D 313 0.09 -54.23 -25.49
N LYS D 314 -1.14 -54.75 -25.45
CA LYS D 314 -2.00 -54.73 -26.63
C LYS D 314 -2.44 -53.32 -26.98
N ILE D 315 -2.93 -52.57 -26.00
CA ILE D 315 -3.42 -51.23 -26.28
C ILE D 315 -2.27 -50.33 -26.73
N PHE D 316 -1.28 -50.12 -25.86
CA PHE D 316 -0.24 -49.15 -26.14
C PHE D 316 0.91 -49.70 -27.00
N ILE D 317 0.73 -50.82 -27.69
CA ILE D 317 1.77 -51.27 -28.62
C ILE D 317 1.22 -51.67 -29.98
N ASP D 318 -0.05 -52.06 -30.08
CA ASP D 318 -0.64 -52.54 -31.32
C ASP D 318 -1.65 -51.58 -31.96
N THR D 319 -2.57 -51.02 -31.17
CA THR D 319 -3.62 -50.21 -31.78
C THR D 319 -3.29 -48.73 -31.91
N ILE D 320 -2.83 -48.08 -30.84
CA ILE D 320 -2.57 -46.64 -30.90
C ILE D 320 -1.49 -46.30 -31.92
N PRO D 321 -0.30 -46.91 -31.88
CA PRO D 321 0.74 -46.52 -32.85
C PRO D 321 0.24 -46.54 -34.27
N ASN D 322 -0.77 -47.35 -34.57
CA ASN D 322 -1.24 -47.44 -35.94
C ASN D 322 -2.37 -46.45 -36.19
N VAL D 323 -3.23 -46.22 -35.18
CA VAL D 323 -4.36 -45.32 -35.41
C VAL D 323 -3.84 -43.93 -35.68
N MET D 324 -2.76 -43.53 -35.00
CA MET D 324 -2.20 -42.20 -35.23
C MET D 324 -1.55 -42.13 -36.61
N PHE D 325 -1.62 -40.95 -37.22
CA PHE D 325 -1.05 -40.78 -38.56
C PHE D 325 -0.08 -39.60 -38.65
N PHE D 326 -0.48 -38.44 -38.14
CA PHE D 326 0.39 -37.27 -38.12
C PHE D 326 1.53 -37.50 -37.14
N SER D 327 2.40 -38.46 -37.44
CA SER D 327 3.45 -38.85 -36.50
C SER D 327 4.59 -39.49 -37.26
N THR D 328 5.72 -39.62 -36.57
CA THR D 328 6.93 -40.19 -37.14
C THR D 328 7.42 -41.36 -36.27
N MET D 329 6.55 -41.87 -35.41
CA MET D 329 6.93 -42.91 -34.47
C MET D 329 7.00 -44.27 -35.15
N LYS D 330 7.95 -45.09 -34.72
CA LYS D 330 8.20 -46.39 -35.34
C LYS D 330 7.01 -47.32 -35.08
N ARG D 331 6.24 -47.60 -36.12
CA ARG D 331 5.06 -48.44 -36.00
C ARG D 331 5.46 -49.89 -35.76
N ASN D 369 45.10 -77.08 -19.87
CA ASN D 369 45.70 -76.40 -18.74
C ASN D 369 44.63 -75.70 -17.90
N PRO D 370 44.78 -75.66 -16.57
CA PRO D 370 43.80 -74.95 -15.74
C PRO D 370 43.62 -73.49 -16.13
N ASP D 371 44.54 -72.90 -16.88
CA ASP D 371 44.45 -71.49 -17.21
C ASP D 371 43.56 -71.26 -18.42
N VAL D 372 43.82 -71.98 -19.52
CA VAL D 372 43.02 -71.81 -20.74
C VAL D 372 41.56 -72.09 -20.44
N LYS D 373 41.28 -72.96 -19.48
CA LYS D 373 39.90 -73.26 -19.10
C LYS D 373 39.27 -72.03 -18.47
N SER D 374 39.87 -71.54 -17.37
CA SER D 374 39.35 -70.36 -16.71
C SER D 374 39.18 -69.21 -17.69
N ALA D 375 40.04 -69.15 -18.72
CA ALA D 375 39.92 -68.13 -19.76
C ALA D 375 38.61 -68.32 -20.53
N ILE D 376 38.49 -69.44 -21.23
CA ILE D 376 37.30 -69.81 -21.99
C ILE D 376 36.05 -69.48 -21.16
N GLU D 377 36.06 -69.92 -19.91
CA GLU D 377 34.95 -69.65 -18.99
C GLU D 377 34.71 -68.14 -18.86
N GLY D 378 35.79 -67.37 -18.71
CA GLY D 378 35.70 -65.92 -18.67
C GLY D 378 34.92 -65.38 -19.85
N VAL D 379 35.46 -65.60 -21.05
CA VAL D 379 34.83 -65.24 -22.32
C VAL D 379 33.34 -65.59 -22.32
N LYS D 380 33.03 -66.85 -21.98
CA LYS D 380 31.65 -67.31 -22.05
C LYS D 380 30.75 -66.56 -21.07
N TYR D 381 31.30 -66.20 -19.91
CA TYR D 381 30.54 -65.38 -18.97
C TYR D 381 30.34 -63.98 -19.53
N ILE D 382 31.39 -63.40 -20.13
CA ILE D 382 31.31 -62.07 -20.73
C ILE D 382 30.38 -62.07 -21.93
N ALA D 383 29.89 -63.23 -22.33
CA ALA D 383 28.88 -63.33 -23.38
C ALA D 383 27.47 -63.51 -22.81
N GLU D 384 27.30 -64.52 -21.94
CA GLU D 384 26.01 -64.70 -21.28
C GLU D 384 25.53 -63.43 -20.59
N HIS D 385 26.42 -62.73 -19.89
CA HIS D 385 26.02 -61.53 -19.19
C HIS D 385 25.52 -60.48 -20.16
N MET D 386 26.18 -60.36 -21.32
CA MET D 386 25.72 -59.40 -22.31
C MET D 386 24.34 -59.76 -22.81
N LYS D 387 24.11 -61.05 -23.08
CA LYS D 387 22.78 -61.46 -23.55
C LYS D 387 21.71 -61.07 -22.53
N SER D 388 21.96 -61.40 -21.25
CA SER D 388 21.03 -61.05 -20.18
C SER D 388 20.73 -59.55 -20.16
N ASP D 389 21.80 -58.74 -20.18
CA ASP D 389 21.63 -57.29 -20.26
C ASP D 389 20.75 -56.91 -21.43
N GLU D 390 20.88 -57.63 -22.55
CA GLU D 390 20.13 -57.26 -23.75
C GLU D 390 18.63 -57.54 -23.59
N GLU D 391 18.25 -58.62 -22.89
CA GLU D 391 16.81 -58.78 -22.65
C GLU D 391 16.31 -57.72 -21.68
N SER D 392 17.02 -57.51 -20.57
CA SER D 392 16.61 -56.45 -19.65
C SER D 392 16.44 -55.12 -20.36
N SER D 393 17.30 -54.85 -21.34
CA SER D 393 17.23 -53.56 -22.03
C SER D 393 16.04 -53.53 -22.99
N ASN D 394 15.74 -54.66 -23.64
CA ASN D 394 14.55 -54.68 -24.49
C ASN D 394 13.29 -54.43 -23.67
N ALA D 395 13.18 -55.07 -22.51
CA ALA D 395 11.99 -54.85 -21.67
C ALA D 395 11.90 -53.40 -21.23
N ALA D 396 13.03 -52.77 -20.89
CA ALA D 396 12.96 -51.38 -20.48
C ALA D 396 12.61 -50.48 -21.65
N GLU D 397 13.02 -50.87 -22.87
CA GLU D 397 12.63 -50.10 -24.04
C GLU D 397 11.14 -50.21 -24.30
N GLU D 398 10.55 -51.37 -24.01
CA GLU D 398 9.10 -51.50 -24.13
C GLU D 398 8.39 -50.57 -23.15
N TRP D 399 8.86 -50.49 -21.91
CA TRP D 399 8.22 -49.57 -20.98
C TRP D 399 8.40 -48.11 -21.41
N LYS D 400 9.50 -47.82 -22.10
CA LYS D 400 9.74 -46.44 -22.51
C LYS D 400 8.91 -46.08 -23.72
N TYR D 401 8.63 -47.07 -24.57
CA TYR D 401 7.74 -46.88 -25.71
C TYR D 401 6.33 -46.64 -25.24
N VAL D 402 5.89 -47.40 -24.22
CA VAL D 402 4.54 -47.21 -23.69
C VAL D 402 4.42 -45.82 -23.08
N ALA D 403 5.45 -45.35 -22.39
CA ALA D 403 5.36 -44.02 -21.81
C ALA D 403 5.33 -42.94 -22.89
N MET D 404 6.05 -43.16 -23.99
CA MET D 404 6.06 -42.17 -25.07
C MET D 404 4.69 -42.10 -25.76
N VAL D 405 4.06 -43.26 -25.97
CA VAL D 405 2.72 -43.29 -26.57
C VAL D 405 1.72 -42.57 -25.68
N ILE D 406 1.73 -42.88 -24.38
CA ILE D 406 0.83 -42.21 -23.45
C ILE D 406 1.07 -40.70 -23.48
N ASP D 407 2.33 -40.31 -23.61
CA ASP D 407 2.68 -38.90 -23.59
C ASP D 407 2.14 -38.19 -24.83
N HIS D 408 2.17 -38.85 -26.00
CA HIS D 408 1.59 -38.30 -27.25
C HIS D 408 0.07 -38.19 -27.16
N ILE D 409 -0.62 -39.17 -26.57
CA ILE D 409 -2.06 -39.03 -26.37
C ILE D 409 -2.37 -37.86 -25.47
N LEU D 410 -1.56 -37.65 -24.44
CA LEU D 410 -1.86 -36.57 -23.51
C LEU D 410 -1.48 -35.20 -24.05
N LEU D 411 -0.56 -35.14 -25.03
CA LEU D 411 -0.31 -33.86 -25.68
C LEU D 411 -1.50 -33.44 -26.51
N CYS D 412 -2.08 -34.38 -27.26
CA CYS D 412 -3.28 -34.04 -28.03
C CYS D 412 -4.44 -33.67 -27.12
N VAL D 413 -4.71 -34.51 -26.11
CA VAL D 413 -5.78 -34.23 -25.15
C VAL D 413 -5.61 -32.85 -24.51
N PHE D 414 -4.40 -32.52 -24.06
CA PHE D 414 -4.24 -31.27 -23.34
C PHE D 414 -4.30 -30.05 -24.24
N MET D 415 -3.93 -30.19 -25.51
CA MET D 415 -4.12 -29.02 -26.38
C MET D 415 -5.59 -28.84 -26.72
N LEU D 416 -6.32 -29.94 -26.85
CA LEU D 416 -7.76 -29.86 -27.03
C LEU D 416 -8.42 -29.16 -25.85
N ILE D 417 -8.13 -29.63 -24.63
CA ILE D 417 -8.69 -29.00 -23.44
C ILE D 417 -8.28 -27.53 -23.34
N CYS D 418 -7.04 -27.21 -23.71
CA CYS D 418 -6.61 -25.81 -23.65
C CYS D 418 -7.47 -24.94 -24.55
N ILE D 419 -7.88 -25.45 -25.71
CA ILE D 419 -8.70 -24.64 -26.60
C ILE D 419 -10.15 -24.62 -26.13
N ILE D 420 -10.71 -25.80 -25.87
CA ILE D 420 -12.12 -25.92 -25.48
C ILE D 420 -12.41 -25.12 -24.22
N GLY D 421 -11.59 -25.28 -23.18
CA GLY D 421 -11.86 -24.62 -21.93
C GLY D 421 -11.55 -23.14 -21.93
N THR D 422 -10.91 -22.65 -22.97
CA THR D 422 -10.70 -21.22 -23.13
C THR D 422 -11.81 -20.59 -23.95
N VAL D 423 -12.43 -21.38 -24.83
CA VAL D 423 -13.57 -20.86 -25.58
C VAL D 423 -14.84 -20.95 -24.73
N SER D 424 -14.97 -22.02 -23.94
CA SER D 424 -16.17 -22.26 -23.14
C SER D 424 -16.27 -21.36 -21.91
N VAL D 425 -15.33 -20.44 -21.72
CA VAL D 425 -15.41 -19.50 -20.62
C VAL D 425 -15.77 -18.10 -21.11
N PHE D 426 -15.40 -17.75 -22.34
CA PHE D 426 -15.59 -16.40 -22.84
C PHE D 426 -16.62 -16.32 -23.97
N ALA D 427 -16.97 -17.44 -24.60
CA ALA D 427 -17.83 -17.41 -25.78
C ALA D 427 -19.19 -16.82 -25.46
N GLY D 428 -19.84 -17.29 -24.41
CA GLY D 428 -21.17 -16.84 -24.04
C GLY D 428 -21.32 -15.33 -23.98
N ARG D 429 -20.52 -14.70 -23.13
CA ARG D 429 -20.62 -13.25 -22.95
C ARG D 429 -20.23 -12.52 -24.22
N LEU D 430 -19.17 -12.95 -24.88
CA LEU D 430 -18.69 -12.23 -26.06
C LEU D 430 -19.64 -12.39 -27.24
N ILE D 431 -20.50 -13.40 -27.21
CA ILE D 431 -21.49 -13.60 -28.26
C ILE D 431 -22.77 -12.86 -27.93
N GLU D 432 -23.15 -12.78 -26.66
CA GLU D 432 -24.35 -12.03 -26.31
C GLU D 432 -24.08 -10.53 -26.30
N LEU D 433 -22.82 -10.12 -26.25
CA LEU D 433 -22.48 -8.71 -26.30
C LEU D 433 -22.61 -8.13 -27.70
N SER D 434 -22.62 -8.97 -28.74
CA SER D 434 -22.80 -8.52 -30.10
C SER D 434 -24.06 -9.10 -30.73
N GLU E 1 -49.82 35.01 2.17
CA GLU E 1 -48.94 35.02 3.36
C GLU E 1 -48.98 33.62 3.97
N ASN E 2 -47.79 33.10 4.26
CA ASN E 2 -47.75 31.76 4.91
C ASN E 2 -47.94 31.93 6.43
N GLU E 3 -49.16 31.69 6.92
CA GLU E 3 -49.44 31.77 8.38
C GLU E 3 -48.25 31.20 9.16
N GLU E 4 -47.55 30.22 8.59
CA GLU E 4 -46.43 29.59 9.27
C GLU E 4 -45.40 30.61 9.69
N GLY E 5 -45.37 31.78 9.06
CA GLY E 5 -44.43 32.80 9.47
C GLY E 5 -44.82 33.44 10.79
N ARG E 6 -46.06 33.91 10.88
CA ARG E 6 -46.62 34.32 12.16
C ARG E 6 -46.32 33.28 13.25
N LEU E 7 -46.70 32.02 13.00
CA LEU E 7 -46.56 31.01 14.03
C LEU E 7 -45.11 30.81 14.47
N ILE E 8 -44.19 30.66 13.51
CA ILE E 8 -42.80 30.39 13.87
C ILE E 8 -42.14 31.60 14.52
N GLU E 9 -42.50 32.81 14.09
CA GLU E 9 -41.96 33.99 14.76
C GLU E 9 -42.54 34.17 16.15
N LYS E 10 -43.72 33.61 16.41
CA LYS E 10 -44.23 33.60 17.78
C LYS E 10 -43.47 32.59 18.63
N LEU E 11 -43.19 31.41 18.08
CA LEU E 11 -42.50 30.38 18.84
C LEU E 11 -41.06 30.76 19.15
N LEU E 12 -40.26 31.02 18.12
CA LEU E 12 -38.83 31.26 18.34
C LEU E 12 -38.51 32.61 18.96
N GLY E 13 -39.46 33.53 19.04
CA GLY E 13 -39.27 34.70 19.87
C GLY E 13 -39.40 34.37 21.34
N ASP E 14 -38.42 34.79 22.13
CA ASP E 14 -38.34 34.49 23.57
C ASP E 14 -38.09 32.99 23.79
N TYR E 15 -37.11 32.45 23.07
CA TYR E 15 -36.75 31.04 23.15
C TYR E 15 -35.25 30.94 23.25
N ASP E 16 -34.76 30.30 24.30
CA ASP E 16 -33.33 30.08 24.49
C ASP E 16 -33.05 28.60 24.27
N LYS E 17 -32.22 28.30 23.27
CA LYS E 17 -31.92 26.93 22.91
C LYS E 17 -30.87 26.29 23.80
N ARG E 18 -30.25 27.07 24.69
CA ARG E 18 -29.32 26.51 25.66
C ARG E 18 -30.00 25.87 26.86
N ILE E 19 -31.29 26.07 27.05
CA ILE E 19 -31.97 25.71 28.30
C ILE E 19 -32.76 24.42 28.07
N ILE E 20 -32.49 23.42 28.90
CA ILE E 20 -33.26 22.16 28.85
C ILE E 20 -34.72 22.44 29.15
N PRO E 21 -35.66 21.83 28.44
CA PRO E 21 -37.08 22.18 28.60
C PRO E 21 -37.79 21.54 29.78
N ALA E 22 -37.04 21.07 30.78
CA ALA E 22 -37.63 20.56 32.03
C ALA E 22 -38.68 21.52 32.57
N LYS E 23 -39.93 21.03 32.66
CA LYS E 23 -41.02 21.84 33.19
C LYS E 23 -40.77 22.26 34.63
N THR E 24 -40.52 21.31 35.51
CA THR E 24 -40.30 21.57 36.93
C THR E 24 -38.90 21.10 37.32
N LEU E 25 -38.63 21.09 38.62
CA LEU E 25 -37.28 20.81 39.09
C LEU E 25 -36.90 19.36 38.85
N ASP E 26 -37.74 18.43 39.30
CA ASP E 26 -37.49 17.01 39.06
C ASP E 26 -38.36 16.53 37.90
N HIS E 27 -38.05 17.04 36.72
CA HIS E 27 -38.68 16.61 35.47
C HIS E 27 -37.61 16.03 34.57
N ILE E 28 -37.74 14.75 34.24
CA ILE E 28 -36.83 14.08 33.33
C ILE E 28 -37.42 14.10 31.93
N ILE E 29 -36.60 14.45 30.94
CA ILE E 29 -37.00 14.45 29.54
C ILE E 29 -36.87 13.06 28.96
N ASP E 30 -37.99 12.48 28.55
CA ASP E 30 -38.01 11.15 27.93
C ASP E 30 -37.54 11.27 26.48
N VAL E 31 -36.32 10.82 26.19
CA VAL E 31 -35.76 10.87 24.85
C VAL E 31 -35.81 9.48 24.24
N THR E 32 -36.59 9.33 23.17
CA THR E 32 -36.84 8.04 22.53
C THR E 32 -36.13 7.99 21.19
N LEU E 33 -35.19 7.04 21.05
CA LEU E 33 -34.44 6.90 19.81
C LEU E 33 -34.64 5.53 19.17
N LYS E 34 -34.46 5.49 17.84
CA LYS E 34 -34.64 4.30 17.02
C LYS E 34 -33.70 4.36 15.82
N LEU E 35 -33.09 3.24 15.47
CA LEU E 35 -32.07 3.20 14.43
C LEU E 35 -32.56 2.48 13.17
N THR E 36 -32.08 2.95 12.02
CA THR E 36 -32.41 2.38 10.72
C THR E 36 -31.13 2.27 9.91
N LEU E 37 -30.66 1.06 9.66
CA LEU E 37 -29.48 0.85 8.85
C LEU E 37 -29.80 1.00 7.37
N THR E 38 -29.03 1.84 6.69
CA THR E 38 -29.19 2.07 5.25
C THR E 38 -28.18 1.30 4.42
N ASN E 39 -26.91 1.32 4.82
CA ASN E 39 -25.87 0.55 4.14
C ASN E 39 -24.80 0.17 5.15
N LEU E 40 -24.31 -1.05 5.04
CA LEU E 40 -23.12 -1.50 5.75
C LEU E 40 -21.98 -1.30 4.77
N ILE E 41 -21.18 -0.26 4.98
CA ILE E 41 -20.20 0.12 3.97
C ILE E 41 -18.99 -0.80 4.01
N SER E 42 -18.41 -1.01 5.19
CA SER E 42 -17.17 -1.80 5.29
C SER E 42 -16.93 -2.17 6.74
N LEU E 43 -15.99 -3.10 6.93
CA LEU E 43 -15.47 -3.47 8.24
C LEU E 43 -13.96 -3.67 8.04
N ASN E 44 -13.20 -2.62 8.30
CA ASN E 44 -11.75 -2.66 8.19
C ASN E 44 -11.15 -3.52 9.30
N GLU E 45 -10.50 -4.62 8.93
CA GLU E 45 -9.92 -5.51 9.93
C GLU E 45 -8.55 -5.04 10.41
N LYS E 46 -7.89 -4.16 9.66
CA LYS E 46 -6.59 -3.65 10.08
C LYS E 46 -6.74 -2.47 11.03
N GLU E 47 -7.87 -1.78 11.00
CA GLU E 47 -8.15 -0.68 11.91
C GLU E 47 -9.24 -0.98 12.90
N GLU E 48 -9.88 -2.16 12.81
CA GLU E 48 -10.98 -2.55 13.68
C GLU E 48 -12.04 -1.46 13.77
N ALA E 49 -12.52 -1.04 12.60
CA ALA E 49 -13.55 0.00 12.50
C ALA E 49 -14.67 -0.46 11.59
N LEU E 50 -15.91 -0.27 12.06
CA LEU E 50 -17.11 -0.54 11.27
C LEU E 50 -17.66 0.78 10.73
N THR E 51 -17.82 0.88 9.41
CA THR E 51 -18.43 2.04 8.78
C THR E 51 -19.88 1.70 8.43
N THR E 52 -20.80 2.60 8.77
CA THR E 52 -22.22 2.39 8.54
C THR E 52 -22.88 3.71 8.16
N ASN E 53 -23.98 3.60 7.43
CA ASN E 53 -24.85 4.72 7.09
C ASN E 53 -26.18 4.45 7.78
N VAL E 54 -26.51 5.25 8.79
CA VAL E 54 -27.71 5.05 9.60
C VAL E 54 -28.56 6.31 9.60
N TRP E 55 -29.87 6.11 9.66
CA TRP E 55 -30.82 7.19 9.92
C TRP E 55 -31.38 6.97 11.32
N ILE E 56 -31.00 7.81 12.27
CA ILE E 56 -31.42 7.69 13.66
C ILE E 56 -32.62 8.59 13.89
N GLU E 57 -33.70 8.02 14.41
CA GLU E 57 -34.93 8.75 14.68
C GLU E 57 -34.98 9.08 16.17
N ILE E 58 -35.07 10.36 16.50
CA ILE E 58 -35.02 10.85 17.87
C ILE E 58 -36.30 11.62 18.16
N GLN E 59 -37.01 11.24 19.21
CA GLN E 59 -38.24 11.92 19.61
C GLN E 59 -38.16 12.38 21.06
N TRP E 60 -38.73 13.55 21.32
CA TRP E 60 -38.82 14.11 22.66
C TRP E 60 -39.91 15.18 22.65
N ASN E 61 -40.13 15.81 23.80
CA ASN E 61 -41.18 16.80 23.94
C ASN E 61 -40.61 18.09 24.50
N ASP E 62 -40.93 19.20 23.85
CA ASP E 62 -40.52 20.55 24.26
C ASP E 62 -41.79 21.33 24.57
N TYR E 63 -42.08 21.52 25.85
CA TYR E 63 -43.29 22.22 26.25
C TYR E 63 -43.36 23.64 25.74
N ARG E 64 -42.23 24.23 25.33
CA ARG E 64 -42.23 25.62 24.89
C ARG E 64 -42.73 25.78 23.46
N LEU E 65 -42.80 24.71 22.68
CA LEU E 65 -43.13 24.76 21.27
C LEU E 65 -44.53 24.21 20.99
N SER E 66 -45.50 24.57 21.83
CA SER E 66 -46.88 24.15 21.68
C SER E 66 -47.75 25.35 21.33
N TRP E 67 -48.82 25.10 20.57
CA TRP E 67 -49.76 26.16 20.20
C TRP E 67 -51.15 25.57 20.01
N ASN E 68 -52.10 26.45 19.74
CA ASN E 68 -53.51 26.09 19.57
C ASN E 68 -53.89 26.35 18.11
N THR E 69 -54.28 25.28 17.41
CA THR E 69 -54.46 25.34 15.95
C THR E 69 -55.57 26.31 15.54
N SER E 70 -56.60 26.46 16.36
CA SER E 70 -57.72 27.33 16.00
C SER E 70 -57.26 28.77 15.81
N GLU E 71 -56.24 29.20 16.55
CA GLU E 71 -55.70 30.54 16.37
C GLU E 71 -54.75 30.63 15.18
N TYR E 72 -54.43 29.51 14.53
CA TYR E 72 -53.50 29.51 13.41
C TYR E 72 -54.06 28.69 12.25
N GLU E 73 -55.38 28.74 12.10
CA GLU E 73 -56.12 28.20 10.96
C GLU E 73 -55.91 26.70 10.74
N GLY E 74 -55.57 25.95 11.78
CA GLY E 74 -55.51 24.51 11.67
C GLY E 74 -54.13 23.93 11.46
N ILE E 75 -53.10 24.76 11.34
CA ILE E 75 -51.74 24.24 11.20
C ILE E 75 -51.39 23.45 12.45
N ASP E 76 -51.03 22.18 12.26
CA ASP E 76 -50.68 21.31 13.37
C ASP E 76 -49.25 20.78 13.29
N LEU E 77 -48.52 21.08 12.23
CA LEU E 77 -47.16 20.59 12.05
C LEU E 77 -46.35 21.67 11.36
N VAL E 78 -45.08 21.79 11.74
CA VAL E 78 -44.21 22.83 11.19
C VAL E 78 -42.79 22.28 11.17
N ARG E 79 -41.97 22.83 10.28
CA ARG E 79 -40.58 22.40 10.12
C ARG E 79 -39.66 23.55 10.51
N ILE E 80 -38.77 23.29 11.47
CA ILE E 80 -37.83 24.29 11.97
C ILE E 80 -36.42 23.72 11.88
N PRO E 81 -35.45 24.47 11.34
CA PRO E 81 -34.06 24.00 11.34
C PRO E 81 -33.54 23.65 12.72
N SER E 82 -32.84 22.52 12.81
CA SER E 82 -32.37 21.99 14.08
C SER E 82 -31.44 22.96 14.81
N GLU E 83 -30.74 23.81 14.10
CA GLU E 83 -29.75 24.67 14.72
C GLU E 83 -30.36 25.84 15.49
N LEU E 84 -31.69 25.96 15.48
CA LEU E 84 -32.38 27.02 16.20
C LEU E 84 -33.06 26.53 17.47
N LEU E 85 -33.02 25.23 17.73
CA LEU E 85 -33.78 24.61 18.81
C LEU E 85 -32.85 23.95 19.82
N TRP E 86 -33.41 23.66 20.99
CA TRP E 86 -32.70 22.84 21.96
C TRP E 86 -32.72 21.39 21.50
N LEU E 87 -31.54 20.77 21.48
CA LEU E 87 -31.43 19.39 21.08
C LEU E 87 -30.83 18.57 22.20
N PRO E 88 -31.27 17.33 22.41
CA PRO E 88 -30.50 16.44 23.27
C PRO E 88 -29.19 16.14 22.57
N ASP E 89 -28.15 15.87 23.35
CA ASP E 89 -26.83 15.72 22.76
C ASP E 89 -26.50 14.24 22.61
N VAL E 90 -27.26 13.58 21.76
CA VAL E 90 -27.11 12.15 21.52
C VAL E 90 -25.99 11.94 20.51
N VAL E 91 -24.98 11.18 20.90
CA VAL E 91 -23.77 11.01 20.12
C VAL E 91 -23.40 9.53 20.13
N LEU E 92 -22.52 9.15 19.21
CA LEU E 92 -21.93 7.83 19.21
C LEU E 92 -20.67 7.90 20.05
N GLU E 93 -20.60 7.09 21.11
CA GLU E 93 -19.46 7.16 22.02
C GLU E 93 -18.28 6.32 21.57
N ASN E 94 -18.53 5.17 20.97
CA ASN E 94 -17.42 4.28 20.61
C ASN E 94 -16.94 4.50 19.18
N ASN E 95 -16.71 5.76 18.83
CA ASN E 95 -16.19 6.11 17.52
C ASN E 95 -14.66 6.04 17.53
N VAL E 96 -14.08 5.64 16.40
CA VAL E 96 -12.63 5.61 16.28
C VAL E 96 -12.07 6.98 15.91
N ASP E 97 -12.71 7.69 15.00
CA ASP E 97 -12.35 9.06 14.69
C ASP E 97 -12.95 9.97 15.77
N GLY E 98 -13.00 11.27 15.52
CA GLY E 98 -13.58 12.16 16.50
C GLY E 98 -14.96 12.63 16.11
N GLN E 99 -15.66 11.85 15.29
CA GLN E 99 -17.00 12.19 14.81
C GLN E 99 -18.05 11.65 15.78
N PHE E 100 -18.39 12.47 16.76
CA PHE E 100 -19.47 12.14 17.69
C PHE E 100 -20.86 12.42 17.11
N GLU E 101 -20.99 13.45 16.27
CA GLU E 101 -22.29 13.98 15.88
C GLU E 101 -22.77 13.41 14.55
N VAL E 102 -23.94 13.89 14.12
CA VAL E 102 -24.59 13.45 12.88
C VAL E 102 -23.99 14.22 11.70
N ALA E 103 -24.32 13.78 10.49
CA ALA E 103 -23.74 14.36 9.27
C ALA E 103 -24.58 15.51 8.71
N TYR E 104 -25.86 15.28 8.50
CA TYR E 104 -26.78 16.30 7.99
C TYR E 104 -27.70 16.75 9.12
N TYR E 105 -27.67 18.04 9.44
CA TYR E 105 -28.58 18.62 10.43
C TYR E 105 -29.89 18.97 9.74
N ALA E 106 -30.77 17.99 9.64
CA ALA E 106 -32.07 18.13 9.01
C ALA E 106 -33.01 18.96 9.88
N ASN E 107 -34.12 19.37 9.28
CA ASN E 107 -35.15 20.09 10.02
C ASN E 107 -35.82 19.17 11.03
N VAL E 108 -36.51 19.78 11.98
CA VAL E 108 -37.25 19.08 13.03
C VAL E 108 -38.74 19.33 12.79
N LEU E 109 -39.53 18.25 12.84
CA LEU E 109 -40.98 18.37 12.76
C LEU E 109 -41.55 18.64 14.14
N VAL E 110 -42.24 19.76 14.28
CA VAL E 110 -42.78 20.21 15.56
C VAL E 110 -44.30 20.20 15.47
N TYR E 111 -44.95 19.47 16.37
CA TYR E 111 -46.40 19.39 16.39
C TYR E 111 -46.98 20.32 17.45
N ASN E 112 -48.27 20.60 17.33
CA ASN E 112 -48.90 21.63 18.14
C ASN E 112 -48.84 21.32 19.64
N ASP E 113 -48.63 20.06 20.01
CA ASP E 113 -48.57 19.68 21.42
C ASP E 113 -47.15 19.68 21.97
N GLY E 114 -46.16 20.07 21.17
CA GLY E 114 -44.78 20.08 21.58
C GLY E 114 -43.97 18.84 21.22
N SER E 115 -44.57 17.87 20.55
CA SER E 115 -43.83 16.69 20.12
C SER E 115 -42.80 17.06 19.06
N MET E 116 -41.63 16.44 19.17
CA MET E 116 -40.51 16.73 18.27
C MET E 116 -40.07 15.45 17.60
N TYR E 117 -40.08 15.44 16.26
CA TYR E 117 -39.62 14.31 15.47
C TYR E 117 -38.42 14.77 14.66
N TRP E 118 -37.24 14.23 14.95
CA TRP E 118 -36.02 14.58 14.24
C TRP E 118 -35.36 13.32 13.70
N LEU E 119 -35.09 13.30 12.39
CA LEU E 119 -34.51 12.13 11.70
C LEU E 119 -33.24 12.53 10.96
N PRO E 120 -32.14 12.75 11.68
CA PRO E 120 -30.89 13.12 11.01
C PRO E 120 -30.13 11.91 10.51
N PRO E 121 -29.61 11.96 9.29
CA PRO E 121 -28.73 10.89 8.81
C PRO E 121 -27.30 11.07 9.29
N ALA E 122 -26.59 9.96 9.38
CA ALA E 122 -25.23 10.01 9.92
C ALA E 122 -24.36 8.95 9.26
N ILE E 123 -23.07 9.24 9.19
CA ILE E 123 -22.05 8.29 8.77
C ILE E 123 -21.11 8.09 9.96
N TYR E 124 -21.01 6.86 10.43
CA TYR E 124 -20.31 6.56 11.67
C TYR E 124 -19.20 5.55 11.43
N ARG E 125 -18.11 5.69 12.20
CA ARG E 125 -17.00 4.75 12.20
C ARG E 125 -16.80 4.24 13.62
N SER E 126 -17.54 3.19 13.98
CA SER E 126 -17.49 2.60 15.30
C SER E 126 -16.23 1.77 15.48
N THR E 127 -15.99 1.35 16.72
CA THR E 127 -14.89 0.46 17.05
C THR E 127 -15.44 -0.90 17.45
N CYS E 128 -14.98 -1.94 16.78
CA CYS E 128 -15.30 -3.27 17.29
C CYS E 128 -14.09 -4.19 17.14
N PRO E 129 -13.52 -4.62 18.26
CA PRO E 129 -12.38 -5.54 18.21
C PRO E 129 -12.71 -6.83 17.47
N ILE E 130 -11.80 -7.25 16.62
CA ILE E 130 -11.99 -8.39 15.75
C ILE E 130 -11.54 -9.66 16.46
N ALA E 131 -12.34 -10.72 16.35
CA ALA E 131 -11.94 -12.05 16.79
C ALA E 131 -11.36 -12.75 15.58
N VAL E 132 -10.09 -13.16 15.66
CA VAL E 132 -9.36 -13.63 14.50
C VAL E 132 -9.19 -15.14 14.47
N THR E 133 -9.66 -15.84 15.51
CA THR E 133 -9.40 -17.28 15.64
C THR E 133 -9.76 -18.05 14.39
N TYR E 134 -10.89 -17.73 13.77
CA TYR E 134 -11.43 -18.50 12.65
C TYR E 134 -11.33 -17.79 11.31
N PHE E 135 -10.73 -16.60 11.26
CA PHE E 135 -10.51 -15.89 10.02
C PHE E 135 -9.92 -16.82 8.96
N PRO E 136 -10.49 -16.88 7.74
CA PRO E 136 -11.56 -16.05 7.18
C PRO E 136 -12.97 -16.62 7.31
N PHE E 137 -13.19 -17.63 8.15
CA PHE E 137 -14.52 -18.22 8.34
C PHE E 137 -15.17 -17.70 9.62
N ASP E 138 -15.02 -16.41 9.89
CA ASP E 138 -15.38 -15.84 11.17
C ASP E 138 -16.68 -15.04 11.08
N TRP E 139 -17.24 -14.77 12.27
CA TRP E 139 -18.38 -13.91 12.45
C TRP E 139 -18.02 -12.93 13.55
N GLN E 140 -18.51 -11.69 13.44
CA GLN E 140 -18.12 -10.64 14.35
C GLN E 140 -19.34 -10.07 15.05
N ASN E 141 -19.13 -9.58 16.27
CA ASN E 141 -20.17 -9.00 17.12
C ASN E 141 -19.79 -7.55 17.38
N CYS E 142 -20.39 -6.62 16.63
CA CYS E 142 -20.02 -5.21 16.65
C CYS E 142 -21.19 -4.40 17.17
N SER E 143 -20.91 -3.46 18.08
CA SER E 143 -21.94 -2.68 18.77
C SER E 143 -21.82 -1.19 18.44
N LEU E 144 -22.97 -0.52 18.48
CA LEU E 144 -23.04 0.94 18.39
C LEU E 144 -23.63 1.49 19.68
N VAL E 145 -22.83 2.25 20.43
CA VAL E 145 -23.20 2.73 21.75
C VAL E 145 -23.58 4.20 21.68
N PHE E 146 -24.81 4.52 22.06
CA PHE E 146 -25.35 5.88 22.00
C PHE E 146 -25.61 6.39 23.40
N ARG E 147 -25.11 7.59 23.69
CA ARG E 147 -25.31 8.24 24.98
C ARG E 147 -25.58 9.71 24.76
N SER E 148 -25.91 10.39 25.85
CA SER E 148 -25.97 11.85 25.84
C SER E 148 -24.59 12.34 26.27
N GLN E 149 -24.11 13.38 25.61
CA GLN E 149 -22.81 13.92 25.95
C GLN E 149 -22.88 15.00 27.01
N THR E 150 -24.06 15.45 27.37
CA THR E 150 -24.23 16.58 28.27
C THR E 150 -25.07 16.28 29.50
N TYR E 151 -26.14 15.50 29.36
CA TYR E 151 -27.10 15.34 30.43
C TYR E 151 -26.97 13.99 31.12
N ASN E 152 -27.35 13.94 32.38
CA ASN E 152 -27.29 12.75 33.20
C ASN E 152 -28.70 12.16 33.37
N ALA E 153 -28.77 11.02 34.06
CA ALA E 153 -30.04 10.32 34.24
C ALA E 153 -31.04 11.08 35.12
N HIS E 154 -30.58 12.09 35.87
CA HIS E 154 -31.53 12.99 36.52
C HIS E 154 -32.11 14.04 35.58
N GLU E 155 -31.62 14.13 34.35
CA GLU E 155 -32.06 15.13 33.40
C GLU E 155 -32.80 14.55 32.21
N VAL E 156 -32.25 13.55 31.54
CA VAL E 156 -32.91 12.89 30.42
C VAL E 156 -33.00 11.40 30.68
N ASN E 157 -34.07 10.78 30.18
CA ASN E 157 -34.29 9.34 30.28
C ASN E 157 -34.29 8.73 28.86
N LEU E 158 -33.18 8.10 28.49
CA LEU E 158 -33.08 7.45 27.19
C LEU E 158 -33.89 6.16 27.16
N GLN E 159 -34.75 6.00 26.15
CA GLN E 159 -35.53 4.79 25.98
C GLN E 159 -35.60 4.41 24.51
N LEU E 160 -35.99 3.17 24.25
CA LEU E 160 -36.22 2.71 22.89
C LEU E 160 -37.65 3.00 22.47
N SER E 161 -37.88 3.00 21.15
CA SER E 161 -39.17 3.36 20.61
C SER E 161 -40.16 2.21 20.73
N ALA E 162 -41.43 2.56 20.90
CA ALA E 162 -42.52 1.61 21.03
C ALA E 162 -43.60 1.95 20.01
N GLU E 163 -43.73 1.13 18.99
CA GLU E 163 -44.74 1.33 17.95
C GLU E 163 -45.89 0.36 18.17
N GLU E 164 -47.08 0.91 18.40
CA GLU E 164 -48.33 0.17 18.58
C GLU E 164 -48.40 -0.56 19.93
N GLY E 165 -47.62 -0.13 20.91
CA GLY E 165 -47.59 -0.75 22.21
C GLY E 165 -46.45 -1.73 22.44
N GLU E 166 -45.81 -2.18 21.35
CA GLU E 166 -44.71 -3.16 21.46
C GLU E 166 -43.38 -2.48 21.18
N ALA E 167 -42.39 -2.61 22.06
CA ALA E 167 -41.10 -1.98 21.88
C ALA E 167 -40.40 -2.51 20.63
N VAL E 168 -39.56 -1.66 20.05
CA VAL E 168 -38.79 -2.00 18.86
C VAL E 168 -37.38 -2.28 19.34
N GLU E 169 -37.12 -3.53 19.73
CA GLU E 169 -35.82 -3.94 20.24
C GLU E 169 -34.92 -4.49 19.13
N TRP E 170 -34.79 -3.78 18.02
CA TRP E 170 -33.94 -4.25 16.92
C TRP E 170 -33.64 -3.08 15.99
N ILE E 171 -32.55 -3.24 15.22
CA ILE E 171 -32.27 -2.32 14.13
C ILE E 171 -33.26 -2.55 12.99
N HIS E 172 -33.84 -1.47 12.49
CA HIS E 172 -34.79 -1.57 11.39
C HIS E 172 -34.05 -1.59 10.05
N ILE E 173 -34.41 -2.55 9.21
CA ILE E 173 -33.82 -2.72 7.88
C ILE E 173 -34.94 -2.89 6.86
N ASP E 174 -34.97 -2.01 5.86
CA ASP E 174 -35.96 -2.08 4.80
C ASP E 174 -35.77 -3.33 3.96
N PRO E 175 -36.71 -4.29 3.99
CA PRO E 175 -36.49 -5.55 3.27
C PRO E 175 -36.44 -5.39 1.76
N GLU E 176 -37.11 -4.39 1.20
CA GLU E 176 -37.20 -4.25 -0.24
C GLU E 176 -35.99 -3.54 -0.83
N ASP E 177 -35.58 -2.41 -0.24
CA ASP E 177 -34.55 -1.58 -0.82
C ASP E 177 -33.12 -1.84 -0.31
N PHE E 178 -32.92 -2.75 0.63
CA PHE E 178 -31.59 -2.89 1.23
C PHE E 178 -30.67 -3.71 0.33
N THR E 179 -29.52 -3.13 0.00
CA THR E 179 -28.49 -3.81 -0.78
C THR E 179 -27.47 -4.45 0.15
N GLU E 180 -27.31 -5.77 0.03
CA GLU E 180 -26.33 -6.50 0.84
C GLU E 180 -24.90 -6.07 0.55
N ASN E 181 -24.05 -6.22 1.56
CA ASN E 181 -22.72 -5.62 1.57
C ASN E 181 -21.86 -6.13 0.42
N GLY E 182 -21.58 -7.42 0.41
CA GLY E 182 -20.65 -7.96 -0.57
C GLY E 182 -19.73 -8.96 0.09
N GLU E 183 -19.41 -8.70 1.36
CA GLU E 183 -18.60 -9.61 2.15
C GLU E 183 -19.24 -10.03 3.46
N TRP E 184 -20.25 -9.33 3.95
CA TRP E 184 -20.79 -9.55 5.29
C TRP E 184 -22.29 -9.74 5.23
N THR E 185 -22.80 -10.76 5.92
CA THR E 185 -24.22 -11.06 6.01
C THR E 185 -24.69 -10.80 7.44
N ILE E 186 -25.77 -10.04 7.58
CA ILE E 186 -26.31 -9.68 8.89
C ILE E 186 -27.19 -10.81 9.43
N ARG E 187 -26.74 -11.45 10.50
CA ARG E 187 -27.49 -12.52 11.14
C ARG E 187 -28.45 -12.02 12.24
N HIS E 188 -28.00 -11.11 13.10
CA HIS E 188 -28.81 -10.63 14.21
C HIS E 188 -28.62 -9.12 14.37
N ARG E 189 -29.67 -8.45 14.83
CA ARG E 189 -29.66 -6.98 14.96
C ARG E 189 -30.44 -6.53 16.19
N PRO E 190 -30.06 -6.99 17.38
CA PRO E 190 -30.83 -6.64 18.58
C PRO E 190 -30.45 -5.28 19.15
N ALA E 191 -31.23 -4.84 20.14
CA ALA E 191 -30.99 -3.57 20.81
C ALA E 191 -31.50 -3.64 22.24
N LYS E 192 -30.76 -3.01 23.17
CA LYS E 192 -31.10 -3.02 24.58
C LYS E 192 -30.59 -1.76 25.25
N LYS E 193 -31.23 -1.39 26.36
CA LYS E 193 -30.77 -0.32 27.23
C LYS E 193 -29.89 -0.88 28.33
N ASN E 194 -28.64 -0.40 28.41
CA ASN E 194 -27.67 -0.86 29.38
C ASN E 194 -27.37 0.21 30.43
N TYR E 195 -26.93 -0.23 31.61
CA TYR E 195 -26.46 0.66 32.68
C TYR E 195 -25.10 0.24 33.19
N ASN E 196 -24.22 1.23 33.40
CA ASN E 196 -22.95 1.02 34.09
C ASN E 196 -23.17 1.22 35.59
N TRP E 197 -23.14 0.13 36.35
CA TRP E 197 -23.45 0.22 37.78
C TRP E 197 -22.28 0.70 38.61
N GLN E 198 -21.09 0.81 38.03
CA GLN E 198 -19.96 1.43 38.68
C GLN E 198 -20.14 2.93 38.90
N LEU E 199 -21.15 3.53 38.28
CA LEU E 199 -21.42 4.96 38.38
C LEU E 199 -22.78 5.21 39.00
N THR E 200 -23.10 6.48 39.19
CA THR E 200 -24.32 6.94 39.84
C THR E 200 -25.23 7.52 38.75
N LYS E 201 -26.37 8.06 39.14
CA LYS E 201 -27.25 8.75 38.21
C LYS E 201 -26.87 10.21 38.03
N ASP E 202 -25.74 10.63 38.58
CA ASP E 202 -25.25 11.99 38.44
C ASP E 202 -24.23 12.11 37.33
N ASP E 203 -23.82 11.00 36.76
CA ASP E 203 -22.88 10.95 35.65
C ASP E 203 -23.63 10.86 34.33
N THR E 204 -22.93 11.18 33.25
CA THR E 204 -23.52 11.19 31.93
C THR E 204 -23.34 9.86 31.20
N ASP E 205 -22.55 8.95 31.77
CA ASP E 205 -22.22 7.68 31.15
C ASP E 205 -22.82 6.51 31.93
N PHE E 206 -23.85 6.77 32.72
CA PHE E 206 -24.54 5.72 33.47
C PHE E 206 -25.55 4.97 32.62
N GLN E 207 -26.25 5.66 31.73
CA GLN E 207 -27.27 5.06 30.86
C GLN E 207 -26.81 5.08 29.40
N GLU E 208 -27.16 4.04 28.65
CA GLU E 208 -26.76 3.96 27.24
C GLU E 208 -27.64 2.98 26.48
N ILE E 209 -28.02 3.36 25.26
CA ILE E 209 -28.70 2.48 24.32
C ILE E 209 -27.66 1.87 23.39
N ILE E 210 -27.63 0.53 23.31
CA ILE E 210 -26.70 -0.19 22.45
C ILE E 210 -27.46 -0.89 21.33
N PHE E 211 -26.95 -0.76 20.10
CA PHE E 211 -27.41 -1.52 18.95
C PHE E 211 -26.31 -2.47 18.52
N PHE E 212 -26.66 -3.75 18.36
CA PHE E 212 -25.69 -4.78 17.98
C PHE E 212 -25.89 -5.19 16.53
N LEU E 213 -24.79 -5.62 15.92
CA LEU E 213 -24.81 -6.17 14.56
C LEU E 213 -23.91 -7.41 14.56
N ILE E 214 -24.52 -8.60 14.59
CA ILE E 214 -23.78 -9.84 14.48
C ILE E 214 -23.75 -10.24 13.01
N ILE E 215 -22.57 -10.24 12.41
CA ILE E 215 -22.40 -10.39 10.97
C ILE E 215 -21.49 -11.57 10.67
N GLN E 216 -21.88 -12.37 9.70
CA GLN E 216 -21.08 -13.52 9.25
C GLN E 216 -20.37 -13.09 7.97
N ARG E 217 -19.24 -13.69 7.70
CA ARG E 217 -18.43 -13.30 6.55
C ARG E 217 -18.72 -14.24 5.39
N LYS E 218 -18.61 -13.71 4.18
CA LYS E 218 -18.72 -14.50 2.97
C LYS E 218 -17.34 -14.91 2.50
N PRO E 219 -16.90 -16.12 2.81
CA PRO E 219 -15.51 -16.51 2.49
C PRO E 219 -15.40 -17.11 1.09
N LEU E 220 -15.53 -16.27 0.07
CA LEU E 220 -15.52 -16.72 -1.31
C LEU E 220 -14.30 -16.21 -2.07
N PHE E 221 -14.00 -14.91 -1.94
CA PHE E 221 -12.76 -14.39 -2.48
C PHE E 221 -11.55 -15.15 -1.93
N TYR E 222 -11.62 -15.56 -0.66
CA TYR E 222 -10.49 -16.24 -0.04
C TYR E 222 -10.38 -17.67 -0.48
N ILE E 223 -11.53 -18.34 -0.68
CA ILE E 223 -11.51 -19.73 -1.10
C ILE E 223 -10.95 -19.86 -2.51
N ILE E 224 -11.30 -18.92 -3.38
CA ILE E 224 -10.93 -19.02 -4.80
C ILE E 224 -9.51 -18.53 -5.04
N ASN E 225 -9.12 -17.43 -4.39
CA ASN E 225 -7.82 -16.83 -4.69
C ASN E 225 -6.70 -17.30 -3.75
N ILE E 226 -7.02 -17.92 -2.62
CA ILE E 226 -5.97 -18.29 -1.67
C ILE E 226 -6.10 -19.73 -1.22
N ILE E 227 -7.28 -20.11 -0.72
CA ILE E 227 -7.44 -21.42 -0.08
C ILE E 227 -7.26 -22.53 -1.09
N ALA E 228 -8.04 -22.51 -2.18
CA ALA E 228 -7.94 -23.58 -3.16
C ALA E 228 -6.59 -23.62 -3.85
N PRO E 229 -6.04 -22.50 -4.35
CA PRO E 229 -4.67 -22.57 -4.91
C PRO E 229 -3.65 -23.11 -3.93
N CYS E 230 -3.74 -22.73 -2.65
CA CYS E 230 -2.70 -23.15 -1.72
C CYS E 230 -2.87 -24.61 -1.32
N VAL E 231 -4.10 -25.10 -1.19
CA VAL E 231 -4.32 -26.50 -0.90
C VAL E 231 -3.86 -27.37 -2.08
N LEU E 232 -4.27 -27.01 -3.29
CA LEU E 232 -3.87 -27.78 -4.46
C LEU E 232 -2.35 -27.77 -4.64
N ILE E 233 -1.69 -26.64 -4.35
CA ILE E 233 -0.24 -26.59 -4.55
C ILE E 233 0.47 -27.36 -3.45
N SER E 234 -0.04 -27.33 -2.22
CA SER E 234 0.60 -28.05 -1.13
C SER E 234 0.32 -29.54 -1.20
N SER E 235 -0.70 -29.97 -1.94
CA SER E 235 -0.92 -31.39 -2.13
C SER E 235 0.08 -32.05 -3.07
N LEU E 236 0.98 -31.28 -3.70
CA LEU E 236 1.91 -31.86 -4.65
C LEU E 236 3.09 -32.53 -3.98
N VAL E 237 3.34 -32.26 -2.70
CA VAL E 237 4.47 -32.84 -1.99
C VAL E 237 4.36 -34.34 -1.77
N VAL E 238 3.19 -34.95 -2.02
CA VAL E 238 3.07 -36.40 -1.92
C VAL E 238 3.40 -37.10 -3.22
N LEU E 239 3.66 -36.35 -4.30
CA LEU E 239 4.10 -36.93 -5.55
C LEU E 239 5.59 -37.23 -5.60
N VAL E 240 6.30 -36.89 -4.53
CA VAL E 240 7.78 -37.06 -4.52
C VAL E 240 8.12 -38.52 -4.28
N TYR E 241 7.19 -39.29 -3.75
CA TYR E 241 7.43 -40.72 -3.42
C TYR E 241 7.30 -41.58 -4.65
N PHE E 242 6.80 -41.06 -5.77
CA PHE E 242 6.77 -41.87 -6.98
C PHE E 242 7.84 -41.46 -7.99
N LEU E 243 8.71 -40.53 -7.64
CA LEU E 243 9.80 -40.10 -8.54
C LEU E 243 11.03 -40.97 -8.26
N PRO E 244 11.90 -41.27 -9.26
CA PRO E 244 13.08 -42.11 -9.05
C PRO E 244 14.12 -41.44 -8.18
N ALA E 245 14.75 -42.24 -7.32
CA ALA E 245 15.77 -41.74 -6.39
C ALA E 245 17.17 -41.78 -7.02
N GLN E 246 17.32 -41.01 -8.09
CA GLN E 246 18.58 -40.89 -8.80
C GLN E 246 18.66 -39.50 -9.43
N ALA E 247 19.81 -39.19 -9.99
CA ALA E 247 19.98 -37.91 -10.69
C ALA E 247 19.06 -37.86 -11.89
N GLY E 248 18.09 -36.96 -11.87
CA GLY E 248 17.10 -36.85 -12.92
C GLY E 248 15.67 -37.03 -12.44
N GLY E 249 15.46 -37.56 -11.23
CA GLY E 249 14.11 -37.69 -10.71
C GLY E 249 13.52 -36.38 -10.26
N GLN E 250 14.34 -35.50 -9.70
CA GLN E 250 13.96 -34.15 -9.27
C GLN E 250 13.00 -34.16 -8.07
N LYS E 251 13.27 -35.06 -7.13
CA LYS E 251 12.49 -35.13 -5.88
C LYS E 251 12.69 -33.85 -5.05
N CYS E 252 13.93 -33.36 -4.93
CA CYS E 252 14.22 -32.14 -4.16
C CYS E 252 13.73 -30.93 -4.90
N THR E 253 13.97 -30.88 -6.21
CA THR E 253 13.38 -29.84 -7.05
C THR E 253 11.91 -29.63 -6.74
N LEU E 254 11.11 -30.70 -6.87
CA LEU E 254 9.67 -30.55 -6.67
C LEU E 254 9.32 -30.11 -5.25
N SER E 255 9.93 -30.73 -4.23
CA SER E 255 9.55 -30.41 -2.86
C SER E 255 9.96 -28.98 -2.47
N ILE E 256 11.15 -28.56 -2.85
CA ILE E 256 11.61 -27.23 -2.46
C ILE E 256 10.91 -26.15 -3.29
N SER E 257 10.46 -26.48 -4.50
CA SER E 257 9.67 -25.51 -5.26
C SER E 257 8.29 -25.34 -4.67
N VAL E 258 7.70 -26.41 -4.13
CA VAL E 258 6.42 -26.25 -3.43
C VAL E 258 6.62 -25.39 -2.19
N LEU E 259 7.74 -25.56 -1.49
CA LEU E 259 8.04 -24.68 -0.36
C LEU E 259 8.14 -23.21 -0.79
N LEU E 260 8.80 -22.94 -1.92
CA LEU E 260 8.89 -21.58 -2.43
C LEU E 260 7.52 -20.99 -2.73
N ALA E 261 6.63 -21.78 -3.35
CA ALA E 261 5.28 -21.30 -3.62
C ALA E 261 4.54 -20.98 -2.32
N GLN E 262 4.74 -21.80 -1.29
CA GLN E 262 4.12 -21.51 0.00
C GLN E 262 4.70 -20.21 0.59
N THR E 263 5.97 -19.93 0.31
CA THR E 263 6.56 -18.70 0.81
C THR E 263 5.98 -17.47 0.11
N ILE E 264 5.53 -17.64 -1.14
CA ILE E 264 4.84 -16.52 -1.80
C ILE E 264 3.43 -16.37 -1.25
N PHE E 265 2.78 -17.48 -0.90
CA PHE E 265 1.46 -17.37 -0.28
C PHE E 265 1.55 -16.76 1.10
N LEU E 266 2.73 -16.79 1.74
CA LEU E 266 2.89 -16.10 3.00
C LEU E 266 2.81 -14.58 2.84
N PHE E 267 3.45 -14.03 1.81
CA PHE E 267 3.34 -12.60 1.55
C PHE E 267 1.91 -12.22 1.18
N LEU E 268 1.24 -13.08 0.39
CA LEU E 268 -0.13 -12.80 0.01
C LEU E 268 -1.05 -12.73 1.22
N ILE E 269 -0.89 -13.67 2.16
CA ILE E 269 -1.72 -13.64 3.36
C ILE E 269 -1.30 -12.52 4.30
N ALA E 270 0.02 -12.31 4.47
CA ALA E 270 0.55 -11.19 5.23
C ALA E 270 -0.14 -9.88 4.87
N GLN E 271 -0.59 -9.73 3.64
CA GLN E 271 -1.24 -8.48 3.29
C GLN E 271 -2.72 -8.43 3.67
N LYS E 272 -3.27 -9.48 4.31
CA LYS E 272 -4.72 -9.51 4.51
C LYS E 272 -5.15 -9.73 5.97
N VAL E 273 -4.33 -10.39 6.77
CA VAL E 273 -4.73 -10.82 8.11
C VAL E 273 -4.76 -9.66 9.10
N PRO E 274 -5.64 -9.69 10.10
CA PRO E 274 -5.59 -8.66 11.16
C PRO E 274 -4.26 -8.69 11.89
N GLU E 275 -3.91 -7.54 12.46
CA GLU E 275 -2.55 -7.40 13.09
C GLU E 275 -2.60 -7.42 14.62
N THR E 276 -3.65 -7.95 15.23
CA THR E 276 -3.71 -8.12 16.67
C THR E 276 -2.84 -9.31 17.08
N SER E 277 -2.76 -9.58 18.39
CA SER E 277 -1.89 -10.63 18.89
C SER E 277 -2.54 -11.44 20.00
N LEU E 278 -3.85 -11.61 19.97
CA LEU E 278 -4.50 -12.41 20.99
C LEU E 278 -4.67 -13.87 20.57
N ASN E 279 -5.00 -14.12 19.31
CA ASN E 279 -5.08 -15.47 18.77
C ASN E 279 -4.47 -15.50 17.38
N VAL E 280 -4.11 -16.70 16.94
CA VAL E 280 -3.58 -16.92 15.60
C VAL E 280 -4.73 -17.26 14.65
N PRO E 281 -4.84 -16.59 13.50
CA PRO E 281 -5.91 -16.92 12.56
C PRO E 281 -5.79 -18.34 12.00
N LEU E 282 -6.92 -18.81 11.47
CA LEU E 282 -7.01 -20.17 10.93
C LEU E 282 -6.18 -20.30 9.65
N ILE E 283 -6.19 -19.27 8.79
CA ILE E 283 -5.41 -19.32 7.56
C ILE E 283 -3.90 -19.36 7.86
N GLY E 284 -3.45 -18.59 8.85
CA GLY E 284 -2.03 -18.59 9.16
C GLY E 284 -1.63 -19.86 9.87
N LYS E 285 -2.54 -20.42 10.66
CA LYS E 285 -2.29 -21.71 11.27
C LYS E 285 -2.13 -22.81 10.22
N TYR E 286 -2.97 -22.78 9.18
CA TYR E 286 -2.87 -23.77 8.12
C TYR E 286 -1.59 -23.59 7.30
N LEU E 287 -1.18 -22.34 7.07
CA LEU E 287 0.10 -22.10 6.39
C LEU E 287 1.28 -22.63 7.19
N ILE E 288 1.30 -22.40 8.50
CA ILE E 288 2.38 -22.95 9.31
C ILE E 288 2.36 -24.48 9.22
N PHE E 289 1.17 -25.08 9.27
CA PHE E 289 1.06 -26.52 9.18
C PHE E 289 1.65 -27.05 7.87
N VAL E 290 1.22 -26.49 6.74
CA VAL E 290 1.68 -27.02 5.46
C VAL E 290 3.16 -26.76 5.25
N MET E 291 3.70 -25.66 5.79
CA MET E 291 5.12 -25.41 5.58
C MET E 291 5.97 -26.33 6.45
N PHE E 292 5.41 -26.79 7.57
CA PHE E 292 6.12 -27.75 8.39
C PHE E 292 6.04 -29.14 7.79
N VAL E 293 4.92 -29.46 7.14
CA VAL E 293 4.82 -30.73 6.43
C VAL E 293 5.75 -30.77 5.22
N SER E 294 5.86 -29.64 4.50
CA SER E 294 6.80 -29.56 3.39
C SER E 294 8.23 -29.72 3.86
N MET E 295 8.57 -29.17 5.03
CA MET E 295 9.94 -29.32 5.51
C MET E 295 10.22 -30.77 5.91
N LEU E 296 9.24 -31.43 6.53
CA LEU E 296 9.41 -32.84 6.85
C LEU E 296 9.58 -33.69 5.59
N ILE E 297 8.87 -33.34 4.52
CA ILE E 297 8.98 -34.14 3.31
C ILE E 297 10.28 -33.84 2.56
N VAL E 298 10.80 -32.61 2.65
CA VAL E 298 12.14 -32.33 2.13
C VAL E 298 13.18 -33.19 2.87
N MET E 299 13.04 -33.30 4.19
CA MET E 299 14.01 -34.11 4.93
C MET E 299 13.87 -35.59 4.58
N ASN E 300 12.65 -36.03 4.32
CA ASN E 300 12.45 -37.43 3.92
C ASN E 300 13.04 -37.70 2.55
N CYS E 301 12.88 -36.77 1.61
CA CYS E 301 13.51 -36.91 0.29
C CYS E 301 15.02 -36.98 0.42
N VAL E 302 15.61 -36.14 1.27
CA VAL E 302 17.06 -36.16 1.43
C VAL E 302 17.53 -37.48 2.00
N ILE E 303 16.78 -38.04 2.95
CA ILE E 303 17.20 -39.30 3.56
C ILE E 303 17.04 -40.46 2.58
N VAL E 304 16.03 -40.44 1.72
CA VAL E 304 15.81 -41.56 0.77
C VAL E 304 16.85 -41.46 -0.33
N LEU E 305 17.22 -40.24 -0.75
CA LEU E 305 18.30 -40.14 -1.73
C LEU E 305 19.64 -40.60 -1.14
N ASN E 306 19.89 -40.26 0.13
CA ASN E 306 21.12 -40.71 0.78
C ASN E 306 21.18 -42.23 0.84
N VAL E 307 20.06 -42.87 1.19
CA VAL E 307 20.07 -44.32 1.30
C VAL E 307 20.18 -44.98 -0.07
N SER E 308 19.45 -44.46 -1.06
CA SER E 308 19.43 -45.06 -2.39
C SER E 308 20.74 -44.91 -3.15
N LEU E 309 21.57 -43.93 -2.79
CA LEU E 309 22.81 -43.72 -3.52
C LEU E 309 24.04 -44.28 -2.79
N ARG E 310 23.83 -45.13 -1.79
CA ARG E 310 24.92 -45.73 -1.05
C ARG E 310 25.64 -46.79 -1.88
N THR E 311 26.93 -46.93 -1.65
CA THR E 311 27.79 -47.84 -2.39
C THR E 311 28.63 -48.65 -1.42
N PRO E 312 29.10 -49.84 -1.83
CA PRO E 312 29.98 -50.61 -0.92
C PRO E 312 31.27 -49.91 -0.56
N ASN E 313 31.69 -48.92 -1.34
CA ASN E 313 32.91 -48.20 -1.06
C ASN E 313 32.69 -47.22 0.10
N THR E 314 31.45 -46.77 0.26
CA THR E 314 31.05 -45.83 1.29
C THR E 314 30.40 -46.49 2.51
N HIS E 315 29.49 -47.42 2.26
CA HIS E 315 28.73 -48.01 3.39
C HIS E 315 28.69 -49.51 3.24
N SER E 316 28.40 -50.18 4.34
CA SER E 316 28.29 -51.63 4.39
C SER E 316 26.81 -51.93 4.62
N LEU E 317 26.24 -52.78 3.78
CA LEU E 317 24.86 -53.21 3.95
C LEU E 317 24.85 -54.42 4.85
N SER E 318 24.07 -54.36 5.93
CA SER E 318 24.09 -55.40 6.93
C SER E 318 22.85 -56.28 6.86
N GLU E 319 23.04 -57.52 7.31
CA GLU E 319 21.98 -58.51 7.28
C GLU E 319 20.82 -58.09 8.17
N LYS E 320 21.13 -57.43 9.29
CA LYS E 320 20.07 -56.89 10.13
C LYS E 320 19.17 -55.95 9.33
N ILE E 321 19.74 -55.09 8.50
CA ILE E 321 18.97 -54.15 7.68
C ILE E 321 18.14 -54.91 6.64
N LYS E 322 18.84 -55.66 5.78
CA LYS E 322 18.16 -56.44 4.74
C LYS E 322 17.02 -57.26 5.32
N HIS E 323 17.24 -57.91 6.47
CA HIS E 323 16.16 -58.68 7.08
C HIS E 323 15.11 -57.76 7.67
N LEU E 324 15.51 -56.55 8.06
CA LEU E 324 14.54 -55.58 8.65
C LEU E 324 13.68 -54.94 7.55
N PHE E 325 14.23 -54.80 6.33
CA PHE E 325 13.48 -54.08 5.27
C PHE E 325 13.10 -55.00 4.10
N LEU E 326 13.70 -56.20 4.02
CA LEU E 326 13.43 -57.08 2.85
C LEU E 326 13.06 -58.50 3.30
N GLY E 327 12.32 -58.64 4.41
CA GLY E 327 11.88 -59.95 4.83
C GLY E 327 10.38 -59.94 5.00
N PHE E 328 9.90 -59.13 5.95
CA PHE E 328 8.47 -59.08 6.25
C PHE E 328 7.83 -57.72 6.01
N LEU E 329 8.59 -56.62 6.04
CA LEU E 329 7.97 -55.30 5.89
C LEU E 329 7.31 -55.12 4.52
N PRO E 330 7.96 -55.40 3.39
CA PRO E 330 7.25 -55.30 2.10
C PRO E 330 5.98 -56.13 2.08
N LYS E 331 6.01 -57.27 2.76
CA LYS E 331 4.80 -58.12 2.85
C LYS E 331 3.75 -57.35 3.67
N TYR E 332 4.11 -56.94 4.89
CA TYR E 332 3.18 -56.17 5.70
C TYR E 332 2.79 -54.86 5.04
N LEU E 333 3.59 -54.38 4.09
CA LEU E 333 3.28 -53.18 3.32
C LEU E 333 2.72 -53.61 1.98
N GLY E 334 2.99 -52.83 0.94
CA GLY E 334 2.58 -53.11 -0.44
C GLY E 334 2.36 -54.56 -0.84
N ALA E 410 55.81 -71.27 -25.20
CA ALA E 410 56.27 -70.08 -25.90
C ALA E 410 55.84 -68.82 -25.15
N PRO E 411 56.62 -67.73 -25.29
CA PRO E 411 56.28 -66.52 -24.53
C PRO E 411 54.89 -65.98 -24.84
N GLU E 412 54.46 -66.03 -26.10
CA GLU E 412 53.21 -65.43 -26.52
C GLU E 412 51.97 -66.24 -26.14
N ILE E 413 52.12 -67.54 -25.87
CA ILE E 413 50.94 -68.28 -25.43
C ILE E 413 50.47 -67.77 -24.08
N LYS E 414 51.41 -67.34 -23.22
CA LYS E 414 51.07 -66.74 -21.94
C LYS E 414 50.67 -65.27 -22.15
N SER E 415 49.63 -65.08 -22.93
CA SER E 415 49.12 -63.74 -23.20
C SER E 415 47.67 -63.67 -22.77
N CYS E 416 46.77 -64.25 -23.58
CA CYS E 416 45.38 -64.34 -23.17
C CYS E 416 45.26 -65.11 -21.87
N VAL E 417 46.19 -66.04 -21.61
CA VAL E 417 46.20 -66.82 -20.38
C VAL E 417 46.10 -65.93 -19.15
N GLU E 418 46.66 -64.72 -19.22
CA GLU E 418 46.59 -63.79 -18.10
C GLU E 418 45.67 -62.60 -18.36
N ALA E 419 45.67 -62.07 -19.59
CA ALA E 419 44.88 -60.89 -19.87
C ALA E 419 43.38 -61.22 -19.92
N CYS E 420 43.03 -62.41 -20.38
CA CYS E 420 41.64 -62.79 -20.51
C CYS E 420 41.04 -63.02 -19.13
N ASN E 421 41.78 -63.71 -18.25
CA ASN E 421 41.30 -63.90 -16.89
C ASN E 421 41.24 -62.57 -16.15
N PHE E 422 42.14 -61.63 -16.49
CA PHE E 422 42.07 -60.32 -15.84
C PHE E 422 40.83 -59.57 -16.28
N ILE E 423 40.52 -59.62 -17.58
CA ILE E 423 39.29 -59.02 -18.09
C ILE E 423 38.07 -59.62 -17.40
N ALA E 424 38.04 -60.95 -17.31
CA ALA E 424 36.90 -61.62 -16.68
C ALA E 424 36.74 -61.21 -15.22
N LYS E 425 37.84 -61.18 -14.48
CA LYS E 425 37.75 -60.72 -13.07
C LYS E 425 37.14 -59.32 -13.06
N SER E 426 37.78 -58.39 -13.75
CA SER E 426 37.32 -57.01 -13.71
C SER E 426 35.83 -56.92 -13.99
N THR E 427 35.36 -57.62 -15.02
CA THR E 427 33.94 -57.61 -15.36
C THR E 427 33.09 -58.11 -14.19
N LYS E 428 33.47 -59.27 -13.65
CA LYS E 428 32.73 -59.80 -12.49
C LYS E 428 32.67 -58.72 -11.41
N GLU E 429 33.82 -58.20 -10.97
CA GLU E 429 33.87 -57.21 -9.91
C GLU E 429 32.87 -56.08 -10.17
N GLN E 430 32.97 -55.52 -11.38
CA GLN E 430 32.08 -54.39 -11.73
C GLN E 430 30.63 -54.81 -11.55
N ASN E 431 30.25 -55.99 -12.02
CA ASN E 431 28.87 -56.44 -11.93
C ASN E 431 28.41 -56.61 -10.48
N ASP E 432 29.31 -57.14 -9.67
CA ASP E 432 28.95 -57.34 -8.25
C ASP E 432 28.76 -55.98 -7.58
N SER E 433 29.61 -55.00 -7.89
CA SER E 433 29.48 -53.66 -7.33
C SER E 433 28.23 -52.96 -7.83
N GLY E 434 27.65 -53.43 -8.94
CA GLY E 434 26.36 -52.90 -9.35
C GLY E 434 25.21 -53.58 -8.64
N SER E 435 25.36 -54.87 -8.34
CA SER E 435 24.34 -55.61 -7.61
C SER E 435 24.12 -55.02 -6.21
N GLU E 436 25.23 -54.69 -5.53
CA GLU E 436 25.11 -54.11 -4.19
C GLU E 436 24.28 -52.82 -4.22
N ASN E 437 24.49 -52.01 -5.25
CA ASN E 437 23.74 -50.76 -5.37
C ASN E 437 22.28 -51.04 -5.72
N GLU E 438 22.06 -52.17 -6.39
CA GLU E 438 20.67 -52.54 -6.78
C GLU E 438 19.90 -52.82 -5.50
N ASN E 439 20.56 -53.49 -4.58
CA ASN E 439 19.91 -53.80 -3.31
C ASN E 439 19.66 -52.53 -2.50
N TRP E 440 20.61 -51.59 -2.53
CA TRP E 440 20.37 -50.31 -1.85
C TRP E 440 19.18 -49.58 -2.46
N VAL E 441 19.04 -49.63 -3.79
CA VAL E 441 17.92 -48.98 -4.47
C VAL E 441 16.60 -49.57 -3.99
N LEU E 442 16.54 -50.90 -3.83
CA LEU E 442 15.30 -51.53 -3.37
C LEU E 442 14.98 -51.12 -1.94
N ILE E 443 16.03 -51.01 -1.11
CA ILE E 443 15.87 -50.49 0.25
C ILE E 443 15.20 -49.12 0.23
N GLY E 444 15.58 -48.20 -0.65
CA GLY E 444 14.93 -46.87 -0.59
C GLY E 444 13.51 -46.85 -1.11
N LYS E 445 13.15 -47.77 -1.99
CA LYS E 445 11.79 -47.87 -2.60
C LYS E 445 10.77 -48.34 -1.56
N VAL E 446 11.16 -49.21 -0.64
CA VAL E 446 10.27 -49.67 0.46
C VAL E 446 10.05 -48.50 1.45
N ILE E 447 11.10 -47.76 1.77
CA ILE E 447 10.97 -46.58 2.68
C ILE E 447 9.96 -45.60 2.07
N ASP E 448 10.12 -45.28 0.78
CA ASP E 448 9.23 -44.28 0.12
C ASP E 448 7.76 -44.73 0.20
N LYS E 449 7.48 -45.99 -0.17
CA LYS E 449 6.07 -46.48 -0.21
C LYS E 449 5.45 -46.31 1.19
N ALA E 450 6.15 -46.72 2.24
CA ALA E 450 5.63 -46.60 3.62
C ALA E 450 5.43 -45.15 3.99
N CYS E 451 6.70 -44.31 3.71
CA CYS E 451 6.62 -42.87 4.03
C CYS E 451 5.51 -42.20 3.19
N PHE E 452 5.10 -42.70 2.00
CA PHE E 452 4.03 -42.15 1.14
C PHE E 452 2.78 -42.34 1.92
N TRP E 453 2.60 -43.58 2.37
CA TRP E 453 1.33 -43.82 3.07
C TRP E 453 1.24 -43.07 4.39
N ILE E 454 2.34 -42.65 4.99
CA ILE E 454 2.21 -41.82 6.18
C ILE E 454 1.92 -40.36 5.82
N ALA E 455 2.62 -39.83 4.81
CA ALA E 455 2.50 -38.42 4.46
C ALA E 455 1.10 -38.10 3.92
N LEU E 456 0.56 -38.97 3.07
CA LEU E 456 -0.80 -38.76 2.57
C LEU E 456 -1.79 -38.57 3.71
N LEU E 457 -1.76 -39.51 4.66
CA LEU E 457 -2.70 -39.44 5.81
C LEU E 457 -2.48 -38.11 6.55
N LEU E 458 -1.21 -37.78 6.85
CA LEU E 458 -0.94 -36.57 7.61
C LEU E 458 -1.54 -35.35 6.94
N PHE E 459 -1.24 -35.16 5.66
CA PHE E 459 -1.69 -33.96 4.96
C PHE E 459 -3.21 -33.91 4.88
N SER E 460 -3.84 -35.03 4.49
CA SER E 460 -5.29 -35.06 4.36
C SER E 460 -5.99 -34.76 5.68
N ILE E 461 -5.54 -35.41 6.77
CA ILE E 461 -6.22 -35.24 8.05
C ILE E 461 -6.04 -33.82 8.56
N GLY E 462 -4.83 -33.26 8.45
CA GLY E 462 -4.63 -31.88 8.88
C GLY E 462 -5.52 -30.91 8.11
N THR E 463 -5.48 -30.98 6.79
CA THR E 463 -6.33 -30.12 5.95
C THR E 463 -7.78 -30.21 6.39
N LEU E 464 -8.31 -31.44 6.48
CA LEU E 464 -9.73 -31.62 6.74
C LEU E 464 -10.10 -31.11 8.13
N ALA E 465 -9.30 -31.43 9.15
CA ALA E 465 -9.59 -30.95 10.49
C ALA E 465 -9.64 -29.43 10.54
N ILE E 466 -8.60 -28.76 10.06
CA ILE E 466 -8.56 -27.30 10.11
C ILE E 466 -9.76 -26.69 9.41
N PHE E 467 -10.02 -27.14 8.18
CA PHE E 467 -11.05 -26.46 7.40
C PHE E 467 -12.47 -26.86 7.81
N LEU E 468 -12.66 -28.05 8.39
CA LEU E 468 -13.97 -28.38 8.93
C LEU E 468 -14.24 -27.65 10.24
N THR E 469 -13.20 -27.35 11.03
CA THR E 469 -13.38 -26.45 12.16
C THR E 469 -13.87 -25.09 11.67
N GLY E 470 -13.21 -24.55 10.64
CA GLY E 470 -13.69 -23.32 10.04
C GLY E 470 -15.13 -23.42 9.58
N HIS E 471 -15.47 -24.47 8.84
CA HIS E 471 -16.82 -24.64 8.31
C HIS E 471 -17.86 -24.73 9.42
N PHE E 472 -17.53 -25.37 10.52
CA PHE E 472 -18.47 -25.53 11.63
C PHE E 472 -18.56 -24.31 12.54
N ASN E 473 -17.66 -23.33 12.41
CA ASN E 473 -17.81 -22.12 13.20
C ASN E 473 -19.01 -21.29 12.73
N GLN E 474 -20.18 -21.56 13.28
CA GLN E 474 -21.41 -20.89 12.90
C GLN E 474 -21.94 -19.97 14.02
N VAL E 475 -22.65 -18.93 13.59
CA VAL E 475 -23.23 -17.95 14.52
C VAL E 475 -24.16 -18.67 15.49
N PRO E 476 -24.24 -18.26 16.76
CA PRO E 476 -25.23 -18.84 17.67
C PRO E 476 -26.64 -18.64 17.16
N GLU E 477 -27.57 -19.36 17.79
CA GLU E 477 -28.97 -19.27 17.39
C GLU E 477 -29.67 -18.06 17.98
N PHE E 478 -29.28 -17.64 19.17
CA PHE E 478 -29.89 -16.51 19.85
C PHE E 478 -28.91 -15.35 19.94
N PRO E 479 -29.40 -14.11 19.81
CA PRO E 479 -28.48 -12.96 19.90
C PRO E 479 -27.77 -12.87 21.24
N PHE E 480 -28.49 -13.08 22.34
CA PHE E 480 -27.88 -13.20 23.65
C PHE E 480 -28.05 -14.64 24.12
N PRO E 481 -26.95 -15.35 24.44
CA PRO E 481 -27.03 -16.79 24.70
C PRO E 481 -28.12 -17.23 25.67
N GLY E 482 -28.11 -16.72 26.89
CA GLY E 482 -29.06 -17.21 27.87
C GLY E 482 -30.47 -16.71 27.73
N ASP E 483 -30.76 -15.89 26.73
CA ASP E 483 -32.07 -15.27 26.54
C ASP E 483 -32.91 -16.12 25.60
N PRO E 484 -34.21 -16.39 25.89
CA PRO E 484 -35.04 -17.15 24.97
C PRO E 484 -35.78 -16.31 23.92
N ARG E 485 -35.36 -15.04 23.76
CA ARG E 485 -36.01 -14.15 22.77
C ARG E 485 -35.16 -14.12 21.49
N LYS E 486 -35.80 -13.80 20.35
CA LYS E 486 -35.06 -13.74 19.05
C LYS E 486 -34.86 -12.28 18.63
N TYR E 487 -35.64 -11.36 19.21
CA TYR E 487 -35.50 -9.93 18.91
C TYR E 487 -35.65 -9.62 17.42
N VAL E 488 -36.72 -10.12 16.82
CA VAL E 488 -36.97 -9.87 15.40
C VAL E 488 -38.40 -9.36 15.24
N PRO E 489 -38.68 -8.53 14.23
CA PRO E 489 -40.03 -8.01 13.98
C PRO E 489 -41.01 -9.06 13.45
N ARG F 1 29.68 16.13 49.20
CA ARG F 1 28.84 15.87 50.37
C ARG F 1 27.76 16.91 50.55
N ILE F 2 28.15 18.17 50.62
CA ILE F 2 27.22 19.30 50.70
C ILE F 2 27.29 20.07 49.39
N CYS F 3 26.14 20.20 48.72
CA CYS F 3 26.05 20.85 47.41
C CYS F 3 24.83 21.75 47.33
N PHE F 4 24.95 22.80 46.52
CA PHE F 4 23.81 23.63 46.20
C PHE F 4 22.85 22.85 45.30
N ASN F 5 21.55 23.14 45.42
CA ASN F 5 20.58 22.47 44.57
C ASN F 5 19.50 23.41 44.05
N HIS F 6 19.63 24.72 44.25
CA HIS F 6 18.60 25.64 43.80
C HIS F 6 18.63 25.78 42.29
N GLN F 7 17.51 26.22 41.73
CA GLN F 7 17.36 26.36 40.29
C GLN F 7 17.73 27.77 39.85
N SER F 8 18.37 27.86 38.68
CA SER F 8 18.69 29.14 38.03
C SER F 8 19.11 30.21 39.03
N SER F 9 18.34 31.29 39.10
CA SER F 9 18.64 32.43 39.94
C SER F 9 17.70 32.49 41.15
N GLN F 10 17.42 31.34 41.76
CA GLN F 10 16.55 31.22 42.92
C GLN F 10 17.36 31.43 44.19
N PRO F 11 16.70 31.86 45.28
CA PRO F 11 17.38 31.92 46.57
C PRO F 11 18.16 30.65 46.86
N GLN F 12 19.41 30.84 47.29
CA GLN F 12 20.34 29.73 47.47
C GLN F 12 19.81 28.70 48.45
N THR F 13 19.93 27.43 48.08
CA THR F 13 19.53 26.30 48.92
C THR F 13 20.60 25.22 48.78
N THR F 14 20.61 24.29 49.74
CA THR F 14 21.65 23.27 49.79
C THR F 14 21.03 21.90 50.03
N LYS F 15 21.79 20.85 49.74
CA LYS F 15 21.39 19.47 50.01
C LYS F 15 22.63 18.70 50.46
N THR F 16 22.39 17.51 51.02
CA THR F 16 23.45 16.62 51.45
C THR F 16 23.51 15.41 50.53
N CYS F 17 24.66 15.21 49.89
CA CYS F 17 24.81 14.12 48.94
C CYS F 17 24.80 12.78 49.67
N SER F 18 24.47 11.73 48.92
CA SER F 18 24.43 10.39 49.50
C SER F 18 25.84 9.94 49.88
N PRO F 19 25.96 9.12 50.93
CA PRO F 19 27.28 8.58 51.32
C PRO F 19 28.04 7.95 50.16
N GLY F 20 29.22 8.48 49.86
CA GLY F 20 30.07 8.02 48.78
C GLY F 20 30.19 9.01 47.65
N GLU F 21 29.19 9.87 47.45
CA GLU F 21 29.17 10.81 46.34
C GLU F 21 30.22 11.89 46.54
N SER F 22 31.28 11.85 45.74
CA SER F 22 32.37 12.81 45.82
C SER F 22 32.23 13.98 44.86
N SER F 23 31.18 14.03 44.03
CA SER F 23 31.11 15.04 43.00
C SER F 23 29.96 16.02 43.23
N CYS F 24 29.74 16.89 42.26
CA CYS F 24 28.81 18.01 42.34
C CYS F 24 28.76 18.64 40.96
N TYR F 25 27.56 18.97 40.47
CA TYR F 25 27.45 19.39 39.08
C TYR F 25 26.65 20.68 38.93
N ASN F 26 26.67 21.19 37.70
CA ASN F 26 26.02 22.45 37.33
C ASN F 26 25.67 22.35 35.86
N LYS F 27 24.38 22.21 35.55
CA LYS F 27 23.90 21.97 34.20
C LYS F 27 23.14 23.19 33.70
N GLN F 28 23.56 23.73 32.56
CA GLN F 28 22.93 24.93 31.98
C GLN F 28 22.52 24.68 30.53
N TRP F 29 21.35 25.18 30.16
CA TRP F 29 20.90 25.16 28.77
C TRP F 29 19.83 26.22 28.57
N SER F 30 19.57 26.54 27.30
CA SER F 30 18.60 27.56 26.92
C SER F 30 17.52 26.99 26.02
N ASP F 31 16.31 27.56 26.14
CA ASP F 31 15.19 27.19 25.28
C ASP F 31 14.54 28.47 24.76
N PHE F 32 13.37 28.36 24.12
CA PHE F 32 12.74 29.54 23.53
C PHE F 32 12.55 30.66 24.55
N ARG F 33 12.27 30.33 25.81
CA ARG F 33 12.02 31.41 26.77
C ARG F 33 13.29 31.97 27.40
N GLY F 34 14.23 31.13 27.80
CA GLY F 34 15.42 31.65 28.46
C GLY F 34 16.36 30.55 28.89
N THR F 35 17.22 30.91 29.86
CA THR F 35 18.29 30.04 30.34
C THR F 35 17.90 29.37 31.65
N ILE F 36 18.03 28.04 31.70
CA ILE F 36 17.78 27.24 32.89
C ILE F 36 19.10 26.70 33.43
N ILE F 37 19.27 26.73 34.75
CA ILE F 37 20.47 26.24 35.42
C ILE F 37 20.07 25.22 36.46
N GLU F 38 20.51 23.97 36.28
CA GLU F 38 20.25 22.88 37.21
C GLU F 38 21.50 22.54 38.01
N ARG F 39 21.34 22.34 39.32
CA ARG F 39 22.44 21.97 40.20
C ARG F 39 22.02 20.82 41.10
N GLY F 40 22.98 19.95 41.44
CA GLY F 40 22.69 18.81 42.27
C GLY F 40 23.93 18.00 42.57
N CYS F 41 23.72 16.81 43.13
CA CYS F 41 24.80 15.92 43.52
C CYS F 41 25.15 14.94 42.40
N GLY F 42 26.43 14.62 42.28
CA GLY F 42 26.90 13.70 41.26
C GLY F 42 27.45 14.42 40.04
N CYS F 43 27.94 13.61 39.09
CA CYS F 43 28.39 14.09 37.79
C CYS F 43 27.64 13.31 36.72
N PRO F 44 26.49 13.80 36.28
CA PRO F 44 25.64 13.03 35.37
C PRO F 44 26.04 13.20 33.91
N THR F 45 25.51 12.30 33.08
CA THR F 45 25.59 12.47 31.63
C THR F 45 24.47 13.39 31.14
N VAL F 46 24.66 13.92 29.94
CA VAL F 46 23.80 14.98 29.40
C VAL F 46 23.75 14.85 27.89
N LYS F 47 22.62 15.25 27.32
CA LYS F 47 22.42 15.22 25.89
C LYS F 47 23.34 16.25 25.21
N PRO F 48 23.64 16.07 23.93
CA PRO F 48 24.58 16.99 23.27
C PRO F 48 23.97 18.37 23.06
N GLY F 49 24.77 19.40 23.35
CA GLY F 49 24.36 20.78 23.24
C GLY F 49 24.18 21.48 24.57
N ILE F 50 24.43 20.79 25.68
CA ILE F 50 24.20 21.30 27.02
C ILE F 50 25.54 21.48 27.73
N LYS F 51 25.67 22.59 28.45
CA LYS F 51 26.88 22.83 29.24
C LYS F 51 26.82 22.04 30.53
N LEU F 52 27.97 21.50 30.93
CA LEU F 52 28.05 20.67 32.13
C LEU F 52 29.40 20.87 32.79
N SER F 53 29.37 21.07 34.11
CA SER F 53 30.58 21.18 34.91
C SER F 53 30.45 20.27 36.12
N CYS F 54 31.59 19.75 36.58
CA CYS F 54 31.64 18.84 37.72
C CYS F 54 32.77 19.30 38.63
N CYS F 55 32.53 19.20 39.94
CA CYS F 55 33.47 19.69 40.94
C CYS F 55 33.49 18.76 42.15
N GLU F 56 34.70 18.45 42.63
CA GLU F 56 34.88 17.53 43.74
C GLU F 56 35.14 18.22 45.07
N SER F 57 34.98 19.54 45.14
CA SER F 57 35.14 20.26 46.40
C SER F 57 33.79 20.40 47.11
N GLU F 58 33.63 21.44 47.91
CA GLU F 58 32.43 21.65 48.72
C GLU F 58 31.77 22.95 48.27
N VAL F 59 30.44 22.91 48.18
CA VAL F 59 29.59 24.00 47.68
C VAL F 59 30.31 24.77 46.57
N CYS F 60 30.61 24.08 45.48
CA CYS F 60 31.31 24.67 44.34
C CYS F 60 30.59 24.43 43.04
N ASN F 61 29.25 24.46 43.07
CA ASN F 61 28.47 24.27 41.86
C ASN F 61 27.59 25.49 41.56
N ASN F 62 27.80 26.59 42.27
CA ASN F 62 26.96 27.77 42.13
C ASN F 62 27.10 28.38 40.74
N ARG G 1 -57.99 -12.35 -14.40
CA ARG G 1 -57.66 -11.40 -15.46
C ARG G 1 -57.95 -9.96 -15.06
N ILE G 2 -58.90 -9.72 -14.16
CA ILE G 2 -59.13 -8.40 -13.58
C ILE G 2 -58.64 -8.44 -12.14
N CYS G 3 -57.75 -7.50 -11.82
CA CYS G 3 -57.11 -7.41 -10.51
C CYS G 3 -57.32 -6.00 -9.96
N PHE G 4 -57.01 -5.82 -8.69
CA PHE G 4 -56.91 -4.49 -8.11
C PHE G 4 -55.49 -4.00 -8.28
N ASN G 5 -55.32 -2.73 -8.65
CA ASN G 5 -53.97 -2.20 -8.79
C ASN G 5 -53.77 -0.91 -8.00
N HIS G 6 -54.48 -0.72 -6.90
CA HIS G 6 -54.21 0.48 -6.13
C HIS G 6 -53.19 0.15 -5.06
N GLN G 7 -52.67 1.19 -4.43
CA GLN G 7 -51.63 1.00 -3.42
C GLN G 7 -52.07 1.55 -2.06
N SER G 8 -51.67 0.83 -1.02
CA SER G 8 -51.96 1.16 0.38
C SER G 8 -53.45 1.43 0.59
N SER G 9 -53.79 2.63 1.04
CA SER G 9 -55.17 2.97 1.37
C SER G 9 -55.77 3.95 0.37
N GLN G 10 -55.36 3.85 -0.87
CA GLN G 10 -55.88 4.69 -1.93
C GLN G 10 -57.26 4.19 -2.37
N PRO G 11 -58.09 5.06 -2.92
CA PRO G 11 -59.38 4.61 -3.46
C PRO G 11 -59.20 3.49 -4.47
N GLN G 12 -60.18 2.60 -4.52
CA GLN G 12 -60.06 1.36 -5.26
C GLN G 12 -60.01 1.61 -6.77
N THR G 13 -59.17 0.85 -7.46
CA THR G 13 -58.99 0.93 -8.91
C THR G 13 -58.57 -0.45 -9.40
N THR G 14 -59.00 -0.79 -10.61
CA THR G 14 -58.75 -2.11 -11.17
C THR G 14 -58.03 -2.02 -12.50
N LYS G 15 -57.50 -3.15 -12.94
CA LYS G 15 -56.83 -3.28 -14.23
C LYS G 15 -57.20 -4.62 -14.84
N THR G 16 -56.99 -4.72 -16.15
CA THR G 16 -57.17 -5.97 -16.87
C THR G 16 -55.81 -6.59 -17.16
N CYS G 17 -55.59 -7.80 -16.66
CA CYS G 17 -54.29 -8.44 -16.84
C CYS G 17 -54.09 -8.83 -18.30
N SER G 18 -52.85 -9.18 -18.63
CA SER G 18 -52.54 -9.60 -19.99
C SER G 18 -53.23 -10.92 -20.30
N PRO G 19 -53.46 -11.22 -21.59
CA PRO G 19 -54.08 -12.49 -21.94
C PRO G 19 -53.19 -13.68 -21.55
N GLY G 20 -53.77 -14.61 -20.82
CA GLY G 20 -53.08 -15.76 -20.30
C GLY G 20 -52.69 -15.67 -18.83
N GLU G 21 -52.81 -14.50 -18.22
CA GLU G 21 -52.53 -14.34 -16.80
C GLU G 21 -53.80 -14.63 -16.01
N SER G 22 -53.67 -15.41 -14.94
CA SER G 22 -54.82 -15.84 -14.15
C SER G 22 -54.77 -15.40 -12.69
N SER G 23 -53.74 -14.70 -12.25
CA SER G 23 -53.53 -14.44 -10.83
C SER G 23 -53.65 -12.95 -10.50
N CYS G 24 -53.29 -12.62 -9.26
CA CYS G 24 -53.42 -11.32 -8.61
C CYS G 24 -52.61 -11.41 -7.32
N TYR G 25 -51.80 -10.41 -7.01
CA TYR G 25 -50.91 -10.50 -5.85
C TYR G 25 -51.18 -9.36 -4.87
N ASN G 26 -50.49 -9.41 -3.74
CA ASN G 26 -50.65 -8.40 -2.69
C ASN G 26 -49.37 -8.39 -1.85
N LYS G 27 -48.48 -7.43 -2.11
CA LYS G 27 -47.25 -7.30 -1.36
C LYS G 27 -47.40 -6.26 -0.25
N GLN G 28 -46.89 -6.59 0.93
CA GLN G 28 -46.91 -5.68 2.06
C GLN G 28 -45.55 -5.69 2.72
N TRP G 29 -45.05 -4.50 3.05
CA TRP G 29 -43.79 -4.36 3.77
C TRP G 29 -43.76 -2.97 4.40
N SER G 30 -42.80 -2.77 5.30
CA SER G 30 -42.65 -1.52 6.03
C SER G 30 -41.28 -0.93 5.79
N ASP G 31 -41.23 0.37 5.50
CA ASP G 31 -40.00 1.12 5.35
C ASP G 31 -39.84 2.03 6.56
N PHE G 32 -38.89 2.97 6.47
CA PHE G 32 -38.67 3.89 7.57
C PHE G 32 -39.87 4.79 7.84
N ARG G 33 -40.80 4.95 6.89
CA ARG G 33 -41.92 5.87 7.11
C ARG G 33 -43.25 5.17 7.42
N GLY G 34 -43.42 3.90 7.05
CA GLY G 34 -44.71 3.28 7.27
C GLY G 34 -44.84 2.00 6.46
N THR G 35 -46.09 1.63 6.19
CA THR G 35 -46.44 0.38 5.53
C THR G 35 -46.96 0.65 4.13
N ILE G 36 -46.47 -0.12 3.16
CA ILE G 36 -46.85 0.00 1.75
C ILE G 36 -47.47 -1.31 1.29
N ILE G 37 -48.62 -1.22 0.62
CA ILE G 37 -49.25 -2.37 -0.02
C ILE G 37 -49.22 -2.17 -1.54
N GLU G 38 -48.72 -3.16 -2.25
CA GLU G 38 -48.65 -3.16 -3.71
C GLU G 38 -49.53 -4.28 -4.28
N ARG G 39 -50.63 -3.91 -4.95
CA ARG G 39 -51.52 -4.85 -5.61
C ARG G 39 -51.37 -4.78 -7.12
N GLY G 40 -51.36 -5.93 -7.79
CA GLY G 40 -51.25 -5.97 -9.23
C GLY G 40 -51.66 -7.30 -9.87
N CYS G 41 -51.02 -7.63 -10.99
CA CYS G 41 -51.32 -8.83 -11.77
C CYS G 41 -50.17 -9.82 -11.71
N GLY G 42 -50.50 -11.09 -11.59
CA GLY G 42 -49.51 -12.14 -11.59
C GLY G 42 -49.23 -12.71 -10.22
N CYS G 43 -48.06 -13.34 -10.11
CA CYS G 43 -47.54 -13.80 -8.83
C CYS G 43 -46.02 -13.75 -8.94
N PRO G 44 -45.40 -12.74 -8.35
CA PRO G 44 -43.96 -12.53 -8.52
C PRO G 44 -43.14 -13.17 -7.39
N THR G 45 -41.82 -13.11 -7.56
CA THR G 45 -40.90 -13.56 -6.53
C THR G 45 -40.50 -12.37 -5.66
N VAL G 46 -40.56 -12.55 -4.35
CA VAL G 46 -40.34 -11.48 -3.38
C VAL G 46 -39.16 -11.83 -2.50
N LYS G 47 -38.50 -10.79 -1.99
CA LYS G 47 -37.37 -10.98 -1.09
C LYS G 47 -37.86 -11.52 0.24
N PRO G 48 -36.97 -12.13 1.05
CA PRO G 48 -37.42 -12.82 2.26
C PRO G 48 -37.79 -11.90 3.43
N GLY G 49 -38.45 -10.78 3.16
CA GLY G 49 -39.01 -9.98 4.23
C GLY G 49 -40.41 -9.48 3.95
N ILE G 50 -40.98 -9.90 2.83
CA ILE G 50 -42.23 -9.35 2.31
C ILE G 50 -43.33 -10.38 2.50
N LYS G 51 -44.53 -9.89 2.87
CA LYS G 51 -45.72 -10.72 3.03
C LYS G 51 -46.44 -10.79 1.68
N LEU G 52 -46.12 -11.81 0.90
CA LEU G 52 -46.70 -12.01 -0.42
C LEU G 52 -47.89 -12.96 -0.37
N SER G 53 -48.98 -12.57 -1.01
CA SER G 53 -50.13 -13.44 -1.20
C SER G 53 -50.53 -13.45 -2.66
N CYS G 54 -51.07 -14.59 -3.10
CA CYS G 54 -51.50 -14.77 -4.49
C CYS G 54 -52.85 -15.46 -4.50
N CYS G 55 -53.71 -15.05 -5.43
CA CYS G 55 -55.07 -15.58 -5.54
C CYS G 55 -55.44 -15.72 -7.01
N GLU G 56 -56.08 -16.83 -7.35
CA GLU G 56 -56.42 -17.16 -8.73
C GLU G 56 -57.86 -16.84 -9.10
N SER G 57 -58.58 -16.13 -8.24
CA SER G 57 -59.94 -15.68 -8.53
C SER G 57 -59.91 -14.37 -9.30
N GLU G 58 -60.92 -13.54 -9.10
CA GLU G 58 -61.03 -12.23 -9.73
C GLU G 58 -61.23 -11.20 -8.63
N VAL G 59 -60.63 -10.02 -8.81
CA VAL G 59 -60.60 -8.93 -7.84
C VAL G 59 -60.53 -9.50 -6.42
N CYS G 60 -59.46 -10.26 -6.16
CA CYS G 60 -59.26 -10.96 -4.89
C CYS G 60 -57.85 -10.73 -4.36
N ASN G 61 -57.32 -9.52 -4.55
CA ASN G 61 -56.01 -9.17 -4.04
C ASN G 61 -56.05 -8.00 -3.09
N ASN G 62 -57.23 -7.49 -2.77
CA ASN G 62 -57.38 -6.39 -1.82
C ASN G 62 -56.74 -6.72 -0.48
#